data_7DYS
#
_entry.id   7DYS
#
_cell.length_a   1.00
_cell.length_b   1.00
_cell.length_c   1.00
_cell.angle_alpha   90.00
_cell.angle_beta   90.00
_cell.angle_gamma   90.00
#
_symmetry.space_group_name_H-M   'P 1'
#
_entity_poly.entity_id   1
_entity_poly.type   'polypeptide(L)'
_entity_poly.pdbx_seq_one_letter_code
;MPGDEETLDLPAWNRVPDLTWGPHHRSAMASLDSEVREECLREDLKFYFMSPCEKYRARRQIPWKLGLQILKIVMVTTQL
VRFGLSNQLVVAFKEDNTVAFKHLFLKGFSGVDEDDYSCSIYTQENTYESIFFAIKQYRHLKNISLATLGYGESEDNRTG
LKVCKQHYKTGAMFSSNETLNIDSDIETDCIHLDLQVLTTEPEDWAQTSFFRLDFYRLVQVDISFALKGIDLQAVHSREI
PDCYLFQNTITFDNTAHSGKIKIYLNSEANIEECKNMNISGSTQRSTHYLLVFDVFVIMICLASLILCTRSIVLALRLRK
RFLNFFLEKYKQRVCGADQWEFVNGWYVLVTISDLMTIIGSILKMEIKAKKLTNYDVCSILLGTSTLFVWVGVIRYLGYF
QTYNVLILTMQASLPKVLRFCACAGMIYLGYTFCGWIVLGPYHEKFENLNIVAECLFSLVNGDDMFATFAQIQQKSILVW
LFSRLYLYSFISLFIYMVLSLFIALITDSYHTIKKYQQ
;
_entity_poly.pdbx_strand_id   A,B,C,D
#
# COMPACT_ATOMS: atom_id res chain seq x y z
N LYS A 65 44.24 -15.25 18.89
CA LYS A 65 42.90 -14.74 19.14
C LYS A 65 42.01 -14.90 17.92
N LEU A 66 42.25 -15.97 17.15
CA LEU A 66 41.40 -16.29 16.02
C LEU A 66 40.24 -17.18 16.45
N GLY A 67 40.55 -18.36 16.99
CA GLY A 67 39.54 -19.28 17.46
C GLY A 67 38.73 -18.79 18.63
N LEU A 68 39.37 -18.08 19.56
CA LEU A 68 38.68 -17.51 20.72
C LEU A 68 37.69 -16.42 20.32
N GLN A 69 37.90 -15.76 19.19
CA GLN A 69 37.01 -14.72 18.74
C GLN A 69 35.93 -15.25 17.79
N ILE A 70 36.27 -16.21 16.93
CA ILE A 70 35.26 -16.87 16.12
C ILE A 70 34.31 -17.70 16.99
N LEU A 71 34.82 -18.25 18.09
CA LEU A 71 33.96 -18.93 19.04
C LEU A 71 33.00 -17.96 19.72
N LYS A 72 33.45 -16.72 19.95
CA LYS A 72 32.53 -15.68 20.40
C LYS A 72 31.43 -15.43 19.40
N ILE A 73 31.79 -15.32 18.10
CA ILE A 73 30.80 -15.08 17.04
C ILE A 73 29.73 -16.17 17.06
N VAL A 74 30.19 -17.43 17.04
CA VAL A 74 29.28 -18.55 16.90
C VAL A 74 28.46 -18.76 18.17
N MET A 75 29.08 -18.68 19.34
CA MET A 75 28.35 -18.94 20.59
C MET A 75 27.34 -17.84 20.88
N VAL A 76 27.70 -16.57 20.63
CA VAL A 76 26.75 -15.51 20.90
C VAL A 76 25.63 -15.50 19.86
N THR A 77 25.91 -15.93 18.62
CA THR A 77 24.86 -16.06 17.63
C THR A 77 23.88 -17.19 18.00
N THR A 78 24.40 -18.32 18.48
CA THR A 78 23.52 -19.41 18.90
C THR A 78 22.71 -19.04 20.13
N GLN A 79 23.33 -18.32 21.08
CA GLN A 79 22.61 -17.83 22.24
C GLN A 79 21.46 -16.92 21.85
N LEU A 80 21.71 -15.99 20.92
CA LEU A 80 20.66 -15.07 20.51
C LEU A 80 19.57 -15.78 19.73
N VAL A 81 19.91 -16.78 18.90
CA VAL A 81 18.87 -17.47 18.16
C VAL A 81 17.98 -18.29 19.09
N ARG A 82 18.57 -19.00 20.05
CA ARG A 82 17.77 -19.77 21.00
C ARG A 82 16.92 -18.88 21.89
N PHE A 83 17.49 -17.77 22.37
CA PHE A 83 16.77 -16.88 23.27
C PHE A 83 15.63 -16.15 22.54
N GLY A 84 15.91 -15.69 21.32
CA GLY A 84 14.87 -15.04 20.54
C GLY A 84 13.76 -15.97 20.12
N LEU A 85 14.09 -17.25 19.87
CA LEU A 85 13.03 -18.19 19.53
C LEU A 85 12.19 -18.55 20.75
N SER A 86 12.82 -18.62 21.93
CA SER A 86 12.06 -18.84 23.18
C SER A 86 11.08 -17.70 23.44
N ASN A 87 11.56 -16.46 23.38
CA ASN A 87 10.64 -15.35 23.57
C ASN A 87 9.63 -15.21 22.44
N GLN A 88 9.97 -15.65 21.22
CA GLN A 88 9.00 -15.70 20.14
C GLN A 88 7.83 -16.61 20.48
N LEU A 89 8.13 -17.80 21.01
CA LEU A 89 7.08 -18.74 21.39
C LEU A 89 6.22 -18.19 22.52
N VAL A 90 6.86 -17.60 23.53
CA VAL A 90 6.11 -17.12 24.69
C VAL A 90 5.22 -15.94 24.33
N VAL A 91 5.75 -14.98 23.57
CA VAL A 91 4.92 -13.84 23.21
C VAL A 91 3.89 -14.23 22.16
N ALA A 92 4.13 -15.30 21.40
CA ALA A 92 3.09 -15.81 20.50
C ALA A 92 1.91 -16.34 21.30
N PHE A 93 2.19 -17.03 22.41
CA PHE A 93 1.11 -17.47 23.28
C PHE A 93 0.38 -16.28 23.91
N LYS A 94 1.13 -15.25 24.31
CA LYS A 94 0.53 -14.05 24.90
C LYS A 94 -0.42 -13.35 23.93
N GLU A 95 0.05 -13.03 22.73
CA GLU A 95 -0.84 -12.34 21.80
C GLU A 95 -1.92 -13.24 21.23
N ASP A 96 -1.71 -14.56 21.20
CA ASP A 96 -2.79 -15.45 20.79
C ASP A 96 -3.92 -15.42 21.80
N ASN A 97 -3.59 -15.42 23.09
CA ASN A 97 -4.65 -15.28 24.08
C ASN A 97 -5.26 -13.91 24.13
N THR A 98 -4.53 -12.84 23.84
CA THR A 98 -5.24 -11.56 23.90
C THR A 98 -6.08 -11.30 22.65
N VAL A 99 -5.73 -11.88 21.50
CA VAL A 99 -6.63 -11.79 20.36
C VAL A 99 -7.85 -12.68 20.60
N ALA A 100 -7.64 -13.85 21.18
CA ALA A 100 -8.75 -14.70 21.53
C ALA A 100 -9.52 -14.22 22.76
N PHE A 101 -9.07 -13.15 23.41
CA PHE A 101 -9.95 -12.47 24.35
C PHE A 101 -10.73 -11.36 23.67
N LYS A 102 -10.09 -10.66 22.75
CA LYS A 102 -10.80 -9.61 22.02
C LYS A 102 -11.91 -10.19 21.16
N HIS A 103 -11.76 -11.41 20.66
CA HIS A 103 -12.84 -12.02 19.91
C HIS A 103 -13.96 -12.55 20.79
N LEU A 104 -13.72 -12.76 22.08
CA LEU A 104 -14.79 -13.27 22.92
C LEU A 104 -15.53 -12.17 23.64
N PHE A 105 -14.82 -11.17 24.15
CA PHE A 105 -15.42 -10.26 25.09
C PHE A 105 -15.75 -8.91 24.49
N LEU A 106 -15.44 -8.68 23.23
CA LEU A 106 -15.75 -7.43 22.57
C LEU A 106 -16.79 -7.70 21.50
N LYS A 107 -17.91 -7.00 21.57
CA LYS A 107 -19.01 -7.29 20.66
C LYS A 107 -18.69 -6.77 19.27
N GLY A 108 -18.88 -7.63 18.28
CA GLY A 108 -18.64 -7.25 16.92
C GLY A 108 -17.20 -7.05 16.56
N PHE A 109 -16.28 -7.65 17.31
CA PHE A 109 -14.87 -7.55 16.97
C PHE A 109 -14.62 -8.38 15.72
N SER A 110 -14.38 -7.68 14.61
CA SER A 110 -14.46 -8.28 13.28
C SER A 110 -13.29 -9.21 12.96
N GLY A 111 -12.22 -9.15 13.73
CA GLY A 111 -11.00 -9.81 13.34
C GLY A 111 -10.01 -8.90 12.67
N VAL A 112 -10.46 -7.78 12.09
CA VAL A 112 -9.56 -6.72 11.67
C VAL A 112 -9.01 -6.09 12.95
N ASP A 113 -7.74 -6.34 13.23
CA ASP A 113 -7.09 -5.81 14.43
C ASP A 113 -6.91 -4.32 14.22
N GLU A 114 -7.88 -3.55 14.73
CA GLU A 114 -8.13 -2.21 14.25
C GLU A 114 -7.04 -1.24 14.73
N ASP A 115 -6.92 -1.08 16.04
CA ASP A 115 -5.97 -0.13 16.60
C ASP A 115 -5.65 -0.60 18.01
N ASP A 116 -5.03 0.28 18.80
CA ASP A 116 -4.89 0.01 20.24
C ASP A 116 -6.26 -0.01 20.91
N TYR A 117 -7.20 0.78 20.43
CA TYR A 117 -8.61 0.49 20.70
C TYR A 117 -9.05 -0.55 19.68
N SER A 118 -9.80 -1.54 20.15
CA SER A 118 -10.13 -2.64 19.25
C SER A 118 -11.33 -2.32 18.40
N CYS A 119 -12.23 -1.50 18.93
CA CYS A 119 -13.38 -0.98 18.19
C CYS A 119 -13.86 0.27 18.93
N SER A 120 -14.82 0.96 18.34
CA SER A 120 -15.34 2.17 18.93
C SER A 120 -16.84 2.25 18.71
N ILE A 121 -17.55 2.73 19.72
CA ILE A 121 -19.00 2.82 19.70
C ILE A 121 -19.40 4.26 19.46
N TYR A 122 -20.38 4.47 18.58
CA TYR A 122 -20.87 5.81 18.30
C TYR A 122 -22.32 6.02 18.70
N THR A 123 -22.98 5.06 19.32
CA THR A 123 -24.36 5.25 19.74
C THR A 123 -24.50 4.92 21.20
N GLN A 124 -25.69 5.10 21.74
CA GLN A 124 -25.92 4.80 23.15
C GLN A 124 -26.69 3.51 23.33
N GLU A 125 -26.70 2.64 22.35
CA GLU A 125 -27.27 1.31 22.52
C GLU A 125 -26.24 0.22 22.33
N ASN A 126 -25.27 0.42 21.45
CA ASN A 126 -24.17 -0.52 21.37
C ASN A 126 -23.30 -0.49 22.60
N THR A 127 -23.33 0.59 23.38
CA THR A 127 -22.69 0.59 24.70
C THR A 127 -23.30 -0.46 25.60
N TYR A 128 -24.62 -0.43 25.74
CA TYR A 128 -25.30 -1.42 26.56
C TYR A 128 -25.14 -2.82 26.03
N GLU A 129 -25.19 -2.97 24.70
CA GLU A 129 -24.98 -4.29 24.13
C GLU A 129 -23.56 -4.79 24.34
N SER A 130 -22.56 -3.92 24.33
CA SER A 130 -21.20 -4.37 24.55
C SER A 130 -20.95 -4.70 26.01
N ILE A 131 -21.52 -3.93 26.93
CA ILE A 131 -21.34 -4.22 28.36
C ILE A 131 -22.02 -5.52 28.72
N PHE A 132 -23.29 -5.67 28.33
CA PHE A 132 -24.02 -6.89 28.61
C PHE A 132 -23.45 -8.07 27.86
N PHE A 133 -22.86 -7.83 26.70
CA PHE A 133 -22.19 -8.87 25.97
C PHE A 133 -20.95 -9.35 26.70
N ALA A 134 -20.16 -8.42 27.25
CA ALA A 134 -18.95 -8.82 27.96
C ALA A 134 -19.29 -9.61 29.21
N ILE A 135 -20.36 -9.21 29.91
CA ILE A 135 -20.76 -9.95 31.11
C ILE A 135 -21.30 -11.33 30.75
N LYS A 136 -22.08 -11.43 29.68
CA LYS A 136 -22.65 -12.73 29.34
C LYS A 136 -21.61 -13.68 28.78
N GLN A 137 -20.63 -13.16 28.03
CA GLN A 137 -19.54 -14.01 27.57
C GLN A 137 -18.66 -14.44 28.72
N TYR A 138 -18.49 -13.60 29.74
CA TYR A 138 -17.77 -14.04 30.93
C TYR A 138 -18.54 -15.11 31.68
N ARG A 139 -19.87 -15.03 31.67
CA ARG A 139 -20.63 -16.06 32.36
C ARG A 139 -20.56 -17.39 31.62
N HIS A 140 -20.62 -17.36 30.29
CA HIS A 140 -20.60 -18.59 29.52
C HIS A 140 -19.21 -18.92 28.97
N LEU A 141 -18.16 -18.35 29.59
CA LEU A 141 -16.76 -18.61 29.24
C LEU A 141 -16.43 -20.09 29.05
N LYS A 142 -16.98 -20.96 29.89
CA LYS A 142 -16.66 -22.38 29.80
C LYS A 142 -17.23 -23.00 28.52
N ASN A 143 -18.40 -22.54 28.06
CA ASN A 143 -18.91 -23.03 26.79
C ASN A 143 -18.30 -22.29 25.61
N ILE A 144 -18.08 -21.00 25.76
CA ILE A 144 -17.75 -20.17 24.60
C ILE A 144 -16.31 -20.38 24.18
N SER A 145 -15.36 -20.28 25.10
CA SER A 145 -13.96 -20.34 24.73
C SER A 145 -13.55 -21.76 24.39
N LEU A 146 -12.34 -21.87 23.85
CA LEU A 146 -11.79 -23.14 23.43
C LEU A 146 -10.31 -23.27 23.76
N ALA A 147 -9.78 -22.37 24.58
CA ALA A 147 -8.55 -22.61 25.30
C ALA A 147 -8.88 -23.40 26.57
N THR A 148 -7.93 -23.50 27.48
CA THR A 148 -8.14 -24.27 28.71
C THR A 148 -8.50 -23.34 29.87
N LEU A 149 -9.28 -22.32 29.58
CA LEU A 149 -9.44 -21.21 30.50
C LEU A 149 -10.38 -21.55 31.64
N GLY A 150 -10.19 -20.84 32.75
CA GLY A 150 -10.99 -21.06 33.93
C GLY A 150 -10.94 -19.83 34.79
N TYR A 151 -11.91 -19.72 35.68
CA TYR A 151 -12.08 -18.52 36.47
C TYR A 151 -11.00 -18.42 37.55
N GLY A 152 -10.48 -17.21 37.75
CA GLY A 152 -9.44 -17.02 38.74
C GLY A 152 -9.82 -16.02 39.82
N GLU A 153 -8.83 -15.31 40.35
CA GLU A 153 -9.05 -14.27 41.35
C GLU A 153 -8.19 -13.04 41.09
N ASP A 156 -8.86 -8.97 44.61
CA ASP A 156 -10.10 -9.01 45.37
C ASP A 156 -10.26 -10.31 46.14
N ASN A 157 -9.39 -11.28 45.80
CA ASN A 157 -9.36 -12.63 46.34
C ASN A 157 -10.68 -13.39 46.16
N ARG A 158 -11.45 -13.02 45.14
CA ARG A 158 -12.74 -13.63 44.84
C ARG A 158 -12.81 -13.88 43.35
N THR A 159 -13.82 -14.62 42.94
CA THR A 159 -14.05 -14.83 41.51
C THR A 159 -15.02 -13.76 41.01
N GLY A 160 -15.44 -13.89 39.77
CA GLY A 160 -16.46 -13.02 39.22
C GLY A 160 -15.94 -11.66 38.85
N LEU A 161 -16.85 -10.84 38.32
CA LEU A 161 -16.48 -9.57 37.74
C LEU A 161 -16.29 -8.50 38.79
N LYS A 162 -15.92 -7.32 38.32
CA LYS A 162 -15.84 -6.14 39.15
C LYS A 162 -15.99 -4.95 38.22
N VAL A 163 -17.18 -4.37 38.17
CA VAL A 163 -17.49 -3.31 37.23
C VAL A 163 -17.37 -1.99 37.97
N CYS A 164 -16.40 -1.18 37.60
CA CYS A 164 -16.23 0.15 38.15
C CYS A 164 -16.62 1.14 37.06
N LYS A 165 -17.50 2.08 37.38
CA LYS A 165 -17.81 3.12 36.43
C LYS A 165 -17.55 4.48 37.06
N GLN A 166 -17.16 5.43 36.23
CA GLN A 166 -16.75 6.75 36.67
C GLN A 166 -17.62 7.79 36.00
N HIS A 167 -17.99 8.81 36.77
CA HIS A 167 -18.91 9.82 36.27
C HIS A 167 -18.72 11.10 37.06
N TYR A 168 -19.11 12.21 36.45
CA TYR A 168 -19.02 13.49 37.11
C TYR A 168 -20.08 13.61 38.18
N LYS A 169 -19.80 14.44 39.18
CA LYS A 169 -20.71 14.67 40.28
C LYS A 169 -21.82 15.58 39.77
N THR A 170 -22.88 14.95 39.25
CA THR A 170 -24.07 15.60 38.68
C THR A 170 -23.73 16.61 37.57
N ASP A 183 -20.00 18.44 37.17
CA ASP A 183 -19.43 19.60 37.84
C ASP A 183 -17.91 19.51 37.85
N SER A 184 -17.32 19.10 38.96
CA SER A 184 -15.88 19.05 39.09
C SER A 184 -15.35 17.66 39.39
N ASP A 185 -15.95 16.95 40.35
CA ASP A 185 -15.36 15.73 40.88
C ASP A 185 -15.77 14.53 40.04
N ILE A 186 -14.79 13.68 39.75
CA ILE A 186 -15.07 12.41 39.08
C ILE A 186 -15.09 11.33 40.14
N GLU A 187 -16.26 11.08 40.73
CA GLU A 187 -16.34 9.97 41.65
C GLU A 187 -16.55 8.68 40.88
N THR A 188 -16.40 7.57 41.55
CA THR A 188 -16.59 6.29 40.91
C THR A 188 -17.53 5.44 41.74
N ASP A 189 -18.24 4.55 41.07
CA ASP A 189 -19.15 3.61 41.70
C ASP A 189 -18.77 2.23 41.18
N CYS A 190 -18.20 1.40 42.04
CA CYS A 190 -17.67 0.12 41.59
C CYS A 190 -18.42 -1.01 42.28
N ILE A 191 -19.18 -1.78 41.51
CA ILE A 191 -19.99 -2.87 42.03
C ILE A 191 -19.43 -4.20 41.54
N HIS A 192 -19.18 -5.09 42.48
CA HIS A 192 -18.61 -6.41 42.23
C HIS A 192 -19.73 -7.38 41.93
N LEU A 193 -19.46 -8.33 41.03
CA LEU A 193 -20.45 -9.32 40.62
C LEU A 193 -19.85 -10.70 40.80
N ASP A 194 -20.33 -11.46 41.77
CA ASP A 194 -19.87 -12.83 41.91
C ASP A 194 -20.51 -13.72 40.86
N LEU A 195 -19.87 -14.86 40.62
CA LEU A 195 -20.35 -15.75 39.56
C LEU A 195 -21.62 -16.47 39.97
N GLN A 196 -21.91 -16.55 41.27
CA GLN A 196 -23.20 -17.10 41.69
C GLN A 196 -24.32 -16.11 41.46
N VAL A 197 -24.00 -14.81 41.42
CA VAL A 197 -25.01 -13.82 41.08
C VAL A 197 -25.32 -13.89 39.60
N LEU A 198 -24.30 -14.14 38.78
CA LEU A 198 -24.53 -14.27 37.34
C LEU A 198 -25.24 -15.58 36.99
N THR A 199 -24.78 -16.69 37.56
CA THR A 199 -25.30 -17.99 37.16
C THR A 199 -26.56 -18.38 37.93
N THR A 200 -27.11 -17.49 38.73
CA THR A 200 -28.49 -17.68 39.20
C THR A 200 -29.45 -17.65 38.03
N GLU A 201 -29.20 -16.75 37.07
CA GLU A 201 -29.83 -16.54 35.77
C GLU A 201 -31.32 -16.21 35.76
N PRO A 202 -31.81 -15.31 36.62
CA PRO A 202 -32.70 -14.26 36.09
C PRO A 202 -31.83 -13.03 35.82
N GLU A 203 -32.25 -12.20 34.86
CA GLU A 203 -31.56 -10.95 34.67
C GLU A 203 -31.90 -9.99 35.80
N ASP A 204 -31.19 -10.13 36.90
CA ASP A 204 -31.45 -9.33 38.09
C ASP A 204 -30.38 -8.28 38.24
N TRP A 205 -29.14 -8.65 37.93
CA TRP A 205 -28.07 -7.67 37.82
C TRP A 205 -28.29 -6.75 36.64
N ALA A 206 -28.91 -7.25 35.57
CA ALA A 206 -29.14 -6.44 34.39
C ALA A 206 -30.25 -5.42 34.57
N GLN A 207 -31.03 -5.52 35.64
CA GLN A 207 -32.12 -4.60 35.91
C GLN A 207 -31.85 -3.68 37.08
N THR A 208 -30.65 -3.71 37.65
CA THR A 208 -30.33 -2.78 38.72
C THR A 208 -30.11 -1.38 38.16
N SER A 209 -30.12 -0.41 39.06
CA SER A 209 -29.92 0.98 38.67
C SER A 209 -28.47 1.30 38.34
N PHE A 210 -27.54 0.41 38.68
CA PHE A 210 -26.14 0.64 38.39
C PHE A 210 -25.86 0.58 36.90
N PHE A 211 -26.67 -0.16 36.14
CA PHE A 211 -26.55 -0.16 34.70
C PHE A 211 -27.50 0.82 34.05
N ARG A 212 -27.89 1.86 34.76
CA ARG A 212 -28.46 3.05 34.13
C ARG A 212 -27.34 4.05 33.97
N LEU A 213 -27.11 4.50 32.75
CA LEU A 213 -25.96 5.33 32.45
C LEU A 213 -26.43 6.70 32.01
N ASP A 214 -25.80 7.73 32.53
CA ASP A 214 -26.06 9.09 32.10
C ASP A 214 -24.94 9.45 31.14
N PHE A 215 -25.25 9.46 29.85
CA PHE A 215 -24.22 9.75 28.87
C PHE A 215 -23.90 11.23 28.76
N TYR A 216 -24.66 12.08 29.46
CA TYR A 216 -24.22 13.46 29.63
C TYR A 216 -22.97 13.52 30.49
N ARG A 217 -22.83 12.63 31.46
CA ARG A 217 -21.79 12.79 32.46
C ARG A 217 -21.05 11.50 32.76
N LEU A 218 -21.07 10.53 31.86
CA LEU A 218 -20.30 9.31 32.07
C LEU A 218 -18.85 9.55 31.66
N VAL A 219 -17.92 9.10 32.50
CA VAL A 219 -16.51 9.23 32.16
C VAL A 219 -16.00 7.93 31.58
N GLN A 220 -16.01 6.85 32.34
CA GLN A 220 -15.66 5.57 31.76
C GLN A 220 -16.35 4.46 32.53
N VAL A 221 -16.41 3.29 31.89
CA VAL A 221 -16.90 2.08 32.51
C VAL A 221 -15.84 1.02 32.31
N ASP A 222 -15.42 0.37 33.39
CA ASP A 222 -14.35 -0.59 33.34
C ASP A 222 -14.87 -1.94 33.82
N ILE A 223 -14.62 -2.98 33.04
CA ILE A 223 -14.96 -4.35 33.42
C ILE A 223 -13.66 -5.10 33.59
N SER A 224 -13.49 -5.75 34.73
CA SER A 224 -12.25 -6.42 35.06
C SER A 224 -12.55 -7.77 35.67
N PHE A 225 -11.67 -8.73 35.39
CA PHE A 225 -11.83 -10.11 35.83
C PHE A 225 -10.51 -10.82 35.65
N ALA A 226 -10.45 -12.05 36.14
CA ALA A 226 -9.19 -12.77 36.20
C ALA A 226 -9.36 -14.19 35.69
N LEU A 227 -8.56 -14.55 34.69
CA LEU A 227 -8.68 -15.84 34.03
C LEU A 227 -7.35 -16.56 34.14
N LYS A 228 -7.37 -17.85 34.46
CA LYS A 228 -6.16 -18.64 34.40
C LYS A 228 -6.20 -19.55 33.19
N GLY A 229 -5.04 -19.81 32.61
CA GLY A 229 -4.97 -20.65 31.44
C GLY A 229 -3.71 -21.48 31.37
N ILE A 230 -3.87 -22.78 31.29
CA ILE A 230 -2.72 -23.67 31.20
C ILE A 230 -2.21 -23.63 29.77
N ASP A 231 -0.90 -23.53 29.60
CA ASP A 231 -0.32 -23.78 28.30
C ASP A 231 -0.21 -25.28 28.10
N LEU A 232 -0.48 -25.73 26.89
CA LEU A 232 -0.29 -27.11 26.53
C LEU A 232 0.61 -27.28 25.33
N GLN A 233 1.05 -26.19 24.71
CA GLN A 233 2.11 -26.29 23.71
C GLN A 233 3.42 -26.67 24.37
N ALA A 234 3.61 -26.30 25.64
CA ALA A 234 4.74 -26.79 26.41
C ALA A 234 4.64 -28.29 26.64
N VAL A 235 3.43 -28.79 26.88
CA VAL A 235 3.25 -30.23 27.01
C VAL A 235 3.40 -30.89 25.65
N HIS A 236 3.08 -30.18 24.58
CA HIS A 236 3.29 -30.69 23.23
C HIS A 236 4.79 -30.80 22.95
N SER A 237 5.28 -32.04 22.91
CA SER A 237 6.62 -32.42 22.50
C SER A 237 7.71 -31.85 23.42
N ARG A 238 7.38 -31.53 24.66
CA ARG A 238 8.38 -31.08 25.62
C ARG A 238 7.91 -31.49 27.01
N GLU A 239 8.49 -30.88 28.03
CA GLU A 239 8.16 -31.25 29.40
C GLU A 239 6.91 -30.51 29.88
N ILE A 240 6.36 -31.02 30.98
CA ILE A 240 4.99 -30.72 31.41
C ILE A 240 4.77 -29.30 31.93
N PRO A 241 5.41 -28.83 33.01
CA PRO A 241 4.76 -27.81 33.86
C PRO A 241 4.74 -26.42 33.24
N ASP A 242 3.56 -25.81 33.23
CA ASP A 242 3.35 -24.40 32.94
C ASP A 242 1.93 -24.02 33.36
N CYS A 243 1.77 -22.81 33.88
CA CYS A 243 0.47 -22.23 34.17
C CYS A 243 0.54 -20.74 33.90
N TYR A 244 -0.61 -20.08 33.94
CA TYR A 244 -0.68 -18.64 33.74
C TYR A 244 -1.78 -18.06 34.59
N LEU A 245 -1.90 -16.74 34.53
CA LEU A 245 -3.02 -16.03 35.12
C LEU A 245 -3.16 -14.70 34.42
N PHE A 246 -4.32 -14.47 33.81
CA PHE A 246 -4.60 -13.28 33.04
C PHE A 246 -5.44 -12.34 33.87
N GLN A 247 -5.18 -11.05 33.77
CA GLN A 247 -5.99 -10.07 34.46
C GLN A 247 -6.46 -9.06 33.41
N ASN A 248 -7.66 -9.29 32.90
CA ASN A 248 -8.20 -8.49 31.82
C ASN A 248 -8.89 -7.26 32.38
N THR A 249 -8.91 -6.20 31.58
CA THR A 249 -9.62 -4.98 31.96
C THR A 249 -10.23 -4.40 30.70
N ILE A 250 -11.52 -4.64 30.54
CA ILE A 250 -12.27 -4.07 29.43
C ILE A 250 -12.73 -2.68 29.85
N THR A 251 -12.36 -1.66 29.09
CA THR A 251 -12.67 -0.29 29.45
C THR A 251 -13.53 0.33 28.37
N PHE A 252 -14.30 1.33 28.75
CA PHE A 252 -15.15 2.07 27.83
C PHE A 252 -14.78 3.54 27.96
N ASP A 253 -13.79 3.94 27.19
CA ASP A 253 -13.10 5.20 27.38
C ASP A 253 -13.94 6.32 26.75
N ASN A 254 -14.67 7.06 27.57
CA ASN A 254 -15.38 8.25 27.11
C ASN A 254 -14.82 9.46 27.84
N THR A 255 -13.66 9.93 27.41
CA THR A 255 -13.05 11.09 28.05
C THR A 255 -13.12 12.32 27.16
N ALA A 256 -12.76 12.17 25.89
CA ALA A 256 -13.14 13.19 24.93
C ALA A 256 -14.64 13.05 24.75
N HIS A 257 -15.42 13.81 25.52
CA HIS A 257 -16.87 13.66 25.56
C HIS A 257 -17.41 14.20 24.24
N SER A 258 -17.31 13.35 23.22
CA SER A 258 -17.45 13.78 21.84
C SER A 258 -18.21 12.74 21.05
N GLY A 259 -19.09 12.02 21.72
CA GLY A 259 -19.94 11.05 21.04
C GLY A 259 -19.19 9.83 20.55
N LYS A 260 -18.14 9.42 21.24
CA LYS A 260 -17.39 8.25 20.81
C LYS A 260 -16.76 7.58 22.01
N ILE A 261 -17.23 6.38 22.32
CA ILE A 261 -16.60 5.53 23.32
C ILE A 261 -15.64 4.59 22.61
N LYS A 262 -14.40 4.57 23.06
CA LYS A 262 -13.44 3.58 22.59
C LYS A 262 -13.48 2.41 23.55
N ILE A 263 -13.11 1.23 23.06
CA ILE A 263 -13.07 0.04 23.90
C ILE A 263 -11.66 -0.52 23.87
N TYR A 264 -11.13 -0.84 25.04
CA TYR A 264 -9.82 -1.46 25.16
C TYR A 264 -10.00 -2.85 25.76
N LEU A 265 -9.00 -3.70 25.58
CA LEU A 265 -8.86 -4.88 26.41
C LEU A 265 -7.40 -4.93 26.83
N ASN A 266 -7.13 -4.49 28.04
CA ASN A 266 -5.79 -4.50 28.59
C ASN A 266 -5.62 -5.81 29.35
N SER A 267 -4.78 -6.69 28.84
CA SER A 267 -4.55 -8.00 29.43
C SER A 267 -3.16 -8.06 30.02
N GLU A 268 -3.04 -8.80 31.12
CA GLU A 268 -1.75 -9.11 31.71
C GLU A 268 -1.57 -10.62 31.72
N ALA A 269 -0.40 -11.05 32.17
CA ALA A 269 -0.09 -12.47 32.26
C ALA A 269 1.10 -12.65 33.18
N ASN A 270 1.01 -13.61 34.08
CA ASN A 270 2.10 -13.91 34.99
C ASN A 270 1.96 -15.33 35.53
N ILE A 271 3.08 -16.02 35.62
CA ILE A 271 3.07 -17.45 35.92
C ILE A 271 2.70 -17.67 37.38
N GLU A 272 2.09 -18.81 37.67
CA GLU A 272 2.06 -19.37 39.01
C GLU A 272 2.12 -20.89 38.89
N GLU A 273 2.02 -21.59 40.02
CA GLU A 273 1.99 -23.04 40.01
C GLU A 273 0.56 -23.55 39.95
N CYS A 274 0.42 -24.86 39.78
CA CYS A 274 -0.89 -25.50 39.79
C CYS A 274 -0.86 -26.80 40.59
N LEU A 290 19.33 -24.99 29.67
CA LEU A 290 20.65 -25.16 30.27
C LEU A 290 21.32 -23.83 30.53
N LEU A 291 21.84 -23.67 31.74
CA LEU A 291 22.72 -22.55 32.06
C LEU A 291 24.16 -22.81 31.66
N VAL A 292 24.46 -24.01 31.15
CA VAL A 292 25.82 -24.36 30.76
C VAL A 292 26.27 -23.50 29.58
N PHE A 293 25.41 -23.35 28.57
CA PHE A 293 25.70 -22.49 27.43
C PHE A 293 25.83 -21.03 27.86
N ASP A 294 25.05 -20.61 28.84
CA ASP A 294 25.04 -19.20 29.20
C ASP A 294 26.29 -18.83 30.01
N VAL A 295 26.65 -19.67 30.99
CA VAL A 295 27.90 -19.47 31.73
C VAL A 295 29.10 -19.71 30.81
N PHE A 296 28.93 -20.54 29.78
CA PHE A 296 29.97 -20.74 28.77
C PHE A 296 30.24 -19.46 27.98
N VAL A 297 29.17 -18.76 27.57
CA VAL A 297 29.33 -17.49 26.89
C VAL A 297 29.90 -16.43 27.84
N ILE A 298 29.53 -16.50 29.13
CA ILE A 298 30.10 -15.61 30.14
C ILE A 298 31.61 -15.81 30.24
N MET A 299 32.07 -17.06 30.29
CA MET A 299 33.50 -17.35 30.37
C MET A 299 34.24 -16.91 29.11
N ILE A 300 33.64 -17.13 27.94
CA ILE A 300 34.24 -16.70 26.67
C ILE A 300 34.40 -15.19 26.64
N CYS A 301 33.35 -14.46 27.00
CA CYS A 301 33.42 -13.01 26.94
C CYS A 301 34.30 -12.42 28.02
N LEU A 302 34.40 -13.07 29.19
CA LEU A 302 35.36 -12.61 30.20
C LEU A 302 36.80 -12.82 29.76
N ALA A 303 37.09 -13.98 29.15
CA ALA A 303 38.45 -14.24 28.67
C ALA A 303 38.82 -13.28 27.54
N SER A 304 37.87 -13.04 26.62
CA SER A 304 38.13 -12.08 25.54
C SER A 304 38.25 -10.67 26.07
N LEU A 305 37.53 -10.33 27.14
CA LEU A 305 37.64 -9.01 27.75
C LEU A 305 39.00 -8.81 28.39
N ILE A 306 39.50 -9.82 29.11
CA ILE A 306 40.80 -9.72 29.75
C ILE A 306 41.91 -9.64 28.70
N LEU A 307 41.83 -10.45 27.65
CA LEU A 307 42.88 -10.45 26.63
C LEU A 307 42.83 -9.18 25.79
N CYS A 308 41.64 -8.64 25.53
CA CYS A 308 41.57 -7.37 24.81
C CYS A 308 42.01 -6.21 25.68
N THR A 309 41.84 -6.29 27.01
CA THR A 309 42.46 -5.27 27.85
C THR A 309 43.98 -5.41 27.92
N ARG A 310 44.51 -6.63 27.76
CA ARG A 310 45.95 -6.79 27.58
C ARG A 310 46.41 -6.10 26.30
N SER A 311 45.63 -6.25 25.22
CA SER A 311 45.94 -5.52 23.99
C SER A 311 45.81 -4.01 24.15
N ILE A 312 44.84 -3.56 24.94
CA ILE A 312 44.65 -2.13 25.18
C ILE A 312 45.83 -1.55 25.95
N VAL A 313 46.26 -2.22 27.03
CA VAL A 313 47.38 -1.70 27.79
C VAL A 313 48.69 -1.85 27.03
N LEU A 314 48.79 -2.81 26.11
CA LEU A 314 49.94 -2.89 25.21
C LEU A 314 49.97 -1.69 24.27
N ALA A 315 48.81 -1.31 23.71
CA ALA A 315 48.75 -0.13 22.87
C ALA A 315 48.96 1.16 23.65
N LEU A 316 48.60 1.16 24.94
CA LEU A 316 48.85 2.34 25.78
C LEU A 316 50.34 2.51 26.06
N ARG A 317 51.01 1.42 26.44
CA ARG A 317 52.43 1.52 26.72
C ARG A 317 53.27 1.67 25.46
N LEU A 318 52.73 1.28 24.29
CA LEU A 318 53.45 1.53 23.06
C LEU A 318 53.32 2.98 22.62
N ARG A 319 52.12 3.54 22.69
CA ARG A 319 51.91 4.95 22.37
C ARG A 319 52.30 5.84 23.55
N GLY A 345 39.23 2.33 16.55
CA GLY A 345 39.35 1.49 17.73
C GLY A 345 38.38 0.31 17.72
N TRP A 346 38.79 -0.76 17.05
CA TRP A 346 37.93 -1.93 16.95
C TRP A 346 37.91 -2.73 18.25
N TYR A 347 39.03 -2.74 18.97
CA TYR A 347 39.10 -3.46 20.24
C TYR A 347 38.20 -2.83 21.28
N VAL A 348 37.93 -1.52 21.15
CA VAL A 348 36.91 -0.87 21.97
C VAL A 348 35.55 -1.50 21.73
N LEU A 349 35.20 -1.74 20.46
CA LEU A 349 33.93 -2.39 20.15
C LEU A 349 33.91 -3.85 20.58
N VAL A 350 35.06 -4.51 20.59
CA VAL A 350 35.11 -5.89 21.07
C VAL A 350 34.87 -5.94 22.58
N THR A 351 35.47 -4.99 23.32
CA THR A 351 35.19 -4.91 24.75
C THR A 351 33.75 -4.50 25.04
N ILE A 352 33.18 -3.64 24.19
CA ILE A 352 31.77 -3.29 24.32
C ILE A 352 30.89 -4.52 24.14
N SER A 353 31.19 -5.33 23.11
CA SER A 353 30.45 -6.56 22.88
C SER A 353 30.59 -7.54 24.03
N ASP A 354 31.78 -7.58 24.65
CA ASP A 354 31.99 -8.38 25.86
C ASP A 354 31.06 -7.93 26.98
N LEU A 355 31.01 -6.62 27.23
CA LEU A 355 30.17 -6.09 28.31
C LEU A 355 28.69 -6.32 28.04
N MET A 356 28.25 -6.12 26.79
CA MET A 356 26.84 -6.28 26.47
C MET A 356 26.41 -7.73 26.56
N THR A 357 27.26 -8.68 26.12
CA THR A 357 26.89 -10.09 26.26
C THR A 357 26.90 -10.53 27.72
N ILE A 358 27.83 -10.03 28.53
CA ILE A 358 27.88 -10.46 29.93
C ILE A 358 26.68 -9.90 30.71
N ILE A 359 26.33 -8.63 30.50
CA ILE A 359 25.20 -8.05 31.21
C ILE A 359 23.88 -8.62 30.69
N GLY A 360 23.82 -8.93 29.39
CA GLY A 360 22.67 -9.63 28.85
C GLY A 360 22.52 -11.03 29.40
N SER A 361 23.65 -11.70 29.67
CA SER A 361 23.59 -13.01 30.31
C SER A 361 23.22 -12.92 31.78
N ILE A 362 23.57 -11.82 32.45
CA ILE A 362 23.11 -11.61 33.83
C ILE A 362 21.60 -11.43 33.87
N LEU A 363 21.07 -10.56 32.99
CA LEU A 363 19.63 -10.36 32.96
C LEU A 363 18.88 -11.57 32.41
N LYS A 364 19.53 -12.37 31.58
CA LYS A 364 18.94 -13.65 31.19
C LYS A 364 18.95 -14.64 32.35
N MET A 365 19.95 -14.53 33.23
CA MET A 365 20.07 -15.46 34.35
C MET A 365 18.99 -15.19 35.40
N GLU A 366 18.99 -14.00 35.97
CA GLU A 366 18.02 -13.66 37.01
C GLU A 366 16.64 -13.37 36.42
N ASP A 376 12.09 -6.63 26.43
CA ASP A 376 13.01 -6.74 27.55
C ASP A 376 14.26 -5.91 27.34
N VAL A 377 15.02 -5.76 28.41
CA VAL A 377 16.29 -5.06 28.34
C VAL A 377 17.39 -6.00 27.84
N CYS A 378 17.34 -7.26 28.29
CA CYS A 378 18.30 -8.26 27.88
C CYS A 378 18.22 -8.54 26.38
N SER A 379 17.02 -8.42 25.80
CA SER A 379 16.88 -8.54 24.35
C SER A 379 17.64 -7.44 23.63
N ILE A 380 17.56 -6.20 24.14
CA ILE A 380 18.27 -5.09 23.52
C ILE A 380 19.78 -5.26 23.67
N LEU A 381 20.22 -5.74 24.84
CA LEU A 381 21.64 -5.96 25.08
C LEU A 381 22.20 -7.02 24.14
N LEU A 382 21.52 -8.16 24.02
CA LEU A 382 22.00 -9.20 23.12
C LEU A 382 21.91 -8.80 21.66
N GLY A 383 20.89 -8.00 21.29
CA GLY A 383 20.78 -7.57 19.90
C GLY A 383 21.89 -6.63 19.49
N THR A 384 22.17 -5.62 20.33
CA THR A 384 23.28 -4.72 20.05
C THR A 384 24.63 -5.44 20.10
N SER A 385 24.77 -6.42 21.00
CA SER A 385 26.01 -7.16 21.11
C SER A 385 26.28 -7.97 19.86
N THR A 386 25.25 -8.63 19.32
CA THR A 386 25.46 -9.37 18.06
C THR A 386 25.66 -8.44 16.88
N LEU A 387 25.06 -7.25 16.91
CA LEU A 387 25.32 -6.29 15.85
C LEU A 387 26.79 -5.88 15.84
N PHE A 388 27.36 -5.57 17.00
CA PHE A 388 28.76 -5.22 17.03
C PHE A 388 29.66 -6.44 16.82
N VAL A 389 29.16 -7.64 17.11
CA VAL A 389 29.85 -8.88 16.74
C VAL A 389 30.02 -8.98 15.23
N TRP A 390 28.95 -8.75 14.47
CA TRP A 390 29.12 -8.84 13.02
C TRP A 390 29.87 -7.65 12.44
N VAL A 391 29.86 -6.51 13.12
CA VAL A 391 30.72 -5.41 12.71
C VAL A 391 32.20 -5.75 12.93
N GLY A 392 32.50 -6.49 14.02
CA GLY A 392 33.85 -6.99 14.20
C GLY A 392 34.25 -8.02 13.16
N VAL A 393 33.29 -8.81 12.67
CA VAL A 393 33.56 -9.69 11.54
C VAL A 393 33.89 -8.87 10.30
N ILE A 394 33.20 -7.74 10.12
CA ILE A 394 33.50 -6.84 9.00
C ILE A 394 34.89 -6.22 9.15
N ARG A 395 35.36 -6.06 10.40
CA ARG A 395 36.76 -5.69 10.62
C ARG A 395 37.70 -6.80 10.15
N TYR A 396 37.46 -8.03 10.59
CA TYR A 396 38.31 -9.16 10.20
C TYR A 396 38.21 -9.51 8.72
N LEU A 397 37.27 -8.95 7.97
CA LEU A 397 37.35 -9.01 6.51
C LEU A 397 38.43 -8.10 5.95
N GLY A 398 38.97 -7.18 6.75
CA GLY A 398 39.90 -6.17 6.27
C GLY A 398 41.30 -6.64 5.98
N TYR A 399 41.61 -7.93 6.15
CA TYR A 399 42.92 -8.42 5.77
C TYR A 399 43.08 -8.42 4.26
N PHE A 400 42.01 -8.73 3.53
CA PHE A 400 41.99 -8.45 2.10
C PHE A 400 41.88 -6.95 1.90
N GLN A 401 42.66 -6.43 0.95
CA GLN A 401 42.87 -4.99 0.88
C GLN A 401 41.70 -4.25 0.24
N THR A 402 40.80 -4.94 -0.46
CA THR A 402 39.61 -4.28 -1.00
C THR A 402 38.66 -3.87 0.12
N TYR A 403 38.44 -4.78 1.08
CA TYR A 403 37.71 -4.44 2.30
C TYR A 403 38.42 -3.38 3.12
N ASN A 404 39.76 -3.34 3.05
CA ASN A 404 40.51 -2.26 3.67
C ASN A 404 40.20 -0.92 3.00
N VAL A 405 40.08 -0.91 1.67
CA VAL A 405 39.71 0.30 0.94
C VAL A 405 38.32 0.78 1.36
N LEU A 406 37.36 -0.15 1.45
CA LEU A 406 36.00 0.23 1.82
C LEU A 406 35.92 0.72 3.26
N ILE A 407 36.65 0.06 4.17
CA ILE A 407 36.61 0.45 5.58
C ILE A 407 37.30 1.79 5.79
N LEU A 408 38.40 2.04 5.08
CA LEU A 408 39.04 3.35 5.18
C LEU A 408 38.20 4.44 4.54
N THR A 409 37.43 4.11 3.50
CA THR A 409 36.49 5.06 2.92
C THR A 409 35.44 5.49 3.93
N MET A 410 34.85 4.51 4.63
CA MET A 410 33.86 4.84 5.66
C MET A 410 34.47 5.63 6.81
N GLN A 411 35.67 5.22 7.27
CA GLN A 411 36.29 5.89 8.42
C GLN A 411 36.72 7.30 8.08
N ALA A 412 37.24 7.52 6.87
CA ALA A 412 37.68 8.85 6.49
C ALA A 412 36.52 9.76 6.12
N SER A 413 35.39 9.20 5.70
CA SER A 413 34.27 10.01 5.28
C SER A 413 33.24 10.24 6.38
N LEU A 414 33.33 9.53 7.51
CA LEU A 414 32.30 9.59 8.54
C LEU A 414 32.07 10.97 9.17
N PRO A 415 33.08 11.77 9.58
CA PRO A 415 32.75 13.02 10.29
C PRO A 415 32.13 14.12 9.43
N LYS A 416 32.53 14.23 8.16
CA LYS A 416 31.87 15.19 7.27
C LYS A 416 30.43 14.79 7.02
N VAL A 417 30.16 13.49 6.92
CA VAL A 417 28.81 12.96 6.85
C VAL A 417 28.03 13.31 8.11
N LEU A 418 28.66 13.24 9.28
CA LEU A 418 27.96 13.57 10.52
C LEU A 418 27.62 15.06 10.59
N ARG A 419 28.53 15.92 10.14
CA ARG A 419 28.24 17.35 10.14
C ARG A 419 27.14 17.71 9.15
N PHE A 420 27.17 17.10 7.96
CA PHE A 420 26.12 17.33 6.98
C PHE A 420 24.77 16.76 7.43
N CYS A 421 24.78 15.61 8.12
CA CYS A 421 23.56 15.08 8.70
C CYS A 421 23.03 15.96 9.80
N ALA A 422 23.93 16.63 10.56
CA ALA A 422 23.47 17.56 11.58
C ALA A 422 22.78 18.77 10.95
N CYS A 423 23.37 19.34 9.90
CA CYS A 423 22.76 20.51 9.26
C CYS A 423 21.45 20.15 8.57
N ALA A 424 21.42 19.02 7.86
CA ALA A 424 20.18 18.54 7.27
C ALA A 424 19.15 18.16 8.34
N GLY A 425 19.59 17.72 9.52
CA GLY A 425 18.66 17.45 10.58
C GLY A 425 18.03 18.72 11.15
N MET A 426 18.79 19.82 11.15
CA MET A 426 18.19 21.08 11.62
C MET A 426 17.16 21.59 10.61
N ILE A 427 17.47 21.47 9.31
CA ILE A 427 16.48 21.82 8.29
C ILE A 427 15.28 20.87 8.37
N TYR A 428 15.54 19.61 8.71
CA TYR A 428 14.50 18.61 8.85
C TYR A 428 13.60 18.93 10.03
N LEU A 429 14.17 19.42 11.13
CA LEU A 429 13.37 19.85 12.27
C LEU A 429 12.52 21.05 11.92
N GLY A 430 13.05 21.98 11.13
CA GLY A 430 12.25 23.10 10.66
C GLY A 430 11.05 22.66 9.85
N TYR A 431 11.27 21.70 8.94
CA TYR A 431 10.15 21.16 8.17
C TYR A 431 9.17 20.37 9.03
N THR A 432 9.64 19.64 10.05
CA THR A 432 8.70 18.87 10.87
C THR A 432 7.85 19.78 11.75
N PHE A 433 8.44 20.84 12.30
CA PHE A 433 7.63 21.78 13.08
C PHE A 433 6.64 22.52 12.21
N CYS A 434 7.05 22.91 10.99
CA CYS A 434 6.12 23.59 10.10
C CYS A 434 4.98 22.67 9.65
N GLY A 435 5.31 21.44 9.26
CA GLY A 435 4.28 20.51 8.85
C GLY A 435 3.39 20.05 9.97
N TRP A 436 3.91 20.02 11.20
CA TRP A 436 3.07 19.63 12.32
C TRP A 436 2.11 20.75 12.70
N ILE A 437 2.58 22.00 12.72
CA ILE A 437 1.67 23.06 13.12
C ILE A 437 0.84 23.57 11.96
N VAL A 438 1.02 23.05 10.75
CA VAL A 438 0.09 23.43 9.68
C VAL A 438 -0.72 22.22 9.22
N LEU A 439 -0.06 21.18 8.74
CA LEU A 439 -0.73 20.00 8.22
C LEU A 439 -1.07 19.00 9.31
N GLY A 440 -0.95 19.39 10.57
CA GLY A 440 -1.45 18.64 11.70
C GLY A 440 -2.93 18.31 11.64
N PRO A 441 -3.80 19.31 11.48
CA PRO A 441 -5.24 19.01 11.34
C PRO A 441 -5.62 18.26 10.08
N TYR A 442 -4.76 18.19 9.06
CA TYR A 442 -5.17 17.70 7.75
C TYR A 442 -4.43 16.42 7.34
N HIS A 443 -4.05 15.59 8.30
CA HIS A 443 -3.32 14.38 7.98
C HIS A 443 -3.62 13.28 8.99
N PHE A 446 -0.66 13.31 10.98
CA PHE A 446 0.19 14.28 11.67
C PHE A 446 -0.42 14.69 13.00
N GLU A 447 -0.15 13.91 14.06
CA GLU A 447 -0.61 14.28 15.40
C GLU A 447 0.56 14.57 16.33
N ASN A 448 1.47 13.62 16.49
CA ASN A 448 2.66 13.81 17.29
C ASN A 448 3.84 14.16 16.39
N LEU A 449 4.87 14.73 17.01
CA LEU A 449 6.07 15.09 16.27
C LEU A 449 6.82 13.85 15.80
N ASN A 450 6.71 12.74 16.53
CA ASN A 450 7.33 11.49 16.09
C ASN A 450 6.65 10.96 14.84
N ILE A 451 5.32 11.13 14.74
CA ILE A 451 4.59 10.70 13.56
C ILE A 451 4.96 11.54 12.35
N VAL A 452 5.12 12.85 12.55
CA VAL A 452 5.51 13.74 11.48
C VAL A 452 6.94 13.44 11.02
N ALA A 453 7.83 13.16 11.96
CA ALA A 453 9.21 12.85 11.62
C ALA A 453 9.31 11.52 10.87
N GLU A 454 8.53 10.53 11.28
CA GLU A 454 8.51 9.25 10.57
C GLU A 454 7.92 9.39 9.17
N CYS A 455 6.87 10.19 9.02
CA CYS A 455 6.25 10.37 7.71
C CYS A 455 7.17 11.14 6.76
N LEU A 456 7.89 12.14 7.28
CA LEU A 456 8.80 12.89 6.42
C LEU A 456 10.06 12.08 6.10
N PHE A 457 10.52 11.24 7.02
CA PHE A 457 11.61 10.31 6.68
C PHE A 457 11.17 9.27 5.67
N SER A 458 9.88 8.93 5.64
CA SER A 458 9.38 8.08 4.56
C SER A 458 9.31 8.83 3.24
N LEU A 459 8.84 10.09 3.29
CA LEU A 459 8.72 10.93 2.09
C LEU A 459 10.07 11.18 1.43
N VAL A 460 11.13 11.31 2.22
CA VAL A 460 12.46 11.43 1.63
C VAL A 460 12.87 10.12 0.97
N ASN A 461 12.57 9.00 1.60
CA ASN A 461 13.01 7.69 1.13
C ASN A 461 12.00 7.01 0.22
N GLY A 462 11.17 7.78 -0.49
CA GLY A 462 10.32 7.23 -1.53
C GLY A 462 8.91 6.88 -1.10
N ASP A 463 8.74 5.95 -0.17
CA ASP A 463 7.42 5.43 0.17
C ASP A 463 6.58 6.48 0.90
N ASP A 464 5.28 6.19 0.98
CA ASP A 464 4.24 7.06 1.56
C ASP A 464 4.20 8.42 0.86
N MET A 465 4.56 8.48 -0.43
CA MET A 465 4.62 9.75 -1.12
C MET A 465 3.24 10.18 -1.60
N PHE A 466 2.57 9.30 -2.36
CA PHE A 466 1.27 9.66 -2.93
C PHE A 466 0.17 9.68 -1.87
N ALA A 467 0.37 8.96 -0.77
CA ALA A 467 -0.64 8.97 0.30
C ALA A 467 -0.72 10.33 0.98
N THR A 468 0.40 11.06 1.04
CA THR A 468 0.36 12.39 1.62
C THR A 468 -0.35 13.38 0.68
N PHE A 469 -0.22 13.20 -0.63
CA PHE A 469 -0.97 14.04 -1.55
C PHE A 469 -2.44 13.65 -1.59
N ALA A 470 -2.76 12.40 -1.27
CA ALA A 470 -4.15 11.95 -1.28
C ALA A 470 -4.92 12.47 -0.08
N GLN A 471 -4.28 12.57 1.08
CA GLN A 471 -4.96 12.96 2.32
C GLN A 471 -5.15 14.46 2.45
N ILE A 472 -4.81 15.25 1.46
CA ILE A 472 -4.96 16.69 1.50
C ILE A 472 -5.97 17.09 0.42
N GLN A 473 -6.91 17.95 0.78
CA GLN A 473 -8.01 18.37 -0.09
C GLN A 473 -7.54 19.07 -1.36
N SER A 476 -10.45 24.61 2.37
CA SER A 476 -9.00 24.66 2.41
C SER A 476 -8.44 24.85 1.00
N ILE A 477 -8.18 26.10 0.64
CA ILE A 477 -7.60 26.45 -0.65
C ILE A 477 -6.18 26.96 -0.50
N LEU A 478 -6.00 28.00 0.31
CA LEU A 478 -4.67 28.56 0.54
C LEU A 478 -3.82 27.60 1.35
N VAL A 479 -4.43 26.88 2.30
CA VAL A 479 -3.70 25.87 3.06
C VAL A 479 -3.35 24.69 2.17
N TRP A 480 -4.21 24.38 1.19
CA TRP A 480 -3.90 23.34 0.21
C TRP A 480 -2.72 23.73 -0.66
N LEU A 481 -2.69 24.98 -1.13
CA LEU A 481 -1.56 25.48 -1.91
C LEU A 481 -0.28 25.47 -1.09
N PHE A 482 -0.39 25.81 0.19
CA PHE A 482 0.76 25.76 1.08
C PHE A 482 1.26 24.33 1.25
N SER A 483 0.35 23.37 1.40
CA SER A 483 0.71 21.96 1.49
C SER A 483 1.42 21.49 0.24
N ARG A 484 0.93 21.93 -0.93
CA ARG A 484 1.52 21.52 -2.19
C ARG A 484 2.95 22.03 -2.34
N LEU A 485 3.17 23.34 -2.18
CA LEU A 485 4.55 23.79 -2.40
C LEU A 485 5.46 23.42 -1.24
N TYR A 486 4.88 23.18 -0.05
CA TYR A 486 5.62 22.57 1.05
C TYR A 486 6.19 21.22 0.66
N LEU A 487 5.34 20.33 0.16
CA LEU A 487 5.77 18.98 -0.16
C LEU A 487 6.73 18.98 -1.35
N TYR A 488 6.47 19.81 -2.36
CA TYR A 488 7.39 19.85 -3.50
C TYR A 488 8.74 20.43 -3.12
N SER A 489 8.76 21.51 -2.33
CA SER A 489 10.01 22.10 -1.89
C SER A 489 10.79 21.14 -1.00
N PHE A 490 10.09 20.45 -0.09
CA PHE A 490 10.72 19.49 0.81
C PHE A 490 11.35 18.35 0.05
N ILE A 491 10.58 17.68 -0.81
CA ILE A 491 11.07 16.51 -1.53
C ILE A 491 12.18 16.89 -2.48
N SER A 492 11.99 17.95 -3.27
CA SER A 492 13.01 18.37 -4.24
C SER A 492 14.30 18.76 -3.55
N LEU A 493 14.21 19.61 -2.50
CA LEU A 493 15.38 20.11 -1.81
C LEU A 493 16.14 18.99 -1.14
N PHE A 494 15.46 18.16 -0.34
CA PHE A 494 16.19 17.13 0.39
C PHE A 494 16.74 16.05 -0.52
N ILE A 495 15.92 15.49 -1.43
CA ILE A 495 16.40 14.44 -2.33
C ILE A 495 17.57 14.94 -3.19
N TYR A 496 17.39 16.05 -3.91
CA TYR A 496 18.48 16.52 -4.78
C TYR A 496 19.66 17.04 -3.97
N MET A 497 19.48 18.13 -3.24
CA MET A 497 20.62 18.78 -2.60
C MET A 497 21.03 18.14 -1.28
N VAL A 498 20.58 16.92 -0.99
CA VAL A 498 21.10 16.17 0.14
C VAL A 498 21.63 14.82 -0.29
N LEU A 499 20.88 14.06 -1.10
CA LEU A 499 21.40 12.81 -1.62
C LEU A 499 22.59 13.04 -2.54
N SER A 500 22.51 14.06 -3.40
CA SER A 500 23.65 14.34 -4.28
C SER A 500 24.85 14.84 -3.49
N LEU A 501 24.61 15.56 -2.39
CA LEU A 501 25.71 16.02 -1.56
C LEU A 501 26.36 14.87 -0.79
N PHE A 502 25.56 13.90 -0.34
CA PHE A 502 26.12 12.73 0.30
C PHE A 502 26.90 11.86 -0.68
N ILE A 503 26.47 11.83 -1.94
CA ILE A 503 27.27 11.14 -2.96
C ILE A 503 28.57 11.89 -3.22
N ALA A 504 28.51 13.22 -3.26
CA ALA A 504 29.69 14.02 -3.52
C ALA A 504 30.70 13.99 -2.39
N LEU A 505 30.27 13.75 -1.15
CA LEU A 505 31.22 13.55 -0.07
C LEU A 505 31.97 12.23 -0.23
N ILE A 506 31.23 11.16 -0.49
CA ILE A 506 31.80 9.82 -0.51
C ILE A 506 32.70 9.64 -1.73
N THR A 507 32.32 10.24 -2.86
CA THR A 507 33.14 10.14 -4.07
C THR A 507 34.47 10.87 -3.88
N ASP A 508 34.43 12.03 -3.23
CA ASP A 508 35.65 12.77 -2.92
C ASP A 508 36.55 11.98 -1.99
N SER A 509 35.97 11.39 -0.93
CA SER A 509 36.76 10.61 0.02
C SER A 509 37.36 9.37 -0.64
N TYR A 510 36.59 8.73 -1.51
CA TYR A 510 37.07 7.52 -2.17
C TYR A 510 38.18 7.82 -3.17
N HIS A 511 38.07 8.94 -3.89
CA HIS A 511 39.15 9.28 -4.79
C HIS A 511 40.40 9.76 -4.07
N THR A 512 40.25 10.43 -2.92
CA THR A 512 41.44 10.76 -2.13
C THR A 512 42.11 9.51 -1.57
N ILE A 513 41.34 8.50 -1.21
CA ILE A 513 41.96 7.27 -0.72
C ILE A 513 42.56 6.46 -1.87
N LYS A 514 41.98 6.56 -3.06
CA LYS A 514 42.60 5.97 -4.24
C LYS A 514 43.93 6.65 -4.57
N LYS A 515 43.98 7.97 -4.42
CA LYS A 515 45.25 8.68 -4.60
C LYS A 515 46.24 8.36 -3.48
N TYR A 516 45.74 8.05 -2.29
CA TYR A 516 46.65 7.64 -1.22
C TYR A 516 47.25 6.27 -1.48
N GLN A 517 46.48 5.36 -2.07
CA GLN A 517 47.03 4.07 -2.45
C GLN A 517 47.71 4.11 -3.82
N GLN A 518 47.73 5.25 -4.48
CA GLN A 518 48.62 5.43 -5.62
C GLN A 518 49.81 6.30 -5.24
N LYS B 65 28.92 -19.18 -36.64
CA LYS B 65 28.15 -19.40 -35.42
C LYS B 65 27.23 -18.23 -35.14
N LEU B 66 26.75 -17.59 -36.20
CA LEU B 66 25.76 -16.52 -36.05
C LEU B 66 24.35 -17.08 -36.07
N GLY B 67 23.97 -17.74 -37.17
CA GLY B 67 22.65 -18.33 -37.29
C GLY B 67 22.39 -19.47 -36.32
N LEU B 68 23.39 -20.30 -36.05
CA LEU B 68 23.26 -21.40 -35.11
C LEU B 68 23.05 -20.91 -33.68
N GLN B 69 23.50 -19.70 -33.36
CA GLN B 69 23.35 -19.17 -32.02
C GLN B 69 22.10 -18.31 -31.88
N ILE B 70 21.76 -17.53 -32.91
CA ILE B 70 20.49 -16.80 -32.90
C ILE B 70 19.31 -17.76 -32.96
N LEU B 71 19.48 -18.91 -33.65
CA LEU B 71 18.47 -19.95 -33.63
C LEU B 71 18.30 -20.53 -32.23
N LYS B 72 19.39 -20.64 -31.47
CA LYS B 72 19.29 -21.02 -30.06
C LYS B 72 18.47 -20.01 -29.27
N ILE B 73 18.74 -18.70 -29.48
CA ILE B 73 18.02 -17.64 -28.76
C ILE B 73 16.51 -17.76 -29.01
N VAL B 74 16.13 -17.73 -30.29
CA VAL B 74 14.72 -17.68 -30.64
C VAL B 74 14.03 -19.02 -30.32
N MET B 75 14.73 -20.14 -30.51
CA MET B 75 14.11 -21.44 -30.35
C MET B 75 13.90 -21.77 -28.88
N VAL B 76 14.88 -21.45 -28.03
CA VAL B 76 14.70 -21.70 -26.61
C VAL B 76 13.72 -20.70 -26.00
N THR B 77 13.62 -19.49 -26.57
CA THR B 77 12.59 -18.55 -26.14
C THR B 77 11.19 -19.06 -26.47
N THR B 78 11.00 -19.63 -27.67
CA THR B 78 9.71 -20.20 -28.03
C THR B 78 9.37 -21.42 -27.17
N GLN B 79 10.37 -22.26 -26.88
CA GLN B 79 10.16 -23.39 -25.99
C GLN B 79 9.71 -22.95 -24.61
N LEU B 80 10.36 -21.92 -24.06
CA LEU B 80 9.99 -21.46 -22.73
C LEU B 80 8.62 -20.80 -22.72
N VAL B 81 8.26 -20.06 -23.78
CA VAL B 81 6.95 -19.43 -23.80
C VAL B 81 5.83 -20.47 -23.88
N ARG B 82 6.01 -21.49 -24.73
CA ARG B 82 5.00 -22.55 -24.83
C ARG B 82 4.89 -23.36 -23.54
N PHE B 83 6.03 -23.71 -22.93
CA PHE B 83 6.03 -24.52 -21.72
C PHE B 83 5.46 -23.74 -20.53
N GLY B 84 5.84 -22.47 -20.39
CA GLY B 84 5.31 -21.66 -19.32
C GLY B 84 3.83 -21.38 -19.47
N LEU B 85 3.34 -21.26 -20.71
CA LEU B 85 1.90 -21.05 -20.89
C LEU B 85 1.13 -22.33 -20.60
N SER B 86 1.70 -23.49 -20.94
CA SER B 86 1.07 -24.77 -20.58
C SER B 86 0.93 -24.93 -19.07
N ASN B 87 2.04 -24.73 -18.34
CA ASN B 87 1.95 -24.82 -16.89
C ASN B 87 1.10 -23.71 -16.27
N GLN B 88 1.02 -22.55 -16.92
CA GLN B 88 0.12 -21.50 -16.47
C GLN B 88 -1.33 -21.97 -16.51
N LEU B 89 -1.73 -22.62 -17.60
CA LEU B 89 -3.09 -23.12 -17.74
C LEU B 89 -3.38 -24.22 -16.71
N VAL B 90 -2.42 -25.14 -16.52
CA VAL B 90 -2.65 -26.26 -15.62
C VAL B 90 -2.74 -25.79 -14.17
N VAL B 91 -1.82 -24.92 -13.75
CA VAL B 91 -1.88 -24.46 -12.37
C VAL B 91 -3.03 -23.48 -12.17
N ALA B 92 -3.52 -22.85 -13.24
CA ALA B 92 -4.74 -22.04 -13.10
C ALA B 92 -5.93 -22.92 -12.79
N PHE B 93 -6.01 -24.09 -13.43
CA PHE B 93 -7.06 -25.05 -13.10
C PHE B 93 -6.92 -25.55 -11.66
N LYS B 94 -5.68 -25.82 -11.23
CA LYS B 94 -5.43 -26.29 -9.86
C LYS B 94 -5.89 -25.27 -8.82
N GLU B 95 -5.42 -24.03 -8.94
CA GLU B 95 -5.83 -23.06 -7.93
C GLU B 95 -7.27 -22.63 -8.07
N ASP B 96 -7.87 -22.74 -9.26
CA ASP B 96 -9.30 -22.45 -9.38
C ASP B 96 -10.11 -23.49 -8.62
N ASN B 97 -9.73 -24.76 -8.72
CA ASN B 97 -10.43 -25.76 -7.93
C ASN B 97 -10.13 -25.67 -6.45
N THR B 98 -8.95 -25.25 -6.03
CA THR B 98 -8.78 -25.19 -4.58
C THR B 98 -9.44 -23.95 -3.98
N VAL B 99 -9.58 -22.85 -4.72
CA VAL B 99 -10.36 -21.73 -4.22
C VAL B 99 -11.85 -22.10 -4.22
N ALA B 100 -12.29 -22.81 -5.25
CA ALA B 100 -13.66 -23.29 -5.26
C ALA B 100 -13.90 -24.47 -4.34
N PHE B 101 -12.87 -24.99 -3.68
CA PHE B 101 -13.10 -25.87 -2.55
C PHE B 101 -13.17 -25.10 -1.26
N LYS B 102 -12.33 -24.08 -1.11
CA LYS B 102 -12.37 -23.26 0.09
C LYS B 102 -13.68 -22.50 0.20
N HIS B 103 -14.29 -22.13 -0.91
CA HIS B 103 -15.59 -21.49 -0.84
C HIS B 103 -16.73 -22.45 -0.56
N LEU B 104 -16.54 -23.75 -0.77
CA LEU B 104 -17.63 -24.68 -0.50
C LEU B 104 -17.54 -25.29 0.87
N PHE B 105 -16.35 -25.66 1.31
CA PHE B 105 -16.23 -26.52 2.47
C PHE B 105 -15.77 -25.78 3.71
N LEU B 106 -15.50 -24.49 3.62
CA LEU B 106 -15.11 -23.71 4.78
C LEU B 106 -16.19 -22.70 5.07
N LYS B 107 -16.70 -22.73 6.29
CA LYS B 107 -17.84 -21.89 6.63
C LYS B 107 -17.40 -20.44 6.76
N GLY B 108 -18.15 -19.56 6.10
CA GLY B 108 -17.85 -18.16 6.17
C GLY B 108 -16.59 -17.73 5.48
N PHE B 109 -16.12 -18.52 4.51
CA PHE B 109 -14.94 -18.13 3.75
C PHE B 109 -15.33 -16.97 2.84
N SER B 110 -14.83 -15.79 3.18
CA SER B 110 -15.35 -14.54 2.64
C SER B 110 -14.97 -14.30 1.20
N GLY B 111 -13.98 -15.01 0.67
CA GLY B 111 -13.40 -14.66 -0.60
C GLY B 111 -12.13 -13.86 -0.48
N VAL B 112 -11.92 -13.18 0.64
CA VAL B 112 -10.61 -12.62 0.95
C VAL B 112 -9.69 -13.80 1.24
N ASP B 113 -8.77 -14.08 0.32
CA ASP B 113 -7.83 -15.18 0.46
C ASP B 113 -6.85 -14.81 1.55
N GLU B 114 -7.16 -15.26 2.78
CA GLU B 114 -6.63 -14.64 3.97
C GLU B 114 -5.16 -14.98 4.17
N ASP B 115 -4.84 -16.26 4.32
CA ASP B 115 -3.48 -16.68 4.59
C ASP B 115 -3.35 -18.12 4.13
N ASP B 116 -2.28 -18.79 4.53
CA ASP B 116 -2.19 -20.24 4.35
C ASP B 116 -3.26 -20.95 5.16
N TYR B 117 -3.62 -20.41 6.32
CA TYR B 117 -4.90 -20.76 6.92
C TYR B 117 -5.95 -19.88 6.26
N SER B 118 -7.09 -20.48 5.91
CA SER B 118 -8.05 -19.72 5.14
C SER B 118 -8.94 -18.87 6.04
N CYS B 119 -9.15 -19.32 7.27
CA CYS B 119 -9.85 -18.57 8.31
C CYS B 119 -9.46 -19.18 9.65
N SER B 120 -9.91 -18.55 10.72
CA SER B 120 -9.58 -19.01 12.06
C SER B 120 -10.78 -18.82 12.97
N ILE B 121 -10.99 -19.79 13.84
CA ILE B 121 -12.12 -19.81 14.76
C ILE B 121 -11.64 -19.42 16.14
N TYR B 122 -12.40 -18.55 16.81
CA TYR B 122 -12.06 -18.14 18.16
C TYR B 122 -13.07 -18.56 19.21
N THR B 123 -14.11 -19.30 18.86
CA THR B 123 -15.08 -19.73 19.84
C THR B 123 -15.26 -21.23 19.76
N GLN B 124 -16.08 -21.78 20.64
CA GLN B 124 -16.32 -23.21 20.63
C GLN B 124 -17.67 -23.57 20.05
N GLU B 125 -18.26 -22.69 19.27
CA GLU B 125 -19.47 -23.02 18.54
C GLU B 125 -19.28 -22.92 17.04
N ASN B 126 -18.44 -22.00 16.58
CA ASN B 126 -18.10 -21.99 15.17
C ASN B 126 -17.26 -23.19 14.78
N THR B 127 -16.59 -23.85 15.73
CA THR B 127 -15.96 -25.13 15.46
C THR B 127 -16.98 -26.16 15.03
N TYR B 128 -18.03 -26.33 15.82
CA TYR B 128 -19.07 -27.29 15.49
C TYR B 128 -19.79 -26.90 14.21
N GLU B 129 -20.04 -25.60 14.02
CA GLU B 129 -20.67 -25.17 12.78
C GLU B 129 -19.79 -25.40 11.57
N SER B 130 -18.47 -25.27 11.70
CA SER B 130 -17.60 -25.50 10.56
C SER B 130 -17.46 -26.97 10.25
N ILE B 131 -17.40 -27.81 11.28
CA ILE B 131 -17.30 -29.26 11.05
C ILE B 131 -18.58 -29.79 10.40
N PHE B 132 -19.72 -29.45 10.99
CA PHE B 132 -20.99 -29.89 10.45
C PHE B 132 -21.27 -29.26 9.10
N PHE B 133 -20.75 -28.06 8.87
CA PHE B 133 -20.88 -27.43 7.58
C PHE B 133 -20.07 -28.18 6.53
N ALA B 134 -18.84 -28.60 6.86
CA ALA B 134 -18.03 -29.31 5.89
C ALA B 134 -18.65 -30.65 5.54
N ILE B 135 -19.23 -31.33 6.53
CA ILE B 135 -19.86 -32.62 6.26
C ILE B 135 -21.13 -32.43 5.43
N LYS B 136 -21.92 -31.39 5.71
CA LYS B 136 -23.17 -31.22 4.96
C LYS B 136 -22.90 -30.74 3.54
N GLN B 137 -21.88 -29.91 3.35
CA GLN B 137 -21.52 -29.52 1.99
C GLN B 137 -20.94 -30.68 1.22
N TYR B 138 -20.22 -31.59 1.88
CA TYR B 138 -19.78 -32.80 1.19
C TYR B 138 -20.97 -33.68 0.82
N ARG B 139 -22.00 -33.71 1.65
CA ARG B 139 -23.14 -34.53 1.30
C ARG B 139 -23.93 -33.94 0.13
N HIS B 140 -24.08 -32.62 0.10
CA HIS B 140 -24.83 -31.99 -0.98
C HIS B 140 -23.94 -31.44 -2.09
N LEU B 141 -22.71 -31.96 -2.18
CA LEU B 141 -21.74 -31.60 -3.23
C LEU B 141 -22.33 -31.57 -4.63
N LYS B 142 -23.21 -32.52 -4.96
CA LYS B 142 -23.78 -32.58 -6.30
C LYS B 142 -24.71 -31.39 -6.57
N ASN B 143 -25.43 -30.92 -5.56
CA ASN B 143 -26.25 -29.73 -5.75
C ASN B 143 -25.43 -28.46 -5.59
N ILE B 144 -24.50 -28.45 -4.65
CA ILE B 144 -23.85 -27.21 -4.26
C ILE B 144 -22.84 -26.76 -5.30
N SER B 145 -21.93 -27.65 -5.70
CA SER B 145 -20.85 -27.24 -6.58
C SER B 145 -21.36 -27.04 -8.00
N LEU B 146 -20.49 -26.49 -8.83
CA LEU B 146 -20.81 -26.20 -10.22
C LEU B 146 -19.65 -26.49 -11.15
N ALA B 147 -18.63 -27.20 -10.67
CA ALA B 147 -17.70 -27.90 -11.53
C ALA B 147 -18.31 -29.26 -11.87
N THR B 148 -17.51 -30.15 -12.44
CA THR B 148 -18.01 -31.46 -12.85
C THR B 148 -17.67 -32.52 -11.81
N LEU B 149 -17.75 -32.14 -10.54
CA LEU B 149 -17.16 -32.93 -9.48
C LEU B 149 -18.03 -34.13 -9.13
N GLY B 150 -17.37 -35.15 -8.58
CA GLY B 150 -18.04 -36.37 -8.21
C GLY B 150 -17.21 -37.09 -7.18
N TYR B 151 -17.87 -37.99 -6.46
CA TYR B 151 -17.24 -38.64 -5.32
C TYR B 151 -16.21 -39.67 -5.79
N GLY B 152 -15.09 -39.73 -5.09
CA GLY B 152 -14.04 -40.66 -5.48
C GLY B 152 -13.67 -41.63 -4.36
N GLU B 153 -12.41 -42.05 -4.32
CA GLU B 153 -11.91 -42.93 -3.27
C GLU B 153 -10.53 -42.51 -2.80
N ASP B 156 -8.42 -45.57 1.16
CA ASP B 156 -9.39 -46.37 1.90
C ASP B 156 -10.20 -47.28 0.99
N ASN B 157 -10.08 -47.02 -0.32
CA ASN B 157 -10.78 -47.73 -1.40
C ASN B 157 -12.30 -47.66 -1.26
N ARG B 158 -12.80 -46.62 -0.58
CA ARG B 158 -14.23 -46.44 -0.36
C ARG B 158 -14.56 -44.99 -0.62
N THR B 159 -15.85 -44.68 -0.68
CA THR B 159 -16.28 -43.31 -0.82
C THR B 159 -16.51 -42.72 0.56
N GLY B 160 -17.04 -41.50 0.62
CA GLY B 160 -17.42 -40.90 1.87
C GLY B 160 -16.24 -40.37 2.65
N LEU B 161 -16.55 -39.77 3.80
CA LEU B 161 -15.58 -39.03 4.57
C LEU B 161 -14.72 -39.96 5.42
N LYS B 162 -13.78 -39.35 6.12
CA LYS B 162 -12.96 -40.04 7.10
C LYS B 162 -12.48 -38.99 8.07
N VAL B 163 -13.13 -38.91 9.23
CA VAL B 163 -12.85 -37.85 10.20
C VAL B 163 -11.94 -38.44 11.26
N CYS B 164 -10.71 -37.95 11.33
CA CYS B 164 -9.77 -38.35 12.36
C CYS B 164 -9.62 -37.18 13.30
N LYS B 165 -9.76 -37.41 14.60
CA LYS B 165 -9.50 -36.36 15.55
C LYS B 165 -8.45 -36.83 16.55
N GLN B 166 -7.66 -35.88 17.04
CA GLN B 166 -6.53 -36.16 17.89
C GLN B 166 -6.71 -35.41 19.20
N HIS B 167 -6.36 -36.07 20.30
CA HIS B 167 -6.57 -35.48 21.61
C HIS B 167 -5.61 -36.12 22.60
N TYR B 168 -5.35 -35.40 23.68
CA TYR B 168 -4.48 -35.91 24.72
C TYR B 168 -5.18 -36.99 25.52
N LYS B 169 -4.39 -37.88 26.10
CA LYS B 169 -4.90 -38.98 26.90
C LYS B 169 -5.32 -38.39 28.24
N THR B 170 -6.59 -37.99 28.31
CA THR B 170 -7.24 -37.37 29.48
C THR B 170 -6.50 -36.16 30.03
N ASP B 183 -2.44 -35.45 29.31
CA ASP B 183 -1.25 -35.97 29.97
C ASP B 183 -0.06 -35.94 29.03
N SER B 184 0.28 -37.08 28.43
CA SER B 184 1.44 -37.17 27.55
C SER B 184 1.10 -37.60 26.15
N ASP B 185 0.29 -38.65 25.99
CA ASP B 185 0.12 -39.30 24.71
C ASP B 185 -0.97 -38.61 23.89
N ILE B 186 -0.69 -38.39 22.62
CA ILE B 186 -1.71 -37.88 21.70
C ILE B 186 -2.25 -39.06 20.93
N GLU B 187 -3.29 -39.70 21.44
CA GLU B 187 -3.92 -40.75 20.66
C GLU B 187 -4.90 -40.12 19.68
N THR B 188 -5.33 -40.91 18.72
CA THR B 188 -6.30 -40.41 17.75
C THR B 188 -7.47 -41.37 17.66
N ASP B 189 -8.61 -40.81 17.31
CA ASP B 189 -9.84 -41.57 17.11
C ASP B 189 -10.35 -41.20 15.73
N CYS B 190 -10.31 -42.13 14.79
CA CYS B 190 -10.65 -41.82 13.41
C CYS B 190 -11.84 -42.65 12.98
N ILE B 191 -12.97 -42.00 12.75
CA ILE B 191 -14.20 -42.67 12.37
C ILE B 191 -14.56 -42.31 10.93
N HIS B 192 -14.77 -43.34 10.13
CA HIS B 192 -15.10 -43.21 8.72
C HIS B 192 -16.60 -43.04 8.56
N LEU B 193 -17.00 -42.28 7.55
CA LEU B 193 -18.41 -42.01 7.28
C LEU B 193 -18.70 -42.30 5.82
N ASP B 194 -19.43 -43.37 5.55
CA ASP B 194 -19.85 -43.63 4.18
C ASP B 194 -20.97 -42.69 3.78
N LEU B 195 -21.14 -42.54 2.47
CA LEU B 195 -22.13 -41.59 1.97
C LEU B 195 -23.55 -42.10 2.18
N GLN B 196 -23.72 -43.41 2.31
CA GLN B 196 -25.04 -43.94 2.67
C GLN B 196 -25.37 -43.65 4.12
N VAL B 197 -24.36 -43.50 4.97
CA VAL B 197 -24.61 -43.10 6.34
C VAL B 197 -25.00 -41.63 6.39
N LEU B 198 -24.42 -40.82 5.52
CA LEU B 198 -24.78 -39.41 5.46
C LEU B 198 -26.18 -39.20 4.88
N THR B 199 -26.52 -39.97 3.84
CA THR B 199 -27.80 -39.76 3.17
C THR B 199 -28.95 -40.50 3.82
N THR B 200 -28.83 -40.86 5.09
CA THR B 200 -30.01 -41.31 5.82
C THR B 200 -30.94 -40.13 6.06
N GLU B 201 -32.22 -40.44 6.24
CA GLU B 201 -33.20 -39.39 6.54
C GLU B 201 -32.99 -38.73 7.90
N PRO B 202 -32.61 -39.42 9.01
CA PRO B 202 -32.13 -38.66 10.17
C PRO B 202 -30.65 -38.32 10.05
N GLU B 203 -30.24 -37.24 10.69
CA GLU B 203 -28.82 -36.92 10.81
C GLU B 203 -28.26 -37.56 12.07
N ASP B 204 -28.29 -38.89 12.13
CA ASP B 204 -27.95 -39.62 13.33
C ASP B 204 -26.45 -39.64 13.62
N TRP B 205 -25.61 -39.38 12.62
CA TRP B 205 -24.19 -39.23 12.87
C TRP B 205 -23.87 -37.97 13.67
N ALA B 206 -24.72 -36.95 13.61
CA ALA B 206 -24.48 -35.70 14.31
C ALA B 206 -24.69 -35.78 15.81
N GLN B 207 -25.24 -36.88 16.31
CA GLN B 207 -25.43 -37.06 17.74
C GLN B 207 -24.66 -38.23 18.31
N THR B 208 -23.67 -38.76 17.58
CA THR B 208 -22.79 -39.72 18.19
C THR B 208 -21.83 -39.01 19.15
N SER B 209 -21.23 -39.79 20.04
CA SER B 209 -20.31 -39.22 21.01
C SER B 209 -18.98 -38.81 20.40
N PHE B 210 -18.71 -39.23 19.16
CA PHE B 210 -17.48 -38.84 18.50
C PHE B 210 -17.45 -37.36 18.17
N PHE B 211 -18.62 -36.74 18.01
CA PHE B 211 -18.68 -35.31 17.81
C PHE B 211 -18.92 -34.55 19.10
N ARG B 212 -18.58 -35.14 20.24
CA ARG B 212 -18.40 -34.39 21.47
C ARG B 212 -16.92 -34.08 21.60
N LEU B 213 -16.59 -32.81 21.77
CA LEU B 213 -15.21 -32.38 21.75
C LEU B 213 -14.86 -31.81 23.11
N ASP B 214 -13.70 -32.20 23.62
CA ASP B 214 -13.18 -31.63 24.85
C ASP B 214 -12.15 -30.60 24.43
N PHE B 215 -12.50 -29.33 24.51
CA PHE B 215 -11.59 -28.29 24.09
C PHE B 215 -10.49 -28.01 25.09
N TYR B 216 -10.56 -28.64 26.27
CA TYR B 216 -9.40 -28.64 27.16
C TYR B 216 -8.26 -29.44 26.54
N ARG B 217 -8.58 -30.50 25.81
CA ARG B 217 -7.55 -31.45 25.41
C ARG B 217 -7.66 -31.87 23.95
N LEU B 218 -8.31 -31.09 23.11
CA LEU B 218 -8.36 -31.41 21.70
C LEU B 218 -7.08 -30.94 21.01
N VAL B 219 -6.51 -31.79 20.18
CA VAL B 219 -5.31 -31.40 19.44
C VAL B 219 -5.69 -30.94 18.05
N GLN B 220 -6.25 -31.83 17.23
CA GLN B 220 -6.76 -31.39 15.95
C GLN B 220 -7.89 -32.29 15.50
N VAL B 221 -8.66 -31.79 14.55
CA VAL B 221 -9.71 -32.56 13.89
C VAL B 221 -9.46 -32.45 12.40
N ASP B 222 -9.40 -33.58 11.71
CA ASP B 222 -9.08 -33.60 10.30
C ASP B 222 -10.23 -34.24 9.55
N ILE B 223 -10.70 -33.58 8.50
CA ILE B 223 -11.72 -34.11 7.61
C ILE B 223 -11.09 -34.33 6.26
N SER B 224 -11.22 -35.53 5.73
CA SER B 224 -10.56 -35.90 4.48
C SER B 224 -11.54 -36.66 3.60
N PHE B 225 -11.39 -36.47 2.30
CA PHE B 225 -12.28 -37.07 1.31
C PHE B 225 -11.62 -36.93 -0.05
N ALA B 226 -12.24 -37.54 -1.05
CA ALA B 226 -11.62 -37.65 -2.37
C ALA B 226 -12.61 -37.31 -3.45
N LEU B 227 -12.26 -36.33 -4.28
CA LEU B 227 -13.16 -35.83 -5.30
C LEU B 227 -12.47 -35.97 -6.66
N LYS B 228 -13.20 -36.43 -7.66
CA LYS B 228 -12.68 -36.43 -9.01
C LYS B 228 -13.34 -35.33 -9.81
N GLY B 229 -12.59 -34.75 -10.74
CA GLY B 229 -13.12 -33.68 -11.55
C GLY B 229 -12.57 -33.67 -12.96
N ILE B 230 -13.45 -33.73 -13.93
CA ILE B 230 -13.04 -33.71 -15.32
C ILE B 230 -12.73 -32.27 -15.69
N ASP B 231 -11.62 -32.06 -16.38
CA ASP B 231 -11.40 -30.77 -17.01
C ASP B 231 -12.19 -30.74 -18.31
N LEU B 232 -12.77 -29.59 -18.61
CA LEU B 232 -13.45 -29.38 -19.87
C LEU B 232 -12.91 -28.18 -20.62
N GLN B 233 -11.98 -27.43 -20.03
CA GLN B 233 -11.27 -26.43 -20.81
C GLN B 233 -10.36 -27.08 -21.82
N ALA B 234 -9.88 -28.30 -21.53
CA ALA B 234 -9.17 -29.08 -22.53
C ALA B 234 -10.10 -29.48 -23.67
N VAL B 235 -11.34 -29.81 -23.36
CA VAL B 235 -12.31 -30.10 -24.42
C VAL B 235 -12.69 -28.83 -25.14
N HIS B 236 -12.64 -27.69 -24.46
CA HIS B 236 -12.87 -26.40 -25.09
C HIS B 236 -11.74 -26.10 -26.07
N SER B 237 -12.06 -26.18 -27.36
CA SER B 237 -11.21 -25.77 -28.48
C SER B 237 -9.93 -26.58 -28.59
N ARG B 238 -9.90 -27.80 -28.04
CA ARG B 238 -8.74 -28.67 -28.18
C ARG B 238 -9.24 -30.11 -28.13
N GLU B 239 -8.32 -31.04 -27.90
CA GLU B 239 -8.68 -32.45 -27.91
C GLU B 239 -9.23 -32.88 -26.55
N ILE B 240 -9.88 -34.04 -26.56
CA ILE B 240 -10.78 -34.48 -25.50
C ILE B 240 -10.10 -34.85 -24.17
N PRO B 241 -9.22 -35.85 -24.09
CA PRO B 241 -9.09 -36.60 -22.82
C PRO B 241 -8.36 -35.83 -21.73
N ASP B 242 -8.97 -35.78 -20.55
CA ASP B 242 -8.36 -35.34 -19.30
C ASP B 242 -9.26 -35.76 -18.14
N CYS B 243 -8.65 -36.15 -17.03
CA CYS B 243 -9.35 -36.41 -15.78
C CYS B 243 -8.47 -35.96 -14.64
N TYR B 244 -9.02 -35.97 -13.43
CA TYR B 244 -8.27 -35.61 -12.24
C TYR B 244 -8.76 -36.42 -11.06
N LEU B 245 -8.10 -36.22 -9.93
CA LEU B 245 -8.56 -36.76 -8.66
C LEU B 245 -7.97 -35.92 -7.55
N PHE B 246 -8.83 -35.32 -6.74
CA PHE B 246 -8.45 -34.43 -5.66
C PHE B 246 -8.52 -35.18 -4.35
N GLN B 247 -7.58 -34.93 -3.47
CA GLN B 247 -7.62 -35.52 -2.14
C GLN B 247 -7.51 -34.39 -1.14
N ASN B 248 -8.67 -33.94 -0.67
CA ASN B 248 -8.74 -32.79 0.22
C ASN B 248 -8.55 -33.23 1.65
N THR B 249 -8.03 -32.32 2.47
CA THR B 249 -7.87 -32.58 3.89
C THR B 249 -8.15 -31.28 4.63
N ILE B 250 -9.35 -31.19 5.17
CA ILE B 250 -9.73 -30.04 5.99
C ILE B 250 -9.27 -30.32 7.41
N THR B 251 -8.46 -29.44 7.97
CA THR B 251 -7.89 -29.65 9.29
C THR B 251 -8.33 -28.54 10.21
N PHE B 252 -8.35 -28.83 11.49
CA PHE B 252 -8.70 -27.85 12.52
C PHE B 252 -7.54 -27.81 13.51
N ASP B 253 -6.57 -26.97 13.20
CA ASP B 253 -5.27 -27.00 13.85
C ASP B 253 -5.37 -26.28 15.18
N ASN B 254 -5.47 -27.03 16.28
CA ASN B 254 -5.40 -26.45 17.62
C ASN B 254 -4.19 -27.03 18.33
N THR B 255 -3.01 -26.52 18.00
CA THR B 255 -1.79 -27.01 18.64
C THR B 255 -1.22 -25.99 19.61
N ALA B 256 -1.13 -24.73 19.18
CA ALA B 256 -0.94 -23.68 20.16
C ALA B 256 -2.25 -23.56 20.91
N HIS B 257 -2.39 -24.26 22.03
CA HIS B 257 -3.65 -24.36 22.75
C HIS B 257 -3.90 -23.00 23.41
N SER B 258 -4.39 -22.08 22.59
CA SER B 258 -4.38 -20.67 22.91
C SER B 258 -5.66 -20.02 22.45
N GLY B 259 -6.74 -20.79 22.44
CA GLY B 259 -8.04 -20.25 22.08
C GLY B 259 -8.18 -19.87 20.62
N LYS B 260 -7.50 -20.58 19.73
CA LYS B 260 -7.59 -20.25 18.32
C LYS B 260 -7.36 -21.51 17.50
N ILE B 261 -8.40 -21.96 16.81
CA ILE B 261 -8.29 -23.04 15.83
C ILE B 261 -8.11 -22.40 14.47
N LYS B 262 -7.07 -22.81 13.76
CA LYS B 262 -6.91 -22.43 12.37
C LYS B 262 -7.52 -23.53 11.51
N ILE B 263 -7.94 -23.16 10.30
CA ILE B 263 -8.52 -24.11 9.38
C ILE B 263 -7.69 -24.11 8.10
N TYR B 264 -7.34 -25.29 7.62
CA TYR B 264 -6.62 -25.44 6.36
C TYR B 264 -7.51 -26.19 5.39
N LEU B 265 -7.20 -26.08 4.11
CA LEU B 265 -7.68 -27.04 3.13
C LEU B 265 -6.49 -27.42 2.27
N ASN B 266 -5.91 -28.57 2.57
CA ASN B 266 -4.77 -29.07 1.82
C ASN B 266 -5.32 -29.97 0.71
N SER B 267 -5.19 -29.53 -0.52
CA SER B 267 -5.70 -30.26 -1.67
C SER B 267 -4.55 -30.82 -2.49
N GLU B 268 -4.78 -31.98 -3.08
CA GLU B 268 -3.85 -32.57 -4.03
C GLU B 268 -4.57 -32.74 -5.36
N ALA B 269 -3.82 -33.20 -6.36
CA ALA B 269 -4.39 -33.44 -7.68
C ALA B 269 -3.43 -34.34 -8.45
N ASN B 270 -3.98 -35.34 -9.11
CA ASN B 270 -3.18 -36.25 -9.92
C ASN B 270 -4.06 -36.94 -10.94
N ILE B 271 -3.54 -37.09 -12.15
CA ILE B 271 -4.34 -37.54 -13.28
C ILE B 271 -4.64 -39.03 -13.13
N GLU B 272 -5.76 -39.46 -13.69
CA GLU B 272 -5.99 -40.86 -14.03
C GLU B 272 -6.83 -40.89 -15.30
N GLU B 273 -7.21 -42.10 -15.72
CA GLU B 273 -8.07 -42.26 -16.88
C GLU B 273 -9.53 -42.29 -16.48
N CYS B 274 -10.41 -42.27 -17.47
CA CYS B 274 -11.84 -42.40 -17.23
C CYS B 274 -12.49 -43.34 -18.24
N LEU B 290 4.02 -31.69 -29.31
CA LEU B 290 5.06 -32.27 -30.15
C LEU B 290 6.40 -32.37 -29.43
N LEU B 291 7.01 -33.54 -29.49
CA LEU B 291 8.39 -33.71 -29.05
C LEU B 291 9.39 -33.30 -30.12
N VAL B 292 8.92 -32.94 -31.32
CA VAL B 292 9.82 -32.56 -32.40
C VAL B 292 10.55 -31.28 -32.06
N PHE B 293 9.84 -30.28 -31.51
CA PHE B 293 10.47 -29.04 -31.07
C PHE B 293 11.45 -29.28 -29.93
N ASP B 294 11.14 -30.22 -29.04
CA ASP B 294 11.98 -30.40 -27.87
C ASP B 294 13.28 -31.14 -28.22
N VAL B 295 13.17 -32.19 -29.04
CA VAL B 295 14.35 -32.87 -29.56
C VAL B 295 15.12 -31.96 -30.51
N PHE B 296 14.42 -31.02 -31.15
CA PHE B 296 15.08 -30.02 -31.99
C PHE B 296 15.95 -29.07 -31.17
N VAL B 297 15.44 -28.64 -30.01
CA VAL B 297 16.24 -27.84 -29.08
C VAL B 297 17.42 -28.66 -28.54
N ILE B 298 17.19 -29.96 -28.29
CA ILE B 298 18.27 -30.85 -27.85
C ILE B 298 19.38 -30.91 -28.90
N MET B 299 19.02 -31.06 -30.17
CA MET B 299 20.01 -31.12 -31.25
C MET B 299 20.75 -29.80 -31.40
N ILE B 300 20.04 -28.68 -31.31
CA ILE B 300 20.66 -27.35 -31.40
C ILE B 300 21.67 -27.16 -30.27
N CYS B 301 21.27 -27.47 -29.05
CA CYS B 301 22.15 -27.25 -27.91
C CYS B 301 23.31 -28.23 -27.87
N LEU B 302 23.13 -29.46 -28.38
CA LEU B 302 24.25 -30.38 -28.48
C LEU B 302 25.25 -29.93 -29.54
N ALA B 303 24.77 -29.44 -30.68
CA ALA B 303 25.67 -28.95 -31.72
C ALA B 303 26.42 -27.71 -31.23
N SER B 304 25.73 -26.80 -30.56
CA SER B 304 26.38 -25.62 -30.02
C SER B 304 27.35 -25.97 -28.90
N LEU B 305 27.04 -27.02 -28.13
CA LEU B 305 27.95 -27.47 -27.08
C LEU B 305 29.23 -28.04 -27.66
N ILE B 306 29.11 -28.86 -28.71
CA ILE B 306 30.29 -29.45 -29.34
C ILE B 306 31.15 -28.37 -29.99
N LEU B 307 30.52 -27.41 -30.68
CA LEU B 307 31.28 -26.37 -31.36
C LEU B 307 31.90 -25.38 -30.36
N CYS B 308 31.21 -25.11 -29.26
CA CYS B 308 31.82 -24.26 -28.24
C CYS B 308 32.93 -24.98 -27.49
N THR B 309 32.87 -26.31 -27.36
CA THR B 309 34.02 -27.02 -26.83
C THR B 309 35.19 -27.04 -27.81
N ARG B 310 34.91 -27.02 -29.13
CA ARG B 310 35.98 -26.81 -30.10
C ARG B 310 36.63 -25.45 -29.90
N SER B 311 35.81 -24.42 -29.65
CA SER B 311 36.37 -23.10 -29.33
C SER B 311 37.15 -23.10 -28.02
N ILE B 312 36.68 -23.87 -27.02
CA ILE B 312 37.38 -23.96 -25.74
C ILE B 312 38.73 -24.62 -25.89
N VAL B 313 38.80 -25.75 -26.61
CA VAL B 313 40.08 -26.42 -26.78
C VAL B 313 40.99 -25.64 -27.72
N LEU B 314 40.43 -24.83 -28.63
CA LEU B 314 41.24 -23.91 -29.42
C LEU B 314 41.88 -22.84 -28.53
N ALA B 315 41.10 -22.28 -27.60
CA ALA B 315 41.66 -21.31 -26.66
C ALA B 315 42.63 -21.95 -25.67
N LEU B 316 42.46 -23.23 -25.37
CA LEU B 316 43.41 -23.91 -24.50
C LEU B 316 44.74 -24.14 -25.21
N ARG B 317 44.70 -24.63 -26.44
CA ARG B 317 45.94 -24.85 -27.18
C ARG B 317 46.59 -23.55 -27.64
N LEU B 318 45.83 -22.45 -27.73
CA LEU B 318 46.45 -21.17 -28.03
C LEU B 318 47.13 -20.58 -26.80
N ARG B 319 46.48 -20.64 -25.64
CA ARG B 319 47.09 -20.16 -24.41
C ARG B 319 48.02 -21.22 -23.83
N GLY B 345 34.74 -15.05 -19.64
CA GLY B 345 34.46 -16.31 -20.28
C GLY B 345 33.00 -16.46 -20.68
N TRP B 346 32.65 -15.90 -21.84
CA TRP B 346 31.27 -15.95 -22.30
C TRP B 346 30.91 -17.33 -22.85
N TYR B 347 31.88 -18.02 -23.45
CA TYR B 347 31.64 -19.36 -23.98
C TYR B 347 31.35 -20.34 -22.87
N VAL B 348 31.88 -20.08 -21.67
CA VAL B 348 31.51 -20.85 -20.48
C VAL B 348 30.01 -20.72 -20.22
N LEU B 349 29.48 -19.50 -20.31
CA LEU B 349 28.04 -19.30 -20.12
C LEU B 349 27.22 -19.90 -21.26
N VAL B 350 27.78 -19.94 -22.47
CA VAL B 350 27.06 -20.57 -23.57
C VAL B 350 26.99 -22.09 -23.36
N THR B 351 28.07 -22.70 -22.90
CA THR B 351 28.03 -24.12 -22.56
C THR B 351 27.12 -24.41 -21.36
N ILE B 352 27.07 -23.48 -20.39
CA ILE B 352 26.14 -23.61 -19.28
C ILE B 352 24.71 -23.58 -19.78
N SER B 353 24.39 -22.66 -20.69
CA SER B 353 23.05 -22.58 -21.28
C SER B 353 22.72 -23.84 -22.07
N ASP B 354 23.71 -24.41 -22.76
CA ASP B 354 23.52 -25.69 -23.43
C ASP B 354 23.13 -26.78 -22.44
N LEU B 355 23.87 -26.90 -21.33
CA LEU B 355 23.59 -27.92 -20.34
C LEU B 355 22.22 -27.73 -19.68
N MET B 356 21.87 -26.48 -19.36
CA MET B 356 20.60 -26.23 -18.69
C MET B 356 19.42 -26.49 -19.61
N THR B 357 19.53 -26.12 -20.90
CA THR B 357 18.43 -26.44 -21.83
C THR B 357 18.31 -27.94 -22.08
N ILE B 358 19.44 -28.66 -22.14
CA ILE B 358 19.36 -30.10 -22.41
C ILE B 358 18.77 -30.85 -21.22
N ILE B 359 19.19 -30.50 -20.00
CA ILE B 359 18.65 -31.18 -18.82
C ILE B 359 17.22 -30.76 -18.56
N GLY B 360 16.88 -29.50 -18.88
CA GLY B 360 15.49 -29.08 -18.82
C GLY B 360 14.62 -29.79 -19.84
N SER B 361 15.17 -30.10 -21.01
CA SER B 361 14.44 -30.88 -21.99
C SER B 361 14.31 -32.35 -21.59
N ILE B 362 15.28 -32.89 -20.84
CA ILE B 362 15.15 -34.24 -20.31
C ILE B 362 14.03 -34.29 -19.27
N LEU B 363 14.00 -33.34 -18.34
CA LEU B 363 12.94 -33.32 -17.33
C LEU B 363 11.60 -32.94 -17.93
N LYS B 364 11.60 -32.18 -19.02
CA LYS B 364 10.35 -31.95 -19.74
C LYS B 364 9.89 -33.22 -20.47
N MET B 365 10.84 -34.05 -20.89
CA MET B 365 10.50 -35.27 -21.63
C MET B 365 9.87 -36.31 -20.71
N GLU B 366 10.60 -36.74 -19.69
CA GLU B 366 10.10 -37.77 -18.78
C GLU B 366 9.10 -37.18 -17.80
N ASP B 376 8.37 -26.64 -10.43
CA ASP B 376 9.15 -27.75 -10.96
C ASP B 376 10.63 -27.40 -11.04
N VAL B 377 11.44 -28.43 -11.27
CA VAL B 377 12.86 -28.24 -11.46
C VAL B 377 13.17 -27.82 -12.89
N CYS B 378 12.45 -28.41 -13.84
CA CYS B 378 12.62 -28.08 -15.26
C CYS B 378 12.26 -26.63 -15.55
N SER B 379 11.31 -26.08 -14.80
CA SER B 379 10.99 -24.65 -14.91
C SER B 379 12.18 -23.79 -14.51
N ILE B 380 12.87 -24.15 -13.43
CA ILE B 380 14.04 -23.40 -12.98
C ILE B 380 15.18 -23.53 -13.98
N LEU B 381 15.37 -24.73 -14.54
CA LEU B 381 16.41 -24.95 -15.52
C LEU B 381 16.18 -24.12 -16.78
N LEU B 382 14.97 -24.15 -17.32
CA LEU B 382 14.68 -23.36 -18.52
C LEU B 382 14.71 -21.86 -18.24
N GLY B 383 14.30 -21.43 -17.04
CA GLY B 383 14.34 -20.02 -16.72
C GLY B 383 15.75 -19.47 -16.63
N THR B 384 16.63 -20.18 -15.92
CA THR B 384 18.02 -19.76 -15.85
C THR B 384 18.70 -19.87 -17.20
N SER B 385 18.34 -20.86 -18.00
CA SER B 385 18.96 -21.02 -19.32
C SER B 385 18.60 -19.86 -20.23
N THR B 386 17.33 -19.42 -20.22
CA THR B 386 16.97 -18.28 -21.04
C THR B 386 17.53 -16.98 -20.49
N LEU B 387 17.71 -16.89 -19.18
CA LEU B 387 18.39 -15.72 -18.62
C LEU B 387 19.82 -15.61 -19.14
N PHE B 388 20.56 -16.72 -19.12
CA PHE B 388 21.92 -16.65 -19.66
C PHE B 388 21.93 -16.56 -21.18
N VAL B 389 20.87 -17.00 -21.84
CA VAL B 389 20.69 -16.76 -23.28
C VAL B 389 20.64 -15.26 -23.58
N TRP B 390 19.84 -14.51 -22.82
CA TRP B 390 19.77 -13.08 -23.11
C TRP B 390 21.03 -12.35 -22.61
N VAL B 391 21.74 -12.89 -21.63
CA VAL B 391 23.04 -12.33 -21.26
C VAL B 391 24.05 -12.56 -22.39
N GLY B 392 23.98 -13.70 -23.07
CA GLY B 392 24.81 -13.90 -24.25
C GLY B 392 24.44 -12.98 -25.40
N VAL B 393 23.16 -12.60 -25.51
CA VAL B 393 22.78 -11.57 -26.47
C VAL B 393 23.42 -10.23 -26.09
N ILE B 394 23.48 -9.94 -24.78
CA ILE B 394 24.15 -8.73 -24.32
C ILE B 394 25.64 -8.77 -24.60
N ARG B 395 26.23 -9.98 -24.64
CA ARG B 395 27.60 -10.11 -25.14
C ARG B 395 27.69 -9.75 -26.62
N TYR B 396 26.83 -10.34 -27.45
CA TYR B 396 26.85 -10.04 -28.89
C TYR B 396 26.42 -8.60 -29.22
N LEU B 397 25.92 -7.82 -28.27
CA LEU B 397 25.83 -6.39 -28.48
C LEU B 397 27.17 -5.69 -28.41
N GLY B 398 28.21 -6.36 -27.90
CA GLY B 398 29.50 -5.75 -27.66
C GLY B 398 30.36 -5.47 -28.88
N TYR B 399 29.88 -5.79 -30.08
CA TYR B 399 30.63 -5.42 -31.29
C TYR B 399 30.62 -3.92 -31.49
N PHE B 400 29.51 -3.27 -31.17
CA PHE B 400 29.53 -1.81 -31.04
C PHE B 400 30.29 -1.44 -29.78
N GLN B 401 31.14 -0.43 -29.88
CA GLN B 401 32.12 -0.18 -28.84
C GLN B 401 31.54 0.50 -27.60
N THR B 402 30.36 1.09 -27.70
CA THR B 402 29.72 1.66 -26.50
C THR B 402 29.27 0.56 -25.54
N TYR B 403 28.66 -0.50 -26.09
CA TYR B 403 28.36 -1.68 -25.29
C TYR B 403 29.63 -2.36 -24.78
N ASN B 404 30.74 -2.24 -25.53
CA ASN B 404 32.02 -2.72 -25.04
C ASN B 404 32.47 -1.92 -23.83
N VAL B 405 32.26 -0.59 -23.84
CA VAL B 405 32.60 0.25 -22.70
C VAL B 405 31.77 -0.15 -21.48
N LEU B 406 30.47 -0.37 -21.67
CA LEU B 406 29.61 -0.74 -20.54
C LEU B 406 29.95 -2.12 -20.00
N ILE B 407 30.25 -3.07 -20.88
CA ILE B 407 30.56 -4.43 -20.44
C ILE B 407 31.91 -4.47 -19.74
N LEU B 408 32.89 -3.70 -20.22
CA LEU B 408 34.17 -3.63 -19.53
C LEU B 408 34.06 -2.91 -18.20
N THR B 409 33.15 -1.93 -18.10
CA THR B 409 32.88 -1.28 -16.83
C THR B 409 32.36 -2.26 -15.80
N MET B 410 31.38 -3.08 -16.19
CA MET B 410 30.85 -4.10 -15.28
C MET B 410 31.90 -5.14 -14.91
N GLN B 411 32.68 -5.61 -15.90
CA GLN B 411 33.67 -6.65 -15.63
C GLN B 411 34.81 -6.15 -14.76
N ALA B 412 35.25 -4.91 -14.98
CA ALA B 412 36.33 -4.36 -14.18
C ALA B 412 35.88 -3.94 -12.80
N SER B 413 34.60 -3.61 -12.63
CA SER B 413 34.12 -3.14 -11.35
C SER B 413 33.50 -4.23 -10.49
N LEU B 414 33.27 -5.43 -11.03
CA LEU B 414 32.56 -6.48 -10.30
C LEU B 414 33.22 -6.95 -9.00
N PRO B 415 34.54 -7.24 -8.91
CA PRO B 415 35.04 -7.82 -7.65
C PRO B 415 35.09 -6.86 -6.46
N LYS B 416 35.38 -5.57 -6.70
CA LYS B 416 35.31 -4.60 -5.61
C LYS B 416 33.88 -4.44 -5.11
N VAL B 417 32.92 -4.50 -6.03
CA VAL B 417 31.50 -4.52 -5.67
C VAL B 417 31.17 -5.76 -4.85
N LEU B 418 31.75 -6.92 -5.18
CA LEU B 418 31.48 -8.12 -4.41
C LEU B 418 32.05 -8.04 -3.00
N ARG B 419 33.26 -7.47 -2.86
CA ARG B 419 33.85 -7.32 -1.54
C ARG B 419 33.06 -6.33 -0.68
N PHE B 420 32.63 -5.21 -1.28
CA PHE B 420 31.83 -4.24 -0.56
C PHE B 420 30.44 -4.79 -0.21
N CYS B 421 29.85 -5.60 -1.09
CA CYS B 421 28.60 -6.28 -0.78
C CYS B 421 28.78 -7.29 0.33
N ALA B 422 29.95 -7.94 0.41
CA ALA B 422 30.20 -8.86 1.50
C ALA B 422 30.28 -8.13 2.84
N CYS B 423 31.00 -7.01 2.89
CA CYS B 423 31.12 -6.26 4.14
C CYS B 423 29.79 -5.65 4.57
N ALA B 424 29.05 -5.07 3.61
CA ALA B 424 27.71 -4.57 3.89
C ALA B 424 26.75 -5.69 4.26
N GLY B 425 26.96 -6.90 3.74
CA GLY B 425 26.14 -8.02 4.13
C GLY B 425 26.40 -8.46 5.56
N MET B 426 27.66 -8.34 6.02
CA MET B 426 27.94 -8.67 7.41
C MET B 426 27.30 -7.64 8.35
N ILE B 427 27.37 -6.36 8.00
CA ILE B 427 26.68 -5.34 8.79
C ILE B 427 25.17 -5.54 8.72
N TYR B 428 24.68 -6.01 7.57
CA TYR B 428 23.27 -6.30 7.36
C TYR B 428 22.81 -7.46 8.22
N LEU B 429 23.66 -8.48 8.37
CA LEU B 429 23.35 -9.59 9.27
C LEU B 429 23.31 -9.13 10.72
N GLY B 430 24.23 -8.24 11.11
CA GLY B 430 24.17 -7.66 12.44
C GLY B 430 22.87 -6.94 12.71
N TYR B 431 22.41 -6.13 11.75
CA TYR B 431 21.12 -5.47 11.89
C TYR B 431 19.95 -6.44 11.88
N THR B 432 20.00 -7.51 11.09
CA THR B 432 18.86 -8.44 11.09
C THR B 432 18.77 -9.24 12.37
N PHE B 433 19.91 -9.66 12.94
CA PHE B 433 19.85 -10.35 14.22
C PHE B 433 19.40 -9.42 15.34
N CYS B 434 19.85 -8.16 15.32
CA CYS B 434 19.40 -7.21 16.34
C CYS B 434 17.91 -6.92 16.22
N GLY B 435 17.44 -6.66 15.00
CA GLY B 435 16.02 -6.37 14.81
C GLY B 435 15.14 -7.57 15.03
N TRP B 436 15.64 -8.77 14.80
CA TRP B 436 14.84 -9.95 15.06
C TRP B 436 14.73 -10.24 16.55
N ILE B 437 15.82 -10.10 17.29
CA ILE B 437 15.73 -10.41 18.71
C ILE B 437 15.25 -9.22 19.54
N VAL B 438 14.99 -8.08 18.92
CA VAL B 438 14.36 -7.00 19.67
C VAL B 438 12.97 -6.70 19.14
N LEU B 439 12.87 -6.33 17.87
CA LEU B 439 11.60 -5.96 17.26
C LEU B 439 10.83 -7.16 16.73
N GLY B 440 11.28 -8.37 17.06
CA GLY B 440 10.53 -9.58 16.84
C GLY B 440 9.13 -9.60 17.43
N PRO B 441 8.99 -9.35 18.74
CA PRO B 441 7.64 -9.29 19.32
C PRO B 441 6.78 -8.13 18.84
N TYR B 442 7.35 -7.10 18.21
CA TYR B 442 6.63 -5.86 17.95
C TYR B 442 6.46 -5.58 16.46
N HIS B 443 6.38 -6.62 15.63
CA HIS B 443 6.23 -6.40 14.20
C HIS B 443 5.46 -7.54 13.55
N PHE B 446 8.05 -9.43 11.99
CA PHE B 446 9.35 -9.99 12.35
C PHE B 446 9.20 -11.28 13.13
N GLU B 447 9.07 -12.40 12.45
CA GLU B 447 9.00 -13.70 13.11
C GLU B 447 10.21 -14.57 12.80
N ASN B 448 10.47 -14.82 11.53
CA ASN B 448 11.65 -15.55 11.09
C ASN B 448 12.74 -14.58 10.71
N LEU B 449 13.97 -15.09 10.63
CA LEU B 449 15.09 -14.28 10.17
C LEU B 449 14.93 -13.92 8.69
N ASN B 450 14.29 -14.81 7.92
CA ASN B 450 14.04 -14.52 6.52
C ASN B 450 13.11 -13.33 6.35
N ILE B 451 12.08 -13.24 7.19
CA ILE B 451 11.12 -12.13 7.11
C ILE B 451 11.79 -10.82 7.49
N VAL B 452 12.69 -10.86 8.48
CA VAL B 452 13.43 -9.68 8.88
C VAL B 452 14.37 -9.22 7.77
N ALA B 453 15.03 -10.18 7.10
CA ALA B 453 15.93 -9.83 6.01
C ALA B 453 15.17 -9.25 4.82
N GLU B 454 13.99 -9.79 4.53
CA GLU B 454 13.16 -9.26 3.45
C GLU B 454 12.66 -7.85 3.77
N CYS B 455 12.24 -7.62 5.02
CA CYS B 455 11.74 -6.30 5.40
C CYS B 455 12.85 -5.26 5.41
N LEU B 456 14.05 -5.65 5.84
CA LEU B 456 15.16 -4.69 5.85
C LEU B 456 15.68 -4.44 4.45
N PHE B 457 15.66 -5.44 3.57
CA PHE B 457 15.99 -5.19 2.17
C PHE B 457 14.95 -4.31 1.49
N SER B 458 13.70 -4.35 1.95
CA SER B 458 12.71 -3.40 1.46
C SER B 458 12.97 -2.01 2.00
N LEU B 459 13.32 -1.91 3.29
CA LEU B 459 13.59 -0.62 3.94
C LEU B 459 14.78 0.10 3.32
N VAL B 460 15.79 -0.66 2.87
CA VAL B 460 16.91 -0.03 2.18
C VAL B 460 16.45 0.53 0.83
N ASN B 461 15.63 -0.21 0.10
CA ASN B 461 15.17 0.20 -1.21
C ASN B 461 13.93 1.08 -1.16
N GLY B 462 13.55 1.56 0.01
CA GLY B 462 12.51 2.56 0.14
C GLY B 462 11.15 2.02 0.50
N ASP B 463 10.77 0.86 -0.02
CA ASP B 463 9.44 0.32 0.23
C ASP B 463 9.31 -0.14 1.68
N ASP B 464 8.06 -0.23 2.14
CA ASP B 464 7.67 -0.65 3.50
C ASP B 464 8.30 0.24 4.56
N MET B 465 8.54 1.52 4.23
CA MET B 465 9.24 2.41 5.14
C MET B 465 8.32 2.88 6.26
N PHE B 466 7.20 3.50 5.90
CA PHE B 466 6.29 4.04 6.90
C PHE B 466 5.52 2.94 7.63
N ALA B 467 5.39 1.76 7.02
CA ALA B 467 4.69 0.67 7.67
C ALA B 467 5.45 0.14 8.88
N THR B 468 6.79 0.22 8.86
CA THR B 468 7.56 -0.18 10.03
C THR B 468 7.44 0.82 11.16
N PHE B 469 7.32 2.11 10.83
CA PHE B 469 7.10 3.10 11.88
C PHE B 469 5.68 3.06 12.40
N ALA B 470 4.74 2.57 11.58
CA ALA B 470 3.35 2.49 12.02
C ALA B 470 3.11 1.32 12.98
N GLN B 471 3.81 0.20 12.77
CA GLN B 471 3.59 -1.01 13.56
C GLN B 471 4.32 -0.99 14.90
N ILE B 472 4.95 0.11 15.27
CA ILE B 472 5.66 0.23 16.54
C ILE B 472 4.97 1.31 17.36
N GLN B 473 4.72 1.02 18.63
CA GLN B 473 3.99 1.90 19.55
C GLN B 473 4.67 3.26 19.75
N SER B 476 5.81 0.09 26.19
CA SER B 476 7.03 0.09 25.40
C SER B 476 7.46 1.52 25.13
N ILE B 477 8.35 2.04 25.97
CA ILE B 477 8.91 3.37 25.81
C ILE B 477 10.38 3.32 25.42
N LEU B 478 11.20 2.64 26.23
CA LEU B 478 12.62 2.51 25.92
C LEU B 478 12.83 1.63 24.70
N VAL B 479 12.00 0.59 24.54
CA VAL B 479 12.10 -0.26 23.36
C VAL B 479 11.62 0.51 22.13
N TRP B 480 10.66 1.41 22.31
CA TRP B 480 10.23 2.28 21.22
C TRP B 480 11.33 3.23 20.78
N LEU B 481 12.03 3.83 21.75
CA LEU B 481 13.17 4.69 21.43
C LEU B 481 14.28 3.92 20.74
N PHE B 482 14.51 2.67 21.18
CA PHE B 482 15.49 1.81 20.54
C PHE B 482 15.09 1.51 19.11
N SER B 483 13.80 1.24 18.87
CA SER B 483 13.31 0.99 17.53
C SER B 483 13.51 2.21 16.63
N ARG B 484 13.26 3.39 17.19
CA ARG B 484 13.40 4.62 16.42
C ARG B 484 14.84 4.86 16.00
N LEU B 485 15.79 4.87 16.94
CA LEU B 485 17.15 5.16 16.50
C LEU B 485 17.77 3.98 15.76
N TYR B 486 17.26 2.77 15.98
CA TYR B 486 17.61 1.62 15.15
C TYR B 486 17.28 1.87 13.69
N LEU B 487 16.02 2.26 13.42
CA LEU B 487 15.59 2.45 12.04
C LEU B 487 16.27 3.65 11.40
N TYR B 488 16.46 4.73 12.15
CA TYR B 488 17.13 5.90 11.58
C TYR B 488 18.61 5.61 11.30
N SER B 489 19.30 4.94 12.22
CA SER B 489 20.69 4.60 12.02
C SER B 489 20.87 3.64 10.86
N PHE B 490 19.97 2.64 10.77
CA PHE B 490 20.00 1.67 9.69
C PHE B 490 19.82 2.33 8.33
N ILE B 491 18.74 3.10 8.17
CA ILE B 491 18.43 3.71 6.89
C ILE B 491 19.51 4.72 6.50
N SER B 492 19.94 5.57 7.44
CA SER B 492 20.94 6.58 7.14
C SER B 492 22.26 5.95 6.75
N LEU B 493 22.75 5.00 7.57
CA LEU B 493 24.04 4.37 7.34
C LEU B 493 24.05 3.60 6.03
N PHE B 494 23.07 2.73 5.80
CA PHE B 494 23.11 1.91 4.59
C PHE B 494 22.86 2.73 3.33
N ILE B 495 21.79 3.55 3.30
CA ILE B 495 21.49 4.34 2.10
C ILE B 495 22.65 5.28 1.76
N TYR B 496 23.08 6.12 2.72
CA TYR B 496 24.15 7.05 2.40
C TYR B 496 25.49 6.35 2.18
N MET B 497 26.05 5.73 3.23
CA MET B 497 27.40 5.21 3.12
C MET B 497 27.48 3.85 2.44
N VAL B 498 26.43 3.40 1.75
CA VAL B 498 26.51 2.22 0.91
C VAL B 498 26.12 2.52 -0.52
N LEU B 499 25.00 3.24 -0.74
CA LEU B 499 24.65 3.62 -2.10
C LEU B 499 25.66 4.60 -2.67
N SER B 500 26.11 5.59 -1.87
CA SER B 500 27.11 6.52 -2.37
C SER B 500 28.45 5.82 -2.61
N LEU B 501 28.77 4.81 -1.81
CA LEU B 501 30.00 4.08 -2.01
C LEU B 501 29.93 3.21 -3.26
N PHE B 502 28.76 2.62 -3.55
CA PHE B 502 28.61 1.87 -4.79
C PHE B 502 28.67 2.77 -6.01
N ILE B 503 28.18 4.00 -5.88
CA ILE B 503 28.33 4.96 -6.97
C ILE B 503 29.80 5.34 -7.14
N ALA B 504 30.51 5.53 -6.03
CA ALA B 504 31.91 5.93 -6.08
C ALA B 504 32.81 4.83 -6.63
N LEU B 505 32.43 3.56 -6.46
CA LEU B 505 33.19 2.49 -7.10
C LEU B 505 33.03 2.52 -8.62
N ILE B 506 31.79 2.64 -9.08
CA ILE B 506 31.49 2.53 -10.50
C ILE B 506 32.01 3.75 -11.25
N THR B 507 31.94 4.92 -10.64
CA THR B 507 32.45 6.14 -11.27
C THR B 507 33.96 6.08 -11.45
N ASP B 508 34.66 5.55 -10.43
CA ASP B 508 36.09 5.37 -10.52
C ASP B 508 36.46 4.37 -11.62
N SER B 509 35.75 3.24 -11.67
CA SER B 509 36.02 2.23 -12.69
C SER B 509 35.75 2.76 -14.10
N TYR B 510 34.67 3.54 -14.24
CA TYR B 510 34.30 4.07 -15.55
C TYR B 510 35.29 5.13 -16.01
N HIS B 511 35.79 5.96 -15.10
CA HIS B 511 36.79 6.94 -15.51
C HIS B 511 38.14 6.31 -15.79
N THR B 512 38.50 5.23 -15.08
CA THR B 512 39.73 4.52 -15.44
C THR B 512 39.61 3.85 -16.81
N ILE B 513 38.43 3.35 -17.15
CA ILE B 513 38.27 2.74 -18.47
C ILE B 513 38.20 3.81 -19.56
N LYS B 514 37.68 4.99 -19.23
CA LYS B 514 37.74 6.11 -20.16
C LYS B 514 39.19 6.56 -20.41
N LYS B 515 40.00 6.56 -19.35
CA LYS B 515 41.42 6.85 -19.52
C LYS B 515 42.15 5.73 -20.27
N TYR B 516 41.67 4.50 -20.15
CA TYR B 516 42.26 3.42 -20.93
C TYR B 516 41.95 3.54 -22.41
N GLN B 517 40.75 4.00 -22.74
CA GLN B 517 40.42 4.26 -24.13
C GLN B 517 40.87 5.63 -24.60
N GLN B 518 41.49 6.43 -23.74
CA GLN B 518 42.21 7.60 -24.19
C GLN B 518 43.71 7.36 -24.14
N LYS C 65 9.34 35.08 -35.06
CA LYS C 65 8.68 33.83 -34.70
C LYS C 65 8.63 33.64 -33.20
N LEU C 66 8.52 34.75 -32.46
CA LEU C 66 8.34 34.69 -31.02
C LEU C 66 6.87 34.61 -30.66
N GLY C 67 6.08 35.62 -31.06
CA GLY C 67 4.66 35.63 -30.79
C GLY C 67 3.88 34.55 -31.49
N LEU C 68 4.25 34.22 -32.73
CA LEU C 68 3.59 33.15 -33.47
C LEU C 68 3.82 31.78 -32.84
N GLN C 69 4.91 31.60 -32.11
CA GLN C 69 5.19 30.33 -31.47
C GLN C 69 4.65 30.27 -30.05
N ILE C 70 4.72 31.38 -29.30
CA ILE C 70 4.08 31.43 -27.99
C ILE C 70 2.56 31.34 -28.11
N LEU C 71 2.01 31.88 -29.20
CA LEU C 71 0.59 31.71 -29.47
C LEU C 71 0.24 30.26 -29.75
N LYS C 72 1.15 29.52 -30.39
CA LYS C 72 0.98 28.08 -30.52
C LYS C 72 0.93 27.40 -29.16
N ILE C 73 1.87 27.77 -28.26
CA ILE C 73 1.91 27.18 -26.91
C ILE C 73 0.57 27.38 -26.20
N VAL C 74 0.11 28.64 -26.19
CA VAL C 74 -1.07 28.99 -25.41
C VAL C 74 -2.34 28.42 -26.05
N MET C 75 -2.48 28.53 -27.37
CA MET C 75 -3.70 28.06 -28.03
C MET C 75 -3.82 26.54 -27.98
N VAL C 76 -2.71 25.82 -28.17
CA VAL C 76 -2.80 24.37 -28.13
C VAL C 76 -2.98 23.88 -26.70
N THR C 77 -2.45 24.61 -25.70
CA THR C 77 -2.71 24.26 -24.32
C THR C 77 -4.19 24.47 -23.95
N THR C 78 -4.78 25.58 -24.40
CA THR C 78 -6.20 25.82 -24.13
C THR C 78 -7.08 24.82 -24.85
N GLN C 79 -6.73 24.46 -26.09
CA GLN C 79 -7.46 23.43 -26.83
C GLN C 79 -7.44 22.10 -26.09
N LEU C 80 -6.26 21.71 -25.59
CA LEU C 80 -6.17 20.43 -24.89
C LEU C 80 -6.90 20.47 -23.56
N VAL C 81 -6.88 21.60 -22.84
CA VAL C 81 -7.59 21.65 -21.56
C VAL C 81 -9.10 21.57 -21.77
N ARG C 82 -9.62 22.31 -22.75
CA ARG C 82 -11.06 22.26 -23.03
C ARG C 82 -11.49 20.89 -23.53
N PHE C 83 -10.71 20.28 -24.42
CA PHE C 83 -11.07 18.99 -24.99
C PHE C 83 -10.98 17.88 -23.96
N GLY C 84 -9.93 17.90 -23.13
CA GLY C 84 -9.80 16.91 -22.07
C GLY C 84 -10.86 17.05 -21.00
N LEU C 85 -11.30 18.28 -20.73
CA LEU C 85 -12.37 18.44 -19.74
C LEU C 85 -13.71 17.99 -20.30
N SER C 86 -13.94 18.21 -21.60
CA SER C 86 -15.15 17.70 -22.25
C SER C 86 -15.22 16.18 -22.19
N ASN C 87 -14.14 15.50 -22.60
CA ASN C 87 -14.14 14.05 -22.52
C ASN C 87 -14.13 13.55 -21.08
N GLN C 88 -13.60 14.32 -20.14
CA GLN C 88 -13.70 13.96 -18.72
C GLN C 88 -15.15 13.90 -18.28
N LEU C 89 -15.93 14.91 -18.66
CA LEU C 89 -17.35 14.94 -18.29
C LEU C 89 -18.12 13.79 -18.94
N VAL C 90 -17.86 13.53 -20.22
CA VAL C 90 -18.61 12.50 -20.93
C VAL C 90 -18.28 11.11 -20.40
N VAL C 91 -17.00 10.82 -20.19
CA VAL C 91 -16.65 9.50 -19.68
C VAL C 91 -17.02 9.37 -18.20
N ALA C 92 -17.14 10.49 -17.47
CA ALA C 92 -17.66 10.42 -16.11
C ALA C 92 -19.11 9.98 -16.11
N PHE C 93 -19.90 10.48 -17.07
CA PHE C 93 -21.27 10.00 -17.21
C PHE C 93 -21.32 8.53 -17.60
N LYS C 94 -20.43 8.11 -18.50
CA LYS C 94 -20.37 6.71 -18.92
C LYS C 94 -20.07 5.77 -17.76
N GLU C 95 -18.99 6.02 -17.02
CA GLU C 95 -18.68 5.12 -15.92
C GLU C 95 -19.62 5.27 -14.74
N ASP C 96 -20.26 6.43 -14.57
CA ASP C 96 -21.28 6.55 -13.53
C ASP C 96 -22.47 5.65 -13.84
N ASN C 97 -22.89 5.62 -15.10
CA ASN C 97 -23.96 4.70 -15.45
C ASN C 97 -23.55 3.25 -15.44
N THR C 98 -22.30 2.92 -15.75
CA THR C 98 -22.01 1.48 -15.68
C THR C 98 -21.77 1.00 -14.26
N VAL C 99 -21.33 1.87 -13.34
CA VAL C 99 -21.28 1.47 -11.95
C VAL C 99 -22.70 1.38 -11.39
N ALA C 100 -23.56 2.31 -11.78
CA ALA C 100 -24.95 2.23 -11.37
C ALA C 100 -25.74 1.18 -12.13
N PHE C 101 -25.13 0.50 -13.10
CA PHE C 101 -25.74 -0.73 -13.59
C PHE C 101 -25.23 -1.94 -12.83
N LYS C 102 -23.95 -1.94 -12.48
CA LYS C 102 -23.40 -3.05 -11.70
C LYS C 102 -24.03 -3.11 -10.32
N HIS C 103 -24.42 -1.98 -9.75
CA HIS C 103 -25.10 -2.02 -8.47
C HIS C 103 -26.56 -2.44 -8.57
N LEU C 104 -27.16 -2.37 -9.75
CA LEU C 104 -28.55 -2.77 -9.85
C LEU C 104 -28.72 -4.20 -10.30
N PHE C 105 -27.92 -4.64 -11.26
CA PHE C 105 -28.21 -5.88 -11.94
C PHE C 105 -27.30 -7.02 -11.51
N LEU C 106 -26.35 -6.78 -10.63
CA LEU C 106 -25.47 -7.82 -10.14
C LEU C 106 -25.76 -8.04 -8.67
N LYS C 107 -26.08 -9.27 -8.31
CA LYS C 107 -26.50 -9.55 -6.94
C LYS C 107 -25.30 -9.50 -6.00
N GLY C 108 -25.45 -8.77 -4.91
CA GLY C 108 -24.41 -8.67 -3.93
C GLY C 108 -23.20 -7.90 -4.38
N PHE C 109 -23.35 -7.02 -5.36
CA PHE C 109 -22.24 -6.18 -5.78
C PHE C 109 -21.97 -5.16 -4.69
N SER C 110 -20.85 -5.35 -3.98
CA SER C 110 -20.61 -4.69 -2.71
C SER C 110 -20.28 -3.22 -2.84
N GLY C 111 -19.94 -2.75 -4.03
CA GLY C 111 -19.38 -1.43 -4.18
C GLY C 111 -17.88 -1.42 -4.26
N VAL C 112 -17.21 -2.45 -3.74
CA VAL C 112 -15.80 -2.66 -4.03
C VAL C 112 -15.70 -3.05 -5.49
N ASP C 113 -15.19 -2.14 -6.32
CA ASP C 113 -15.04 -2.38 -7.75
C ASP C 113 -13.93 -3.40 -7.93
N GLU C 114 -14.35 -4.67 -8.02
CA GLU C 114 -13.44 -5.78 -7.74
C GLU C 114 -12.42 -5.97 -8.86
N ASP C 115 -12.89 -6.24 -10.07
CA ASP C 115 -11.99 -6.53 -11.17
C ASP C 115 -12.76 -6.22 -12.46
N ASP C 116 -12.23 -6.66 -13.60
CA ASP C 116 -13.01 -6.64 -14.82
C ASP C 116 -14.21 -7.56 -14.73
N TYR C 117 -14.11 -8.67 -14.00
CA TYR C 117 -15.29 -9.33 -13.50
C TYR C 117 -15.70 -8.61 -12.21
N SER C 118 -16.99 -8.37 -12.07
CA SER C 118 -17.42 -7.55 -10.95
C SER C 118 -17.57 -8.38 -9.69
N CYS C 119 -17.91 -9.65 -9.84
CA CYS C 119 -17.94 -10.61 -8.75
C CYS C 119 -17.86 -12.00 -9.37
N SER C 120 -17.76 -13.01 -8.52
CA SER C 120 -17.63 -14.38 -8.98
C SER C 120 -18.42 -15.31 -8.08
N ILE C 121 -19.08 -16.27 -8.68
CA ILE C 121 -19.94 -17.22 -7.97
C ILE C 121 -19.18 -18.53 -7.81
N TYR C 122 -19.26 -19.13 -6.63
CA TYR C 122 -18.62 -20.41 -6.40
C TYR C 122 -19.60 -21.53 -6.06
N THR C 123 -20.90 -21.29 -6.09
CA THR C 123 -21.85 -22.35 -5.80
C THR C 123 -22.86 -22.44 -6.92
N GLN C 124 -23.77 -23.40 -6.83
CA GLN C 124 -24.78 -23.56 -7.86
C GLN C 124 -26.14 -23.06 -7.41
N GLU C 125 -26.19 -22.20 -6.40
CA GLU C 125 -27.42 -21.55 -6.03
C GLU C 125 -27.35 -20.04 -6.17
N ASN C 126 -26.17 -19.46 -5.94
CA ASN C 126 -26.01 -18.05 -6.23
C ASN C 126 -26.05 -17.77 -7.72
N THR C 127 -25.80 -18.77 -8.57
CA THR C 127 -26.05 -18.62 -10.00
C THR C 127 -27.51 -18.35 -10.28
N TYR C 128 -28.39 -19.19 -9.75
CA TYR C 128 -29.82 -18.98 -9.95
C TYR C 128 -30.29 -17.69 -9.31
N GLU C 129 -29.77 -17.36 -8.13
CA GLU C 129 -30.15 -16.10 -7.50
C GLU C 129 -29.67 -14.90 -8.29
N SER C 130 -28.50 -14.98 -8.93
CA SER C 130 -28.03 -13.84 -9.71
C SER C 130 -28.78 -13.70 -11.01
N ILE C 131 -29.13 -14.81 -11.66
CA ILE C 131 -29.90 -14.74 -12.90
C ILE C 131 -31.30 -14.19 -12.64
N PHE C 132 -31.98 -14.78 -11.66
CA PHE C 132 -33.32 -14.33 -11.32
C PHE C 132 -33.30 -12.92 -10.75
N PHE C 133 -32.21 -12.55 -10.09
CA PHE C 133 -32.07 -11.19 -9.60
C PHE C 133 -31.93 -10.22 -10.75
N ALA C 134 -31.14 -10.55 -11.78
CA ALA C 134 -30.97 -9.65 -12.91
C ALA C 134 -32.28 -9.47 -13.66
N ILE C 135 -33.05 -10.54 -13.81
CA ILE C 135 -34.33 -10.43 -14.50
C ILE C 135 -35.34 -9.63 -13.67
N LYS C 136 -35.36 -9.81 -12.35
CA LYS C 136 -36.33 -9.09 -11.55
C LYS C 136 -35.96 -7.61 -11.42
N GLN C 137 -34.68 -7.30 -11.35
CA GLN C 137 -34.28 -5.90 -11.34
C GLN C 137 -34.54 -5.24 -12.68
N TYR C 138 -34.42 -5.98 -13.78
CA TYR C 138 -34.82 -5.42 -15.06
C TYR C 138 -36.32 -5.18 -15.13
N ARG C 139 -37.11 -6.03 -14.48
CA ARG C 139 -38.54 -5.81 -14.51
C ARG C 139 -38.94 -4.61 -13.67
N HIS C 140 -38.31 -4.44 -12.51
CA HIS C 140 -38.65 -3.31 -11.64
C HIS C 140 -37.71 -2.13 -11.79
N LEU C 141 -37.02 -2.06 -12.94
CA LEU C 141 -36.12 -0.94 -13.29
C LEU C 141 -36.70 0.43 -13.02
N LYS C 142 -37.99 0.63 -13.31
CA LYS C 142 -38.60 1.93 -13.13
C LYS C 142 -38.71 2.30 -11.65
N ASN C 143 -38.94 1.33 -10.77
CA ASN C 143 -38.94 1.63 -9.34
C ASN C 143 -37.53 1.64 -8.78
N ILE C 144 -36.68 0.74 -9.24
CA ILE C 144 -35.41 0.50 -8.57
C ILE C 144 -34.41 1.61 -8.88
N SER C 145 -34.22 1.94 -10.15
CA SER C 145 -33.19 2.90 -10.51
C SER C 145 -33.61 4.31 -10.16
N LEU C 146 -32.66 5.22 -10.28
CA LEU C 146 -32.87 6.62 -9.96
C LEU C 146 -32.18 7.55 -10.94
N ALA C 147 -31.71 7.02 -12.06
CA ALA C 147 -31.43 7.82 -13.24
C ALA C 147 -32.74 8.00 -14.01
N THR C 148 -32.65 8.49 -15.25
CA THR C 148 -33.85 8.73 -16.05
C THR C 148 -34.08 7.58 -17.02
N LEU C 149 -33.82 6.37 -16.58
CA LEU C 149 -33.70 5.25 -17.49
C LEU C 149 -35.07 4.74 -17.93
N GLY C 150 -35.06 4.10 -19.10
CA GLY C 150 -36.28 3.57 -19.67
C GLY C 150 -35.92 2.49 -20.66
N TYR C 151 -36.91 1.66 -20.96
CA TYR C 151 -36.67 0.47 -21.76
C TYR C 151 -36.48 0.85 -23.23
N GLY C 152 -35.52 0.19 -23.88
CA GLY C 152 -35.24 0.50 -25.27
C GLY C 152 -35.40 -0.70 -26.19
N GLU C 153 -34.60 -0.76 -27.25
CA GLU C 153 -34.61 -1.88 -28.18
C GLU C 153 -33.20 -2.27 -28.60
N ASP C 156 -32.89 -6.47 -32.02
CA ASP C 156 -34.06 -7.33 -32.05
C ASP C 156 -35.33 -6.55 -32.39
N ASN C 157 -35.21 -5.22 -32.34
CA ASN C 157 -36.27 -4.25 -32.60
C ASN C 157 -37.46 -4.42 -31.64
N ARG C 158 -37.22 -5.00 -30.46
CA ARG C 158 -38.25 -5.25 -29.47
C ARG C 158 -37.72 -4.82 -28.12
N THR C 159 -38.60 -4.78 -27.13
CA THR C 159 -38.17 -4.49 -25.77
C THR C 159 -37.89 -5.81 -25.05
N GLY C 160 -37.62 -5.74 -23.77
CA GLY C 160 -37.47 -6.92 -22.95
C GLY C 160 -36.14 -7.61 -23.15
N LEU C 161 -35.96 -8.69 -22.41
CA LEU C 161 -34.67 -9.36 -22.31
C LEU C 161 -34.43 -10.27 -23.50
N LYS C 162 -33.25 -10.87 -23.49
CA LYS C 162 -32.90 -11.90 -24.46
C LYS C 162 -31.82 -12.73 -23.81
N VAL C 163 -32.19 -13.90 -23.28
CA VAL C 163 -31.27 -14.73 -22.52
C VAL C 163 -30.78 -15.82 -23.44
N CYS C 164 -29.49 -15.80 -23.76
CA CYS C 164 -28.86 -16.84 -24.55
C CYS C 164 -27.98 -17.64 -23.61
N LYS C 165 -28.12 -18.96 -23.63
CA LYS C 165 -27.22 -19.79 -22.84
C LYS C 165 -26.55 -20.79 -23.76
N GLN C 166 -25.32 -21.15 -23.42
CA GLN C 166 -24.48 -22.00 -24.23
C GLN C 166 -24.07 -23.22 -23.43
N HIS C 167 -24.08 -24.37 -24.08
CA HIS C 167 -23.80 -25.62 -23.39
C HIS C 167 -23.30 -26.65 -24.39
N TYR C 168 -22.57 -27.62 -23.88
CA TYR C 168 -22.06 -28.69 -24.72
C TYR C 168 -23.18 -29.63 -25.13
N LYS C 169 -23.00 -30.27 -26.27
CA LYS C 169 -23.98 -31.21 -26.80
C LYS C 169 -23.86 -32.49 -25.98
N THR C 170 -24.66 -32.55 -24.92
CA THR C 170 -24.73 -33.66 -23.95
C THR C 170 -23.38 -34.05 -23.35
N ASP C 183 -19.74 -33.14 -25.18
CA ASP C 183 -19.01 -33.82 -26.25
C ASP C 183 -18.10 -32.84 -26.98
N SER C 184 -18.53 -32.37 -28.15
CA SER C 184 -17.71 -31.47 -28.96
C SER C 184 -18.37 -30.13 -29.23
N ASP C 185 -19.64 -30.12 -29.61
CA ASP C 185 -20.26 -28.92 -30.13
C ASP C 185 -20.83 -28.07 -29.00
N ILE C 186 -20.59 -26.77 -29.08
CA ILE C 186 -21.21 -25.83 -28.14
C ILE C 186 -22.39 -25.21 -28.85
N GLU C 187 -23.56 -25.82 -28.73
CA GLU C 187 -24.74 -25.18 -29.27
C GLU C 187 -25.26 -24.17 -28.27
N THR C 188 -26.16 -23.32 -28.72
CA THR C 188 -26.74 -22.33 -27.83
C THR C 188 -28.25 -22.38 -27.94
N ASP C 189 -28.90 -21.99 -26.85
CA ASP C 189 -30.35 -21.92 -26.77
C ASP C 189 -30.68 -20.52 -26.27
N CYS C 190 -31.26 -19.69 -27.12
CA CYS C 190 -31.47 -18.29 -26.78
C CYS C 190 -32.96 -17.99 -26.79
N ILE C 191 -33.53 -17.72 -25.63
CA ILE C 191 -34.95 -17.46 -25.48
C ILE C 191 -35.16 -16.00 -25.09
N HIS C 192 -36.00 -15.33 -25.86
CA HIS C 192 -36.31 -13.92 -25.67
C HIS C 192 -37.45 -13.79 -24.68
N LEU C 193 -37.44 -12.70 -23.92
CA LEU C 193 -38.45 -12.45 -22.90
C LEU C 193 -38.98 -11.03 -23.07
N ASP C 194 -40.22 -10.91 -23.54
CA ASP C 194 -40.83 -9.58 -23.60
C ASP C 194 -41.23 -9.12 -22.21
N LEU C 195 -41.40 -7.81 -22.08
CA LEU C 195 -41.70 -7.24 -20.77
C LEU C 195 -43.13 -7.56 -20.34
N GLN C 196 -44.02 -7.85 -21.30
CA GLN C 196 -45.35 -8.30 -20.94
C GLN C 196 -45.33 -9.73 -20.40
N VAL C 197 -44.34 -10.52 -20.81
CA VAL C 197 -44.18 -11.84 -20.25
C VAL C 197 -43.65 -11.74 -18.82
N LEU C 198 -42.79 -10.76 -18.57
CA LEU C 198 -42.28 -10.56 -17.22
C LEU C 198 -43.36 -10.00 -16.29
N THR C 199 -44.18 -9.08 -16.77
CA THR C 199 -45.16 -8.43 -15.92
C THR C 199 -46.47 -9.20 -15.81
N THR C 200 -46.47 -10.51 -16.05
CA THR C 200 -47.63 -11.30 -15.70
C THR C 200 -47.74 -11.43 -14.19
N GLU C 201 -48.95 -11.73 -13.73
CA GLU C 201 -49.17 -11.92 -12.30
C GLU C 201 -48.46 -13.15 -11.73
N PRO C 202 -48.37 -14.31 -12.41
CA PRO C 202 -47.41 -15.31 -11.95
C PRO C 202 -46.03 -15.07 -12.55
N GLU C 203 -45.01 -15.65 -11.90
CA GLU C 203 -43.66 -15.66 -12.45
C GLU C 203 -43.45 -16.98 -13.18
N ASP C 204 -44.28 -17.19 -14.21
CA ASP C 204 -44.32 -18.45 -14.93
C ASP C 204 -43.10 -18.70 -15.80
N TRP C 205 -42.34 -17.66 -16.15
CA TRP C 205 -41.08 -17.86 -16.85
C TRP C 205 -40.03 -18.51 -15.97
N ALA C 206 -40.14 -18.37 -14.65
CA ALA C 206 -39.15 -18.91 -13.75
C ALA C 206 -39.24 -20.42 -13.57
N GLN C 207 -40.28 -21.06 -14.10
CA GLN C 207 -40.42 -22.51 -14.02
C GLN C 207 -40.39 -23.17 -15.39
N THR C 208 -39.97 -22.48 -16.43
CA THR C 208 -39.74 -23.17 -17.69
C THR C 208 -38.47 -24.00 -17.59
N SER C 209 -38.34 -24.97 -18.50
CA SER C 209 -37.18 -25.84 -18.50
C SER C 209 -35.92 -25.14 -18.98
N PHE C 210 -36.05 -23.95 -19.57
CA PHE C 210 -34.87 -23.21 -20.02
C PHE C 210 -34.04 -22.72 -18.86
N PHE C 211 -34.65 -22.52 -17.70
CA PHE C 211 -33.90 -22.16 -16.51
C PHE C 211 -33.55 -23.37 -15.66
N ARG C 212 -33.51 -24.55 -16.26
CA ARG C 212 -32.82 -25.68 -15.65
C ARG C 212 -31.42 -25.72 -16.26
N LEU C 213 -30.42 -25.77 -15.40
CA LEU C 213 -29.04 -25.67 -15.85
C LEU C 213 -28.31 -26.94 -15.49
N ASP C 214 -27.54 -27.47 -16.44
CA ASP C 214 -26.68 -28.60 -16.19
C ASP C 214 -25.29 -28.04 -15.98
N PHE C 215 -24.84 -27.99 -14.74
CA PHE C 215 -23.54 -27.42 -14.46
C PHE C 215 -22.40 -28.36 -14.79
N TYR C 216 -22.70 -29.60 -15.18
CA TYR C 216 -21.69 -30.44 -15.79
C TYR C 216 -21.27 -29.89 -17.14
N ARG C 217 -22.20 -29.29 -17.87
CA ARG C 217 -21.95 -28.97 -19.27
C ARG C 217 -22.40 -27.57 -19.65
N LEU C 218 -22.56 -26.67 -18.71
CA LEU C 218 -22.91 -25.30 -19.03
C LEU C 218 -21.66 -24.53 -19.45
N VAL C 219 -21.75 -23.78 -20.54
CA VAL C 219 -20.62 -22.96 -20.97
C VAL C 219 -20.79 -21.54 -20.48
N GLN C 220 -21.83 -20.85 -20.93
CA GLN C 220 -22.10 -19.54 -20.37
C GLN C 220 -23.58 -19.23 -20.48
N VAL C 221 -24.01 -18.25 -19.71
CA VAL C 221 -25.35 -17.71 -19.77
C VAL C 221 -25.22 -16.21 -19.93
N ASP C 222 -25.88 -15.65 -20.94
CA ASP C 222 -25.76 -14.24 -21.24
C ASP C 222 -27.13 -13.60 -21.16
N ILE C 223 -27.22 -12.50 -20.42
CA ILE C 223 -28.44 -11.72 -20.34
C ILE C 223 -28.17 -10.37 -20.97
N SER C 224 -29.01 -9.98 -21.91
CA SER C 224 -28.80 -8.76 -22.68
C SER C 224 -30.10 -8.00 -22.80
N PHE C 225 -29.99 -6.68 -22.83
CA PHE C 225 -31.14 -5.79 -22.87
C PHE C 225 -30.65 -4.40 -23.24
N ALA C 226 -31.59 -3.50 -23.46
CA ALA C 226 -31.27 -2.18 -24.00
C ALA C 226 -31.98 -1.10 -23.23
N LEU C 227 -31.20 -0.15 -22.70
CA LEU C 227 -31.73 0.89 -21.84
C LEU C 227 -31.37 2.24 -22.46
N LYS C 228 -32.32 3.16 -22.49
CA LYS C 228 -32.01 4.52 -22.89
C LYS C 228 -31.99 5.42 -21.68
N GLY C 229 -31.13 6.43 -21.70
CA GLY C 229 -31.02 7.33 -20.59
C GLY C 229 -30.69 8.75 -21.00
N ILE C 230 -31.53 9.68 -20.61
CA ILE C 230 -31.30 11.08 -20.94
C ILE C 230 -30.26 11.62 -19.98
N ASP C 231 -29.29 12.36 -20.50
CA ASP C 231 -28.43 13.14 -19.63
C ASP C 231 -29.17 14.41 -19.24
N LEU C 232 -29.02 14.82 -17.99
CA LEU C 232 -29.56 16.07 -17.53
C LEU C 232 -28.50 16.96 -16.92
N GLN C 233 -27.26 16.49 -16.81
CA GLN C 233 -26.17 17.39 -16.46
C GLN C 233 -25.89 18.35 -17.59
N ALA C 234 -26.17 17.95 -18.84
CA ALA C 234 -26.13 18.87 -19.96
C ALA C 234 -27.22 19.93 -19.83
N VAL C 235 -28.40 19.55 -19.35
CA VAL C 235 -29.44 20.54 -19.11
C VAL C 235 -29.09 21.39 -17.91
N HIS C 236 -28.33 20.84 -16.97
CA HIS C 236 -27.84 21.60 -15.83
C HIS C 236 -26.83 22.64 -16.31
N SER C 237 -27.25 23.91 -16.29
CA SER C 237 -26.43 25.09 -16.53
C SER C 237 -25.85 25.15 -17.94
N ARG C 238 -26.48 24.47 -18.90
CA ARG C 238 -26.05 24.54 -20.29
C ARG C 238 -27.27 24.32 -21.17
N GLU C 239 -27.05 24.01 -22.44
CA GLU C 239 -28.15 23.86 -23.38
C GLU C 239 -28.72 22.44 -23.31
N ILE C 240 -29.92 22.30 -23.87
CA ILE C 240 -30.81 21.17 -23.63
C ILE C 240 -30.35 19.83 -24.22
N PRO C 241 -30.19 19.66 -25.54
CA PRO C 241 -30.41 18.32 -26.13
C PRO C 241 -29.28 17.35 -25.84
N ASP C 242 -29.64 16.16 -25.37
CA ASP C 242 -28.78 14.99 -25.27
C ASP C 242 -29.66 13.77 -25.00
N CYS C 243 -29.28 12.63 -25.59
CA CYS C 243 -29.89 11.35 -25.30
C CYS C 243 -28.81 10.28 -25.37
N TYR C 244 -29.16 9.07 -24.96
CA TYR C 244 -28.24 7.94 -25.02
C TYR C 244 -29.00 6.67 -25.31
N LEU C 245 -28.25 5.59 -25.44
CA LEU C 245 -28.82 4.25 -25.51
C LEU C 245 -27.76 3.26 -25.09
N PHE C 246 -28.05 2.50 -24.05
CA PHE C 246 -27.13 1.54 -23.47
C PHE C 246 -27.50 0.15 -23.94
N GLN C 247 -26.51 -0.67 -24.21
CA GLN C 247 -26.77 -2.05 -24.58
C GLN C 247 -25.94 -2.93 -23.64
N ASN C 248 -26.58 -3.37 -22.57
CA ASN C 248 -25.91 -4.13 -21.53
C ASN C 248 -25.88 -5.60 -21.89
N THR C 249 -24.86 -6.30 -21.39
CA THR C 249 -24.75 -7.73 -21.59
C THR C 249 -24.17 -8.32 -20.32
N ILE C 250 -25.05 -8.89 -19.51
CA ILE C 250 -24.63 -9.58 -18.30
C ILE C 250 -24.29 -11.01 -18.69
N THR C 251 -23.07 -11.44 -18.41
CA THR C 251 -22.61 -12.76 -18.80
C THR C 251 -22.25 -13.57 -17.58
N PHE C 252 -22.32 -14.87 -17.70
CA PHE C 252 -21.96 -15.80 -16.64
C PHE C 252 -20.90 -16.74 -17.20
N ASP C 253 -19.66 -16.31 -17.10
CA ASP C 253 -18.56 -16.92 -17.83
C ASP C 253 -18.10 -18.17 -17.09
N ASN C 254 -18.52 -19.34 -17.56
CA ASN C 254 -18.02 -20.61 -17.04
C ASN C 254 -17.30 -21.34 -18.15
N THR C 255 -16.07 -20.93 -18.44
CA THR C 255 -15.31 -21.58 -19.50
C THR C 255 -14.17 -22.41 -18.93
N ALA C 256 -13.41 -21.85 -18.00
CA ALA C 256 -12.57 -22.70 -17.18
C ALA C 256 -13.50 -23.46 -16.26
N HIS C 257 -13.91 -24.66 -16.67
CA HIS C 257 -14.94 -25.43 -15.97
C HIS C 257 -14.30 -25.93 -14.67
N SER C 258 -14.24 -25.03 -13.70
CA SER C 258 -13.40 -25.19 -12.54
C SER C 258 -14.12 -24.70 -11.31
N GLY C 259 -15.44 -24.80 -11.31
CA GLY C 259 -16.22 -24.42 -10.14
C GLY C 259 -16.24 -22.94 -9.87
N LYS C 260 -16.17 -22.11 -10.89
CA LYS C 260 -16.19 -20.67 -10.69
C LYS C 260 -16.79 -19.99 -11.89
N ILE C 261 -17.95 -19.39 -11.71
CA ILE C 261 -18.57 -18.53 -12.72
C ILE C 261 -18.18 -17.11 -12.41
N LYS C 262 -17.63 -16.41 -13.39
CA LYS C 262 -17.39 -14.99 -13.29
C LYS C 262 -18.60 -14.28 -13.88
N ILE C 263 -18.84 -13.05 -13.43
CA ILE C 263 -19.94 -12.25 -13.94
C ILE C 263 -19.37 -10.96 -14.51
N TYR C 264 -19.81 -10.61 -15.71
CA TYR C 264 -19.42 -9.36 -16.35
C TYR C 264 -20.66 -8.50 -16.51
N LEU C 265 -20.46 -7.20 -16.69
CA LEU C 265 -21.49 -6.35 -17.26
C LEU C 265 -20.81 -5.51 -18.33
N ASN C 266 -20.97 -5.91 -19.57
CA ASN C 266 -20.40 -5.19 -20.70
C ASN C 266 -21.46 -4.20 -21.19
N SER C 267 -21.21 -2.93 -21.00
CA SER C 267 -22.14 -1.88 -21.38
C SER C 267 -21.60 -1.10 -22.56
N GLU C 268 -22.51 -0.65 -23.42
CA GLU C 268 -22.17 0.26 -24.50
C GLU C 268 -22.98 1.54 -24.32
N ALA C 269 -22.72 2.50 -25.20
CA ALA C 269 -23.43 3.77 -25.16
C ALA C 269 -23.23 4.47 -26.51
N ASN C 270 -24.32 4.99 -27.06
CA ASN C 270 -24.25 5.72 -28.31
C ASN C 270 -25.46 6.63 -28.44
N ILE C 271 -25.23 7.83 -28.95
CA ILE C 271 -26.23 8.88 -28.94
C ILE C 271 -27.32 8.56 -29.96
N GLU C 272 -28.54 9.03 -29.70
CA GLU C 272 -29.55 9.20 -30.72
C GLU C 272 -30.37 10.44 -30.37
N GLU C 273 -31.40 10.71 -31.16
CA GLU C 273 -32.29 11.82 -30.87
C GLU C 273 -33.47 11.37 -30.02
N CYS C 274 -34.26 12.34 -29.57
CA CYS C 274 -35.48 12.04 -28.83
C CYS C 274 -36.63 12.93 -29.29
N LEU C 290 -17.49 25.68 -30.23
CA LEU C 290 -17.06 26.49 -31.36
C LEU C 290 -15.96 25.81 -32.15
N LEU C 291 -16.12 25.78 -33.47
CA LEU C 291 -15.05 25.38 -34.38
C LEU C 291 -14.11 26.53 -34.70
N VAL C 292 -14.40 27.74 -34.19
CA VAL C 292 -13.55 28.90 -34.46
C VAL C 292 -12.18 28.72 -33.83
N PHE C 293 -12.13 28.27 -32.58
CA PHE C 293 -10.87 27.98 -31.91
C PHE C 293 -10.12 26.85 -32.60
N ASP C 294 -10.85 25.87 -33.13
CA ASP C 294 -10.17 24.71 -33.69
C ASP C 294 -9.56 25.02 -35.06
N VAL C 295 -10.32 25.71 -35.92
CA VAL C 295 -9.78 26.17 -37.20
C VAL C 295 -8.72 27.25 -36.96
N PHE C 296 -8.81 27.98 -35.85
CA PHE C 296 -7.79 28.94 -35.46
C PHE C 296 -6.47 28.26 -35.16
N VAL C 297 -6.51 27.15 -34.41
CA VAL C 297 -5.31 26.37 -34.14
C VAL C 297 -4.78 25.73 -35.43
N ILE C 298 -5.69 25.33 -36.33
CA ILE C 298 -5.29 24.79 -37.63
C ILE C 298 -4.51 25.84 -38.42
N MET C 299 -5.00 27.08 -38.46
CA MET C 299 -4.32 28.15 -39.18
C MET C 299 -2.97 28.48 -38.55
N ILE C 300 -2.90 28.50 -37.22
CA ILE C 300 -1.64 28.76 -36.51
C ILE C 300 -0.61 27.69 -36.83
N CYS C 301 -1.01 26.42 -36.76
CA CYS C 301 -0.06 25.35 -37.00
C CYS C 301 0.31 25.23 -38.47
N LEU C 302 -0.58 25.58 -39.39
CA LEU C 302 -0.20 25.62 -40.81
C LEU C 302 0.79 26.73 -41.10
N ALA C 303 0.57 27.92 -40.52
CA ALA C 303 1.51 29.02 -40.73
C ALA C 303 2.87 28.70 -40.12
N SER C 304 2.88 28.11 -38.92
CA SER C 304 4.14 27.72 -38.30
C SER C 304 4.81 26.60 -39.07
N LEU C 305 4.04 25.71 -39.68
CA LEU C 305 4.61 24.64 -40.49
C LEU C 305 5.27 25.19 -41.75
N ILE C 306 4.61 26.14 -42.42
CA ILE C 306 5.18 26.73 -43.63
C ILE C 306 6.44 27.53 -43.29
N LEU C 307 6.42 28.30 -42.20
CA LEU C 307 7.58 29.12 -41.85
C LEU C 307 8.73 28.26 -41.34
N CYS C 308 8.43 27.17 -40.64
CA CYS C 308 9.50 26.27 -40.22
C CYS C 308 10.06 25.47 -41.39
N THR C 309 9.25 25.20 -42.42
CA THR C 309 9.84 24.62 -43.63
C THR C 309 10.68 25.63 -44.40
N ARG C 310 10.35 26.93 -44.31
CA ARG C 310 11.26 27.95 -44.84
C ARG C 310 12.59 27.93 -44.10
N SER C 311 12.54 27.77 -42.77
CA SER C 311 13.78 27.61 -42.00
C SER C 311 14.52 26.33 -42.35
N ILE C 312 13.80 25.25 -42.63
CA ILE C 312 14.42 23.98 -43.00
C ILE C 312 15.14 24.10 -44.34
N VAL C 313 14.47 24.69 -45.35
CA VAL C 313 15.12 24.82 -46.65
C VAL C 313 16.22 25.87 -46.62
N LEU C 314 16.15 26.84 -45.71
CA LEU C 314 17.27 27.76 -45.49
C LEU C 314 18.47 27.01 -44.92
N ALA C 315 18.25 26.12 -43.95
CA ALA C 315 19.34 25.33 -43.41
C ALA C 315 19.86 24.30 -44.41
N LEU C 316 19.01 23.85 -45.34
CA LEU C 316 19.46 22.93 -46.39
C LEU C 316 20.36 23.65 -47.39
N ARG C 317 19.94 24.83 -47.85
CA ARG C 317 20.75 25.56 -48.80
C ARG C 317 21.99 26.18 -48.16
N LEU C 318 21.99 26.37 -46.84
CA LEU C 318 23.20 26.83 -46.18
C LEU C 318 24.21 25.71 -46.02
N ARG C 319 23.76 24.53 -45.59
CA ARG C 319 24.63 23.37 -45.47
C ARG C 319 24.84 22.70 -46.82
N GLY C 345 17.93 18.82 -33.80
CA GLY C 345 16.93 19.33 -34.71
C GLY C 345 15.62 19.66 -34.02
N TRP C 346 15.56 20.86 -33.44
CA TRP C 346 14.36 21.27 -32.73
C TRP C 346 13.22 21.65 -33.68
N TYR C 347 13.56 22.20 -34.84
CA TYR C 347 12.55 22.57 -35.82
C TYR C 347 11.85 21.35 -36.39
N VAL C 348 12.54 20.20 -36.38
CA VAL C 348 11.89 18.93 -36.69
C VAL C 348 10.77 18.64 -35.71
N LEU C 349 11.03 18.85 -34.41
CA LEU C 349 10.00 18.64 -33.40
C LEU C 349 8.89 19.68 -33.50
N VAL C 350 9.21 20.89 -33.95
CA VAL C 350 8.17 21.91 -34.13
C VAL C 350 7.25 21.52 -35.29
N THR C 351 7.83 21.01 -36.39
CA THR C 351 7.00 20.53 -37.49
C THR C 351 6.21 19.28 -37.10
N ILE C 352 6.78 18.42 -36.25
CA ILE C 352 6.04 17.28 -35.73
C ILE C 352 4.84 17.74 -34.92
N SER C 353 5.05 18.74 -34.04
CA SER C 353 3.95 19.29 -33.26
C SER C 353 2.88 19.93 -34.14
N ASP C 354 3.30 20.56 -35.24
CA ASP C 354 2.36 21.09 -36.22
C ASP C 354 1.50 19.98 -36.80
N LEU C 355 2.13 18.88 -37.23
CA LEU C 355 1.39 17.77 -37.83
C LEU C 355 0.46 17.10 -36.83
N MET C 356 0.91 16.91 -35.59
CA MET C 356 0.09 16.24 -34.60
C MET C 356 -1.11 17.10 -34.20
N THR C 357 -0.93 18.42 -34.06
CA THR C 357 -2.08 19.27 -33.75
C THR C 357 -3.06 19.35 -34.91
N ILE C 358 -2.56 19.38 -36.16
CA ILE C 358 -3.48 19.48 -37.30
C ILE C 358 -4.28 18.19 -37.47
N ILE C 359 -3.63 17.04 -37.34
CA ILE C 359 -4.34 15.77 -37.51
C ILE C 359 -5.26 15.51 -36.31
N GLY C 360 -4.84 15.95 -35.12
CA GLY C 360 -5.73 15.90 -33.97
C GLY C 360 -6.93 16.80 -34.11
N SER C 361 -6.76 17.95 -34.77
CA SER C 361 -7.89 18.82 -35.05
C SER C 361 -8.80 18.26 -36.14
N ILE C 362 -8.25 17.49 -37.07
CA ILE C 362 -9.09 16.80 -38.07
C ILE C 362 -9.94 15.73 -37.38
N LEU C 363 -9.33 14.91 -36.54
CA LEU C 363 -10.10 13.88 -35.84
C LEU C 363 -11.03 14.47 -34.78
N LYS C 364 -10.69 15.65 -34.25
CA LYS C 364 -11.64 16.35 -33.39
C LYS C 364 -12.80 16.92 -34.21
N MET C 365 -12.54 17.28 -35.47
CA MET C 365 -13.58 17.87 -36.31
C MET C 365 -14.61 16.82 -36.72
N GLU C 366 -14.17 15.79 -37.43
CA GLU C 366 -15.08 14.75 -37.90
C GLU C 366 -15.49 13.80 -36.77
N ASP C 376 -9.38 7.63 -27.25
CA ASP C 376 -9.42 8.07 -28.64
C ASP C 376 -8.03 8.22 -29.22
N VAL C 377 -7.99 8.36 -30.54
CA VAL C 377 -6.73 8.60 -31.23
C VAL C 377 -6.36 10.08 -31.17
N CYS C 378 -7.38 10.94 -31.30
CA CYS C 378 -7.17 12.38 -31.24
C CYS C 378 -6.65 12.83 -29.87
N SER C 379 -7.05 12.12 -28.81
CA SER C 379 -6.50 12.38 -27.49
C SER C 379 -5.00 12.11 -27.44
N ILE C 380 -4.55 11.02 -28.06
CA ILE C 380 -3.13 10.69 -28.09
C ILE C 380 -2.36 11.70 -28.93
N LEU C 381 -2.96 12.12 -30.05
CA LEU C 381 -2.31 13.12 -30.91
C LEU C 381 -2.13 14.45 -30.20
N LEU C 382 -3.19 14.94 -29.55
CA LEU C 382 -3.07 16.21 -28.83
C LEU C 382 -2.16 16.10 -27.61
N GLY C 383 -2.14 14.94 -26.95
CA GLY C 383 -1.27 14.79 -25.79
C GLY C 383 0.19 14.80 -26.16
N THR C 384 0.56 14.03 -27.20
CA THR C 384 1.95 14.05 -27.66
C THR C 384 2.32 15.42 -28.24
N SER C 385 1.38 16.10 -28.89
CA SER C 385 1.67 17.40 -29.46
C SER C 385 1.96 18.42 -28.38
N THR C 386 1.19 18.42 -27.29
CA THR C 386 1.49 19.34 -26.20
C THR C 386 2.75 18.95 -25.46
N LEU C 387 3.08 17.66 -25.40
CA LEU C 387 4.34 17.26 -24.80
C LEU C 387 5.52 17.83 -25.59
N PHE C 388 5.49 17.72 -26.92
CA PHE C 388 6.57 18.29 -27.69
C PHE C 388 6.50 19.82 -27.73
N VAL C 389 5.33 20.40 -27.52
CA VAL C 389 5.19 21.85 -27.32
C VAL C 389 5.98 22.30 -26.10
N TRP C 390 5.82 21.62 -24.97
CA TRP C 390 6.58 22.06 -23.79
C TRP C 390 8.05 21.68 -23.88
N VAL C 391 8.40 20.66 -24.67
CA VAL C 391 9.81 20.40 -24.95
C VAL C 391 10.43 21.53 -25.80
N GLY C 392 9.64 22.08 -26.73
CA GLY C 392 10.10 23.25 -27.46
C GLY C 392 10.24 24.48 -26.58
N VAL C 393 9.39 24.60 -25.55
CA VAL C 393 9.59 25.66 -24.56
C VAL C 393 10.90 25.44 -23.82
N ILE C 394 11.24 24.18 -23.52
CA ILE C 394 12.52 23.87 -22.89
C ILE C 394 13.69 24.20 -23.81
N ARG C 395 13.48 24.12 -25.14
CA ARG C 395 14.46 24.64 -26.08
C ARG C 395 14.62 26.16 -25.94
N TYR C 396 13.51 26.89 -25.97
CA TYR C 396 13.56 28.35 -25.85
C TYR C 396 14.00 28.83 -24.48
N LEU C 397 14.13 27.96 -23.48
CA LEU C 397 14.86 28.33 -22.26
C LEU C 397 16.36 28.37 -22.48
N GLY C 398 16.85 27.84 -23.60
CA GLY C 398 18.29 27.70 -23.83
C GLY C 398 19.03 28.96 -24.18
N TYR C 399 18.36 30.12 -24.25
CA TYR C 399 19.08 31.36 -24.47
C TYR C 399 19.92 31.74 -23.27
N PHE C 400 19.42 31.46 -22.07
CA PHE C 400 20.28 31.49 -20.89
C PHE C 400 21.21 30.30 -20.93
N GLN C 401 22.48 30.53 -20.61
CA GLN C 401 23.51 29.56 -20.91
C GLN C 401 23.54 28.39 -19.92
N THR C 402 22.91 28.51 -18.76
CA THR C 402 22.82 27.37 -17.84
C THR C 402 21.91 26.28 -18.40
N TYR C 403 20.76 26.69 -18.94
CA TYR C 403 19.90 25.76 -19.68
C TYR C 403 20.59 25.21 -20.92
N ASN C 404 21.49 26.00 -21.53
CA ASN C 404 22.31 25.50 -22.62
C ASN C 404 23.24 24.40 -22.15
N VAL C 405 23.83 24.55 -20.95
CA VAL C 405 24.69 23.52 -20.37
C VAL C 405 23.89 22.24 -20.13
N LEU C 406 22.69 22.37 -19.57
CA LEU C 406 21.88 21.18 -19.29
C LEU C 406 21.42 20.50 -20.56
N ILE C 407 21.03 21.28 -21.57
CA ILE C 407 20.55 20.70 -22.83
C ILE C 407 21.68 20.03 -23.58
N LEU C 408 22.88 20.63 -23.56
CA LEU C 408 24.02 19.98 -24.20
C LEU C 408 24.46 18.74 -23.45
N THR C 409 24.29 18.73 -22.12
CA THR C 409 24.56 17.53 -21.34
C THR C 409 23.66 16.38 -21.76
N MET C 410 22.36 16.65 -21.89
CA MET C 410 21.43 15.62 -22.34
C MET C 410 21.72 15.16 -23.77
N GLN C 411 22.00 16.12 -24.67
CA GLN C 411 22.23 15.76 -26.07
C GLN C 411 23.52 14.99 -26.26
N ALA C 412 24.57 15.35 -25.52
CA ALA C 412 25.84 14.65 -25.65
C ALA C 412 25.84 13.31 -24.93
N SER C 413 25.00 13.15 -23.92
CA SER C 413 24.98 11.91 -23.16
C SER C 413 23.94 10.92 -23.63
N LEU C 414 23.01 11.32 -24.51
CA LEU C 414 21.90 10.46 -24.90
C LEU C 414 22.28 9.13 -25.56
N PRO C 415 23.19 9.05 -26.56
CA PRO C 415 23.38 7.74 -27.22
C PRO C 415 24.08 6.68 -26.38
N LYS C 416 25.03 7.06 -25.52
CA LYS C 416 25.63 6.08 -24.62
C LYS C 416 24.60 5.57 -23.62
N VAL C 417 23.70 6.44 -23.18
CA VAL C 417 22.56 6.04 -22.35
C VAL C 417 21.66 5.08 -23.10
N LEU C 418 21.44 5.30 -24.40
CA LEU C 418 20.59 4.39 -25.17
C LEU C 418 21.23 3.02 -25.33
N ARG C 419 22.55 2.98 -25.56
CA ARG C 419 23.23 1.69 -25.67
C ARG C 419 23.24 0.93 -24.35
N PHE C 420 23.48 1.64 -23.24
CA PHE C 420 23.44 1.00 -21.93
C PHE C 420 22.03 0.55 -21.55
N CYS C 421 21.01 1.33 -21.94
CA CYS C 421 19.63 0.90 -21.73
C CYS C 421 19.29 -0.31 -22.57
N ALA C 422 19.88 -0.42 -23.77
CA ALA C 422 19.65 -1.60 -24.58
C ALA C 422 20.25 -2.85 -23.94
N CYS C 423 21.48 -2.75 -23.44
CA CYS C 423 22.12 -3.91 -22.81
C CYS C 423 21.42 -4.29 -21.51
N ALA C 424 21.07 -3.31 -20.69
CA ALA C 424 20.29 -3.57 -19.48
C ALA C 424 18.89 -4.08 -19.82
N GLY C 425 18.32 -3.69 -20.96
CA GLY C 425 17.05 -4.24 -21.36
C GLY C 425 17.14 -5.69 -21.76
N MET C 426 18.27 -6.10 -22.34
CA MET C 426 18.43 -7.52 -22.67
C MET C 426 18.58 -8.36 -21.41
N ILE C 427 19.34 -7.85 -20.44
CA ILE C 427 19.44 -8.55 -19.15
C ILE C 427 18.07 -8.54 -18.44
N TYR C 428 17.32 -7.46 -18.62
CA TYR C 428 15.99 -7.33 -18.05
C TYR C 428 15.03 -8.34 -18.67
N LEU C 429 15.14 -8.58 -19.98
CA LEU C 429 14.33 -9.60 -20.63
C LEU C 429 14.70 -10.98 -20.13
N GLY C 430 15.98 -11.23 -19.91
CA GLY C 430 16.39 -12.51 -19.30
C GLY C 430 15.76 -12.74 -17.94
N TYR C 431 15.77 -11.70 -17.10
CA TYR C 431 15.11 -11.81 -15.80
C TYR C 431 13.60 -11.94 -15.91
N THR C 432 12.96 -11.28 -16.87
CA THR C 432 11.50 -11.40 -16.96
C THR C 432 11.08 -12.77 -17.46
N PHE C 433 11.82 -13.35 -18.42
CA PHE C 433 11.49 -14.70 -18.85
C PHE C 433 11.75 -15.72 -17.76
N CYS C 434 12.84 -15.55 -16.99
CA CYS C 434 13.10 -16.47 -15.89
C CYS C 434 12.05 -16.37 -14.80
N GLY C 435 11.71 -15.14 -14.40
CA GLY C 435 10.70 -14.96 -13.36
C GLY C 435 9.31 -15.34 -13.81
N TRP C 436 9.02 -15.24 -15.10
CA TRP C 436 7.71 -15.65 -15.57
C TRP C 436 7.58 -17.16 -15.63
N ILE C 437 8.63 -17.85 -16.10
CA ILE C 437 8.50 -19.30 -16.19
C ILE C 437 8.85 -19.99 -14.89
N VAL C 438 9.25 -19.25 -13.85
CA VAL C 438 9.42 -19.90 -12.54
C VAL C 438 8.41 -19.38 -11.54
N LEU C 439 8.43 -18.08 -11.27
CA LEU C 439 7.55 -17.47 -10.29
C LEU C 439 6.19 -17.09 -10.86
N GLY C 440 5.89 -17.55 -12.08
CA GLY C 440 4.57 -17.48 -12.64
C GLY C 440 3.47 -18.11 -11.81
N PRO C 441 3.61 -19.38 -11.42
CA PRO C 441 2.59 -19.99 -10.55
C PRO C 441 2.51 -19.40 -9.14
N TYR C 442 3.51 -18.65 -8.69
CA TYR C 442 3.61 -18.28 -7.28
C TYR C 442 3.51 -16.77 -7.07
N HIS C 443 2.77 -16.06 -7.92
CA HIS C 443 2.65 -14.62 -7.78
C HIS C 443 1.30 -14.12 -8.29
N PHE C 446 2.20 -12.74 -11.45
CA PHE C 446 2.99 -13.09 -12.62
C PHE C 446 2.21 -14.02 -13.54
N GLU C 447 1.39 -13.46 -14.43
CA GLU C 447 0.66 -14.26 -15.41
C GLU C 447 1.11 -13.95 -16.83
N ASN C 448 1.03 -12.70 -17.24
CA ASN C 448 1.49 -12.27 -18.55
C ASN C 448 2.88 -11.67 -18.42
N LEU C 449 3.58 -11.61 -19.56
CA LEU C 449 4.91 -11.03 -19.58
C LEU C 449 4.87 -9.53 -19.33
N ASN C 450 3.76 -8.87 -19.70
CA ASN C 450 3.62 -7.45 -19.41
C ASN C 450 3.48 -7.22 -17.90
N ILE C 451 2.81 -8.12 -17.20
CA ILE C 451 2.66 -8.01 -15.76
C ILE C 451 4.00 -8.21 -15.06
N VAL C 452 4.79 -9.18 -15.54
CA VAL C 452 6.11 -9.44 -14.99
C VAL C 452 7.04 -8.27 -15.24
N ALA C 453 6.97 -7.69 -16.44
CA ALA C 453 7.82 -6.55 -16.77
C ALA C 453 7.45 -5.32 -15.95
N GLU C 454 6.16 -5.10 -15.73
CA GLU C 454 5.73 -3.97 -14.90
C GLU C 454 6.13 -4.17 -13.44
N CYS C 455 6.02 -5.40 -12.93
CA CYS C 455 6.39 -5.67 -11.54
C CYS C 455 7.90 -5.55 -11.33
N LEU C 456 8.69 -6.00 -12.30
CA LEU C 456 10.14 -5.86 -12.15
C LEU C 456 10.61 -4.43 -12.36
N PHE C 457 9.94 -3.66 -13.22
CA PHE C 457 10.23 -2.24 -13.32
C PHE C 457 9.83 -1.49 -12.06
N SER C 458 8.83 -1.99 -11.33
CA SER C 458 8.54 -1.42 -10.02
C SER C 458 9.60 -1.81 -9.00
N LEU C 459 10.04 -3.08 -9.03
CA LEU C 459 11.05 -3.57 -8.11
C LEU C 459 12.38 -2.86 -8.26
N VAL C 460 12.74 -2.46 -9.48
CA VAL C 460 13.96 -1.67 -9.66
C VAL C 460 13.79 -0.29 -9.02
N ASN C 461 12.62 0.32 -9.20
CA ASN C 461 12.37 1.66 -8.68
C ASN C 461 11.84 1.67 -7.25
N GLY C 462 12.07 0.60 -6.50
CA GLY C 462 11.77 0.57 -5.09
C GLY C 462 10.39 0.06 -4.73
N ASP C 463 9.36 0.46 -5.47
CA ASP C 463 7.98 0.11 -5.13
C ASP C 463 7.73 -1.38 -5.34
N ASP C 464 6.71 -1.89 -4.65
CA ASP C 464 6.25 -3.28 -4.71
C ASP C 464 7.36 -4.25 -4.28
N MET C 465 8.27 -3.80 -3.42
CA MET C 465 9.41 -4.63 -3.05
C MET C 465 9.01 -5.70 -2.05
N PHE C 466 8.43 -5.28 -0.92
CA PHE C 466 8.07 -6.22 0.13
C PHE C 466 6.88 -7.08 -0.25
N ALA C 467 6.04 -6.61 -1.17
CA ALA C 467 4.89 -7.39 -1.62
C ALA C 467 5.32 -8.63 -2.39
N THR C 468 6.43 -8.55 -3.12
CA THR C 468 6.92 -9.72 -3.83
C THR C 468 7.53 -10.75 -2.89
N PHE C 469 8.14 -10.28 -1.79
CA PHE C 469 8.66 -11.24 -0.81
C PHE C 469 7.53 -11.80 0.05
N ALA C 470 6.42 -11.07 0.17
CA ALA C 470 5.30 -11.57 0.97
C ALA C 470 4.50 -12.64 0.24
N GLN C 471 4.40 -12.56 -1.08
CA GLN C 471 3.57 -13.48 -1.86
C GLN C 471 4.26 -14.80 -2.15
N ILE C 472 5.47 -15.03 -1.63
CA ILE C 472 6.21 -16.26 -1.87
C ILE C 472 6.36 -16.97 -0.52
N GLN C 473 6.09 -18.27 -0.51
CA GLN C 473 6.11 -19.11 0.68
C GLN C 473 7.47 -19.14 1.39
N SER C 476 7.11 -25.87 -1.37
CA SER C 476 8.02 -25.02 -2.12
C SER C 476 9.17 -24.57 -1.24
N ILE C 477 10.26 -25.32 -1.26
CA ILE C 477 11.47 -25.00 -0.51
C ILE C 477 12.60 -24.58 -1.44
N LEU C 478 12.95 -25.43 -2.39
CA LEU C 478 14.00 -25.11 -3.36
C LEU C 478 13.55 -23.99 -4.29
N VAL C 479 12.27 -23.97 -4.65
CA VAL C 479 11.76 -22.89 -5.48
C VAL C 479 11.70 -21.59 -4.69
N TRP C 480 11.45 -21.69 -3.38
CA TRP C 480 11.51 -20.52 -2.50
C TRP C 480 12.92 -19.96 -2.42
N LEU C 481 13.92 -20.83 -2.26
CA LEU C 481 15.32 -20.40 -2.24
C LEU C 481 15.71 -19.77 -3.56
N PHE C 482 15.24 -20.35 -4.67
CA PHE C 482 15.48 -19.76 -5.98
C PHE C 482 14.86 -18.40 -6.11
N SER C 483 13.63 -18.22 -5.61
CA SER C 483 12.96 -16.93 -5.64
C SER C 483 13.73 -15.90 -4.83
N ARG C 484 14.28 -16.31 -3.70
CA ARG C 484 14.99 -15.36 -2.84
C ARG C 484 16.29 -14.89 -3.47
N LEU C 485 17.13 -15.82 -3.94
CA LEU C 485 18.38 -15.32 -4.52
C LEU C 485 18.15 -14.70 -5.89
N TYR C 486 17.07 -15.07 -6.57
CA TYR C 486 16.63 -14.36 -7.77
C TYR C 486 16.36 -12.90 -7.48
N LEU C 487 15.54 -12.63 -6.46
CA LEU C 487 15.16 -11.25 -6.17
C LEU C 487 16.34 -10.44 -5.63
N TYR C 488 17.18 -11.06 -4.80
CA TYR C 488 18.35 -10.34 -4.28
C TYR C 488 19.36 -10.05 -5.38
N SER C 489 19.62 -11.03 -6.26
CA SER C 489 20.55 -10.82 -7.36
C SER C 489 20.03 -9.78 -8.34
N PHE C 490 18.73 -9.83 -8.62
CA PHE C 490 18.10 -8.86 -9.52
C PHE C 490 18.21 -7.44 -8.99
N ILE C 491 17.76 -7.23 -7.74
CA ILE C 491 17.76 -5.89 -7.17
C ILE C 491 19.17 -5.37 -7.00
N SER C 492 20.09 -6.19 -6.48
CA SER C 492 21.46 -5.75 -6.27
C SER C 492 22.15 -5.40 -7.57
N LEU C 493 22.06 -6.30 -8.57
CA LEU C 493 22.73 -6.10 -9.85
C LEU C 493 22.19 -4.89 -10.57
N PHE C 494 20.86 -4.79 -10.73
CA PHE C 494 20.32 -3.68 -11.50
C PHE C 494 20.47 -2.35 -10.79
N ILE C 495 20.07 -2.25 -9.51
CA ILE C 495 20.17 -0.98 -8.78
C ILE C 495 21.62 -0.50 -8.72
N TYR C 496 22.55 -1.34 -8.22
CA TYR C 496 23.93 -0.89 -8.10
C TYR C 496 24.59 -0.72 -9.46
N MET C 497 24.78 -1.81 -10.21
CA MET C 497 25.58 -1.72 -11.42
C MET C 497 24.80 -1.20 -12.62
N VAL C 498 23.63 -0.59 -12.43
CA VAL C 498 22.95 0.11 -13.50
C VAL C 498 22.67 1.56 -13.13
N LEU C 499 22.14 1.82 -11.93
CA LEU C 499 21.96 3.20 -11.51
C LEU C 499 23.30 3.91 -11.34
N SER C 500 24.30 3.25 -10.75
CA SER C 500 25.60 3.87 -10.60
C SER C 500 26.28 4.06 -11.96
N LEU C 501 26.03 3.17 -12.90
CA LEU C 501 26.60 3.33 -14.23
C LEU C 501 25.93 4.46 -14.99
N PHE C 502 24.62 4.65 -14.81
CA PHE C 502 23.94 5.79 -15.42
C PHE C 502 24.40 7.11 -14.80
N ILE C 503 24.73 7.11 -13.52
CA ILE C 503 25.30 8.31 -12.91
C ILE C 503 26.70 8.56 -13.46
N ALA C 504 27.49 7.49 -13.64
CA ALA C 504 28.85 7.63 -14.13
C ALA C 504 28.91 8.08 -15.59
N LEU C 505 27.88 7.76 -16.39
CA LEU C 505 27.84 8.29 -17.74
C LEU C 505 27.59 9.80 -17.74
N ILE C 506 26.60 10.24 -16.96
CA ILE C 506 26.17 11.63 -16.98
C ILE C 506 27.22 12.53 -16.35
N THR C 507 27.89 12.04 -15.30
CA THR C 507 28.95 12.83 -14.66
C THR C 507 30.13 13.03 -15.60
N ASP C 508 30.49 11.99 -16.36
CA ASP C 508 31.54 12.10 -17.35
C ASP C 508 31.18 13.08 -18.45
N SER C 509 29.94 13.00 -18.95
CA SER C 509 29.50 13.90 -20.01
C SER C 509 29.45 15.35 -19.52
N TYR C 510 29.01 15.55 -18.28
CA TYR C 510 28.90 16.89 -17.73
C TYR C 510 30.28 17.51 -17.48
N HIS C 511 31.23 16.70 -17.02
CA HIS C 511 32.57 17.25 -16.84
C HIS C 511 33.29 17.50 -18.16
N THR C 512 33.03 16.68 -19.19
CA THR C 512 33.59 17.00 -20.50
C THR C 512 32.98 18.28 -21.08
N ILE C 513 31.70 18.53 -20.83
CA ILE C 513 31.12 19.77 -21.32
C ILE C 513 31.57 20.97 -20.50
N LYS C 514 31.86 20.75 -19.21
CA LYS C 514 32.46 21.80 -18.41
C LYS C 514 33.88 22.14 -18.90
N LYS C 515 34.63 21.11 -19.30
CA LYS C 515 35.94 21.36 -19.90
C LYS C 515 35.83 22.00 -21.28
N TYR C 516 34.74 21.73 -22.00
CA TYR C 516 34.53 22.40 -23.28
C TYR C 516 34.22 23.88 -23.10
N GLN C 517 33.47 24.22 -22.06
CA GLN C 517 33.23 25.62 -21.76
C GLN C 517 34.34 26.25 -20.94
N GLN C 518 35.38 25.50 -20.59
CA GLN C 518 36.60 26.11 -20.09
C GLN C 518 37.69 26.07 -21.15
N LYS D 65 24.63 38.99 20.48
CA LYS D 65 23.41 38.48 19.86
C LYS D 65 23.41 36.96 19.86
N LEU D 66 24.00 36.37 20.88
CA LEU D 66 23.96 34.91 21.05
C LEU D 66 22.74 34.50 21.86
N GLY D 67 22.65 34.99 23.10
CA GLY D 67 21.51 34.67 23.96
C GLY D 67 20.19 35.22 23.47
N LEU D 68 20.19 36.43 22.90
CA LEU D 68 18.97 37.03 22.36
C LEU D 68 18.44 36.26 21.16
N GLN D 69 19.29 35.54 20.44
CA GLN D 69 18.86 34.79 19.28
C GLN D 69 18.52 33.34 19.62
N ILE D 70 19.28 32.72 20.53
CA ILE D 70 18.92 31.38 21.00
C ILE D 70 17.63 31.43 21.81
N LEU D 71 17.39 32.55 22.52
CA LEU D 71 16.11 32.74 23.19
C LEU D 71 14.98 32.84 22.19
N LYS D 72 15.22 33.44 21.03
CA LYS D 72 14.23 33.42 19.94
C LYS D 72 13.94 32.00 19.49
N ILE D 73 14.99 31.18 19.30
CA ILE D 73 14.83 29.79 18.85
C ILE D 73 13.94 29.02 19.83
N VAL D 74 14.34 29.01 21.10
CA VAL D 74 13.65 28.18 22.08
C VAL D 74 12.26 28.74 22.39
N MET D 75 12.12 30.08 22.41
CA MET D 75 10.87 30.68 22.81
C MET D 75 9.81 30.54 21.72
N VAL D 76 10.20 30.73 20.46
CA VAL D 76 9.24 30.56 19.38
C VAL D 76 8.93 29.08 19.17
N THR D 77 9.88 28.18 19.48
CA THR D 77 9.58 26.75 19.45
C THR D 77 8.55 26.37 20.51
N THR D 78 8.68 26.91 21.72
CA THR D 78 7.71 26.64 22.78
C THR D 78 6.33 27.23 22.43
N GLN D 79 6.31 28.43 21.84
CA GLN D 79 5.06 29.02 21.40
C GLN D 79 4.37 28.16 20.36
N LEU D 80 5.12 27.65 19.38
CA LEU D 80 4.52 26.83 18.35
C LEU D 80 4.05 25.48 18.89
N VAL D 81 4.79 24.89 19.84
CA VAL D 81 4.35 23.61 20.38
C VAL D 81 3.06 23.76 21.19
N ARG D 82 2.98 24.82 22.01
CA ARG D 82 1.75 25.05 22.79
C ARG D 82 0.56 25.38 21.89
N PHE D 83 0.77 26.22 20.87
CA PHE D 83 -0.31 26.63 19.99
C PHE D 83 -0.79 25.47 19.11
N GLY D 84 0.15 24.69 18.58
CA GLY D 84 -0.22 23.54 17.79
C GLY D 84 -0.91 22.46 18.59
N LEU D 85 -0.53 22.30 19.86
CA LEU D 85 -1.23 21.31 20.68
C LEU D 85 -2.63 21.78 21.05
N SER D 86 -2.80 23.09 21.27
CA SER D 86 -4.14 23.64 21.50
C SER D 86 -5.07 23.41 20.31
N ASN D 87 -4.61 23.78 19.12
CA ASN D 87 -5.44 23.53 17.93
C ASN D 87 -5.59 22.05 17.62
N GLN D 88 -4.63 21.22 18.01
CA GLN D 88 -4.79 19.77 17.88
C GLN D 88 -5.97 19.28 18.71
N LEU D 89 -6.06 19.74 19.95
CA LEU D 89 -7.17 19.33 20.82
C LEU D 89 -8.51 19.83 20.28
N VAL D 90 -8.55 21.08 19.83
CA VAL D 90 -9.82 21.65 19.38
C VAL D 90 -10.30 20.97 18.09
N VAL D 91 -9.41 20.77 17.13
CA VAL D 91 -9.84 20.12 15.90
C VAL D 91 -10.08 18.64 16.11
N ALA D 92 -9.48 18.04 17.15
CA ALA D 92 -9.82 16.66 17.48
C ALA D 92 -11.26 16.56 17.97
N PHE D 93 -11.69 17.55 18.77
CA PHE D 93 -13.10 17.59 19.17
C PHE D 93 -14.02 17.81 17.97
N LYS D 94 -13.62 18.68 17.04
CA LYS D 94 -14.41 18.95 15.85
C LYS D 94 -14.60 17.71 15.00
N GLU D 95 -13.50 17.04 14.63
CA GLU D 95 -13.67 15.85 13.80
C GLU D 95 -14.25 14.67 14.56
N ASP D 96 -14.10 14.61 15.89
CA ASP D 96 -14.77 13.55 16.64
C ASP D 96 -16.28 13.72 16.58
N ASN D 97 -16.75 14.96 16.71
CA ASN D 97 -18.18 15.17 16.55
C ASN D 97 -18.68 15.02 15.14
N THR D 98 -17.88 15.32 14.12
CA THR D 98 -18.45 15.11 12.80
C THR D 98 -18.41 13.65 12.38
N VAL D 99 -17.48 12.85 12.89
CA VAL D 99 -17.54 11.41 12.64
C VAL D 99 -18.69 10.81 13.42
N ALA D 100 -18.90 11.27 14.65
CA ALA D 100 -20.04 10.82 15.43
C ALA D 100 -21.36 11.43 14.97
N PHE D 101 -21.34 12.33 14.00
CA PHE D 101 -22.57 12.67 13.31
C PHE D 101 -22.79 11.80 12.10
N LYS D 102 -21.72 11.49 11.38
CA LYS D 102 -21.84 10.61 10.23
C LYS D 102 -22.26 9.21 10.64
N HIS D 103 -21.88 8.75 11.82
CA HIS D 103 -22.35 7.45 12.28
C HIS D 103 -23.78 7.47 12.77
N LEU D 104 -24.34 8.63 13.10
CA LEU D 104 -25.71 8.64 13.57
C LEU D 104 -26.70 8.93 12.47
N PHE D 105 -26.39 9.85 11.58
CA PHE D 105 -27.40 10.38 10.69
C PHE D 105 -27.28 9.85 9.27
N LEU D 106 -26.29 9.03 8.98
CA LEU D 106 -26.13 8.46 7.66
C LEU D 106 -26.35 6.96 7.76
N LYS D 107 -27.29 6.45 6.98
CA LYS D 107 -27.67 5.06 7.09
C LYS D 107 -26.59 4.17 6.50
N GLY D 108 -26.19 3.16 7.27
CA GLY D 108 -25.20 2.23 6.81
C GLY D 108 -23.81 2.80 6.71
N PHE D 109 -23.52 3.86 7.44
CA PHE D 109 -22.17 4.40 7.44
C PHE D 109 -21.26 3.44 8.19
N SER D 110 -20.40 2.75 7.45
CA SER D 110 -19.72 1.57 7.94
C SER D 110 -18.61 1.87 8.94
N GLY D 111 -18.18 3.11 9.03
CA GLY D 111 -16.97 3.42 9.76
C GLY D 111 -15.75 3.55 8.89
N VAL D 112 -15.75 2.94 7.71
CA VAL D 112 -14.75 3.24 6.70
C VAL D 112 -15.02 4.66 6.21
N ASP D 113 -14.16 5.60 6.59
CA ASP D 113 -14.30 7.00 6.21
C ASP D 113 -14.00 7.09 4.73
N GLU D 114 -15.07 7.03 3.93
CA GLU D 114 -14.94 6.65 2.52
C GLU D 114 -14.32 7.77 1.69
N ASP D 115 -14.96 8.93 1.65
CA ASP D 115 -14.50 10.02 0.82
C ASP D 115 -15.06 11.31 1.42
N ASP D 116 -14.98 12.41 0.67
CA ASP D 116 -15.71 13.61 1.05
C ASP D 116 -17.21 13.38 1.01
N TYR D 117 -17.69 12.53 0.10
CA TYR D 117 -19.00 11.92 0.29
C TYR D 117 -18.80 10.71 1.20
N SER D 118 -19.70 10.56 2.16
CA SER D 118 -19.48 9.52 3.16
C SER D 118 -19.96 8.18 2.66
N CYS D 119 -20.98 8.18 1.82
CA CYS D 119 -21.47 6.98 1.14
C CYS D 119 -22.25 7.45 -0.08
N SER D 120 -22.68 6.49 -0.90
CA SER D 120 -23.39 6.81 -2.12
C SER D 120 -24.49 5.78 -2.35
N ILE D 121 -25.64 6.25 -2.79
CA ILE D 121 -26.82 5.42 -3.01
C ILE D 121 -26.94 5.14 -4.50
N TYR D 122 -27.24 3.89 -4.86
CA TYR D 122 -27.44 3.53 -6.25
C TYR D 122 -28.84 3.05 -6.57
N THR D 123 -29.77 3.06 -5.62
CA THR D 123 -31.12 2.63 -5.90
C THR D 123 -32.10 3.71 -5.47
N GLN D 124 -33.38 3.48 -5.73
CA GLN D 124 -34.39 4.46 -5.34
C GLN D 124 -35.17 4.03 -4.12
N GLU D 125 -34.63 3.12 -3.32
CA GLU D 125 -35.22 2.78 -2.04
C GLU D 125 -34.31 3.10 -0.88
N ASN D 126 -33.00 2.97 -1.07
CA ASN D 126 -32.08 3.42 -0.04
C ASN D 126 -32.09 4.93 0.10
N THR D 127 -32.54 5.67 -0.92
CA THR D 127 -32.77 7.10 -0.76
C THR D 127 -33.83 7.37 0.29
N TYR D 128 -34.98 6.72 0.17
CA TYR D 128 -36.05 6.89 1.14
C TYR D 128 -35.64 6.39 2.51
N GLU D 129 -34.92 5.27 2.56
CA GLU D 129 -34.45 4.78 3.85
C GLU D 129 -33.44 5.71 4.48
N SER D 130 -32.59 6.37 3.70
CA SER D 130 -31.62 7.28 4.28
C SER D 130 -32.27 8.57 4.75
N ILE D 131 -33.25 9.08 4.00
CA ILE D 131 -33.94 10.30 4.41
C ILE D 131 -34.75 10.07 5.67
N PHE D 132 -35.55 9.00 5.67
CA PHE D 132 -36.35 8.68 6.84
C PHE D 132 -35.48 8.27 8.01
N PHE D 133 -34.32 7.69 7.74
CA PHE D 133 -33.37 7.36 8.79
C PHE D 133 -32.82 8.61 9.42
N ALA D 134 -32.45 9.62 8.61
CA ALA D 134 -31.90 10.84 9.16
C ALA D 134 -32.92 11.57 10.00
N ILE D 135 -34.18 11.58 9.57
CA ILE D 135 -35.22 12.24 10.35
C ILE D 135 -35.49 11.48 11.65
N LYS D 136 -35.51 10.15 11.61
CA LYS D 136 -35.81 9.40 12.82
C LYS D 136 -34.66 9.44 13.82
N GLN D 137 -33.42 9.45 13.32
CA GLN D 137 -32.29 9.61 14.24
C GLN D 137 -32.25 11.01 14.82
N TYR D 138 -32.67 12.02 14.07
CA TYR D 138 -32.79 13.36 14.66
C TYR D 138 -33.87 13.40 15.72
N ARG D 139 -34.94 12.64 15.53
CA ARG D 139 -35.99 12.64 16.53
C ARG D 139 -35.55 11.94 17.80
N HIS D 140 -34.84 10.81 17.68
CA HIS D 140 -34.41 10.06 18.85
C HIS D 140 -32.97 10.38 19.25
N LEU D 141 -32.45 11.54 18.83
CA LEU D 141 -31.13 12.04 19.18
C LEU D 141 -30.79 11.92 20.66
N LYS D 142 -31.76 12.19 21.54
CA LYS D 142 -31.49 12.13 22.96
C LYS D 142 -31.23 10.70 23.44
N ASN D 143 -31.90 9.71 22.85
CA ASN D 143 -31.60 8.33 23.20
C ASN D 143 -30.40 7.81 22.43
N ILE D 144 -30.27 8.19 21.17
CA ILE D 144 -29.30 7.54 20.29
C ILE D 144 -27.88 8.00 20.59
N SER D 145 -27.65 9.30 20.65
CA SER D 145 -26.29 9.80 20.80
C SER D 145 -25.80 9.59 22.22
N LEU D 146 -24.51 9.84 22.40
CA LEU D 146 -23.85 9.68 23.69
C LEU D 146 -22.84 10.78 23.97
N ALA D 147 -22.86 11.84 23.18
CA ALA D 147 -22.28 13.11 23.58
C ALA D 147 -23.31 13.86 24.43
N THR D 148 -23.07 15.14 24.68
CA THR D 148 -23.97 15.93 25.51
C THR D 148 -24.90 16.76 24.66
N LEU D 149 -25.35 16.19 23.54
CA LEU D 149 -25.98 16.98 22.50
C LEU D 149 -27.41 17.32 22.84
N GLY D 150 -27.88 18.40 22.24
CA GLY D 150 -29.23 18.88 22.47
C GLY D 150 -29.65 19.75 21.31
N TYR D 151 -30.96 19.94 21.19
CA TYR D 151 -31.50 20.61 20.03
C TYR D 151 -31.26 22.11 20.11
N GLY D 152 -30.91 22.71 18.98
CA GLY D 152 -30.64 24.13 18.95
C GLY D 152 -31.53 24.91 18.00
N GLU D 153 -31.02 25.99 17.42
CA GLU D 153 -31.76 26.78 16.43
C GLU D 153 -30.87 27.20 15.27
N ASP D 156 -33.32 30.13 11.43
CA ASP D 156 -34.77 30.03 11.41
C ASP D 156 -35.39 30.42 12.75
N ASN D 157 -34.52 30.52 13.77
CA ASN D 157 -34.86 30.85 15.16
C ASN D 157 -35.84 29.85 15.77
N ARG D 158 -35.86 28.62 15.26
CA ARG D 158 -36.76 27.58 15.73
C ARG D 158 -35.96 26.30 15.86
N THR D 159 -36.57 25.30 16.48
CA THR D 159 -35.94 23.99 16.57
C THR D 159 -36.40 23.14 15.39
N GLY D 160 -36.02 21.87 15.39
CA GLY D 160 -36.50 20.93 14.40
C GLY D 160 -35.83 21.09 13.06
N LEU D 161 -36.24 20.24 12.13
CA LEU D 161 -35.58 20.10 10.86
C LEU D 161 -36.01 21.19 9.88
N LYS D 162 -35.39 21.16 8.71
CA LYS D 162 -35.77 22.01 7.60
C LYS D 162 -35.31 21.30 6.34
N VAL D 163 -36.24 20.64 5.65
CA VAL D 163 -35.91 19.82 4.50
C VAL D 163 -36.21 20.63 3.26
N CYS D 164 -35.18 20.98 2.51
CA CYS D 164 -35.32 21.67 1.24
C CYS D 164 -34.99 20.68 0.15
N LYS D 165 -35.85 20.54 -0.84
CA LYS D 165 -35.53 19.70 -1.97
C LYS D 165 -35.64 20.51 -3.25
N GLN D 166 -34.81 20.17 -4.23
CA GLN D 166 -34.69 20.91 -5.46
C GLN D 166 -34.99 19.98 -6.63
N HIS D 167 -35.71 20.50 -7.61
CA HIS D 167 -36.14 19.68 -8.73
C HIS D 167 -36.41 20.58 -9.93
N TYR D 168 -36.33 19.98 -11.11
CA TYR D 168 -36.60 20.71 -12.33
C TYR D 168 -38.09 20.99 -12.48
N LYS D 169 -38.41 22.05 -13.19
CA LYS D 169 -39.79 22.45 -13.42
C LYS D 169 -40.36 21.49 -14.46
N THR D 170 -40.95 20.41 -13.97
CA THR D 170 -41.56 19.32 -14.76
C THR D 170 -40.63 18.72 -15.81
N ASP D 183 -37.30 20.75 -17.33
CA ASP D 183 -37.19 21.75 -18.37
C ASP D 183 -35.96 22.62 -18.17
N SER D 184 -36.14 23.81 -17.61
CA SER D 184 -35.03 24.74 -17.42
C SER D 184 -34.82 25.14 -15.97
N ASP D 185 -35.89 25.49 -15.26
CA ASP D 185 -35.75 26.11 -13.96
C ASP D 185 -35.62 25.07 -12.86
N ILE D 186 -34.69 25.30 -11.95
CA ILE D 186 -34.57 24.46 -10.76
C ILE D 186 -35.24 25.19 -9.62
N GLU D 187 -36.53 24.97 -9.44
CA GLU D 187 -37.17 25.55 -8.27
C GLU D 187 -36.93 24.65 -7.07
N THR D 188 -37.21 25.17 -5.89
CA THR D 188 -37.04 24.39 -4.69
C THR D 188 -38.31 24.43 -3.86
N ASP D 189 -38.52 23.38 -3.09
CA ASP D 189 -39.65 23.27 -2.19
C ASP D 189 -39.07 22.92 -0.84
N CYS D 190 -39.15 23.84 0.12
CA CYS D 190 -38.49 23.63 1.40
C CYS D 190 -39.53 23.65 2.51
N ILE D 191 -39.73 22.50 3.16
CA ILE D 191 -40.72 22.34 4.20
C ILE D 191 -40.02 22.11 5.54
N HIS D 192 -40.39 22.91 6.52
CA HIS D 192 -39.82 22.89 7.85
C HIS D 192 -40.58 21.88 8.70
N LEU D 193 -39.87 21.22 9.61
CA LEU D 193 -40.46 20.21 10.48
C LEU D 193 -40.10 20.54 11.92
N ASP D 194 -41.08 20.97 12.72
CA ASP D 194 -40.81 21.21 14.13
C ASP D 194 -40.73 19.89 14.87
N LEU D 195 -40.08 19.93 16.03
CA LEU D 195 -39.92 18.72 16.81
C LEU D 195 -41.22 18.28 17.46
N GLN D 196 -42.17 19.20 17.63
CA GLN D 196 -43.48 18.80 18.10
C GLN D 196 -44.26 18.07 17.01
N VAL D 197 -43.92 18.30 15.75
CA VAL D 197 -44.55 17.57 14.67
C VAL D 197 -43.99 16.15 14.61
N LEU D 198 -42.69 16.01 14.82
CA LEU D 198 -42.07 14.69 14.85
C LEU D 198 -42.47 13.91 16.10
N THR D 199 -42.63 14.62 17.22
CA THR D 199 -42.81 13.96 18.51
C THR D 199 -44.23 13.47 18.71
N THR D 200 -45.11 13.69 17.74
CA THR D 200 -46.41 13.04 17.74
C THR D 200 -46.23 11.53 17.60
N GLU D 201 -47.07 10.78 18.31
CA GLU D 201 -46.96 9.33 18.28
C GLU D 201 -47.27 8.69 16.91
N PRO D 202 -48.27 9.14 16.13
CA PRO D 202 -48.31 8.65 14.74
C PRO D 202 -47.34 9.42 13.86
N GLU D 203 -46.71 8.70 12.93
CA GLU D 203 -45.89 9.32 11.90
C GLU D 203 -46.82 9.80 10.79
N ASP D 204 -47.01 11.11 10.70
CA ASP D 204 -47.86 11.70 9.68
C ASP D 204 -47.09 12.52 8.66
N TRP D 205 -45.87 12.95 8.99
CA TRP D 205 -45.03 13.64 8.02
C TRP D 205 -44.53 12.69 6.94
N ALA D 206 -44.46 11.40 7.25
CA ALA D 206 -43.90 10.42 6.32
C ALA D 206 -44.84 10.09 5.17
N GLN D 207 -46.07 10.59 5.21
CA GLN D 207 -47.06 10.31 4.18
C GLN D 207 -47.55 11.56 3.49
N THR D 208 -46.90 12.70 3.69
CA THR D 208 -47.24 13.86 2.89
C THR D 208 -46.67 13.69 1.49
N SER D 209 -47.18 14.49 0.56
CA SER D 209 -46.72 14.42 -0.82
C SER D 209 -45.34 15.00 -1.01
N PHE D 210 -44.82 15.72 -0.02
CA PHE D 210 -43.48 16.29 -0.11
C PHE D 210 -42.41 15.20 -0.12
N PHE D 211 -42.69 14.05 0.47
CA PHE D 211 -41.77 12.94 0.41
C PHE D 211 -42.11 11.97 -0.71
N ARG D 212 -42.81 12.44 -1.73
CA ARG D 212 -42.86 11.73 -3.00
C ARG D 212 -41.81 12.35 -3.90
N LEU D 213 -40.91 11.54 -4.43
CA LEU D 213 -39.77 12.05 -5.17
C LEU D 213 -39.87 11.57 -6.62
N ASP D 214 -39.65 12.47 -7.54
CA ASP D 214 -39.56 12.11 -8.95
C ASP D 214 -38.08 12.01 -9.29
N PHE D 215 -37.58 10.80 -9.41
CA PHE D 215 -36.17 10.62 -9.68
C PHE D 215 -35.81 10.88 -11.13
N TYR D 216 -36.81 11.11 -11.99
CA TYR D 216 -36.52 11.66 -13.31
C TYR D 216 -35.98 13.08 -13.20
N ARG D 217 -36.46 13.84 -12.23
CA ARG D 217 -36.19 15.27 -12.22
C ARG D 217 -35.79 15.80 -10.85
N LEU D 218 -35.32 14.95 -9.95
CA LEU D 218 -34.85 15.42 -8.66
C LEU D 218 -33.42 15.95 -8.80
N VAL D 219 -33.17 17.12 -8.22
CA VAL D 219 -31.82 17.67 -8.24
C VAL D 219 -31.10 17.34 -6.95
N GLN D 220 -31.58 17.84 -5.83
CA GLN D 220 -31.00 17.42 -4.56
C GLN D 220 -32.04 17.52 -3.46
N VAL D 221 -31.75 16.84 -2.36
CA VAL D 221 -32.55 16.92 -1.15
C VAL D 221 -31.60 17.25 -0.02
N ASP D 222 -31.90 18.29 0.74
CA ASP D 222 -31.02 18.76 1.80
C ASP D 222 -31.77 18.71 3.12
N ILE D 223 -31.14 18.10 4.12
CA ILE D 223 -31.68 18.06 5.47
C ILE D 223 -30.74 18.86 6.35
N SER D 224 -31.29 19.81 7.09
CA SER D 224 -30.49 20.70 7.89
C SER D 224 -31.12 20.88 9.26
N PHE D 225 -30.27 21.06 10.26
CA PHE D 225 -30.70 21.17 11.65
C PHE D 225 -29.54 21.70 12.46
N ALA D 226 -29.82 21.99 13.73
CA ALA D 226 -28.84 22.68 14.55
C ALA D 226 -28.72 22.01 15.91
N LEU D 227 -27.50 21.61 16.26
CA LEU D 227 -27.26 20.87 17.48
C LEU D 227 -26.25 21.65 18.31
N LYS D 228 -26.50 21.75 19.62
CA LYS D 228 -25.50 22.31 20.50
C LYS D 228 -24.85 21.21 21.32
N GLY D 229 -23.58 21.39 21.64
CA GLY D 229 -22.86 20.39 22.39
C GLY D 229 -21.83 20.96 23.32
N ILE D 230 -21.94 20.65 24.59
CA ILE D 230 -20.99 21.12 25.57
C ILE D 230 -19.73 20.27 25.47
N ASP D 231 -18.58 20.90 25.48
CA ASP D 231 -17.36 20.15 25.68
C ASP D 231 -17.19 19.88 27.18
N LEU D 232 -16.72 18.69 27.50
CA LEU D 232 -16.40 18.34 28.87
C LEU D 232 -14.97 17.87 29.03
N GLN D 233 -14.22 17.75 27.92
CA GLN D 233 -12.79 17.53 28.06
C GLN D 233 -12.10 18.77 28.60
N ALA D 234 -12.67 19.95 28.33
CA ALA D 234 -12.20 21.17 28.98
C ALA D 234 -12.46 21.13 30.48
N VAL D 235 -13.62 20.59 30.89
CA VAL D 235 -13.89 20.43 32.31
C VAL D 235 -13.01 19.34 32.89
N HIS D 236 -12.63 18.35 32.07
CA HIS D 236 -11.70 17.32 32.49
C HIS D 236 -10.33 17.94 32.73
N SER D 237 -9.94 18.03 34.00
CA SER D 237 -8.61 18.42 34.47
C SER D 237 -8.23 19.85 34.09
N ARG D 238 -9.20 20.71 33.84
CA ARG D 238 -8.92 22.11 33.56
C ARG D 238 -10.13 22.93 34.00
N GLU D 239 -10.21 24.17 33.53
CA GLU D 239 -11.32 25.03 33.92
C GLU D 239 -12.53 24.78 33.03
N ILE D 240 -13.69 25.19 33.54
CA ILE D 240 -14.99 24.76 33.03
C ILE D 240 -15.37 25.30 31.65
N PRO D 241 -15.52 26.62 31.43
CA PRO D 241 -16.55 27.08 30.48
C PRO D 241 -16.20 26.81 29.02
N ASP D 242 -17.12 26.14 28.32
CA ASP D 242 -17.07 25.95 26.89
C ASP D 242 -18.45 25.49 26.42
N CYS D 243 -18.87 25.97 25.26
CA CYS D 243 -20.08 25.51 24.59
C CYS D 243 -19.82 25.49 23.10
N TYR D 244 -20.77 24.94 22.34
CA TYR D 244 -20.66 24.90 20.89
C TYR D 244 -22.04 25.02 20.28
N LEU D 245 -22.07 25.09 18.96
CA LEU D 245 -23.32 25.01 18.22
C LEU D 245 -22.99 24.50 16.83
N PHE D 246 -23.53 23.34 16.49
CA PHE D 246 -23.28 22.68 15.22
C PHE D 246 -24.43 22.97 14.27
N GLN D 247 -24.11 23.19 13.01
CA GLN D 247 -25.15 23.39 12.00
C GLN D 247 -24.90 22.39 10.90
N ASN D 248 -25.58 21.26 10.97
CA ASN D 248 -25.38 20.17 10.06
C ASN D 248 -26.22 20.37 8.82
N THR D 249 -25.75 19.82 7.70
CA THR D 249 -26.50 19.88 6.45
C THR D 249 -26.26 18.56 5.73
N ILE D 250 -27.21 17.65 5.86
CA ILE D 250 -27.17 16.39 5.14
C ILE D 250 -27.75 16.63 3.75
N THR D 251 -26.98 16.34 2.72
CA THR D 251 -27.40 16.60 1.35
C THR D 251 -27.45 15.30 0.58
N PHE D 252 -28.27 15.28 -0.45
CA PHE D 252 -28.41 14.12 -1.33
C PHE D 252 -28.14 14.61 -2.75
N ASP D 253 -26.87 14.60 -3.12
CA ASP D 253 -26.39 15.29 -4.30
C ASP D 253 -26.67 14.42 -5.52
N ASN D 254 -27.73 14.75 -6.27
CA ASN D 254 -27.99 14.10 -7.55
C ASN D 254 -27.93 15.15 -8.64
N THR D 255 -26.72 15.52 -9.04
CA THR D 255 -26.56 16.51 -10.08
C THR D 255 -26.07 15.89 -11.38
N ALA D 256 -25.04 15.06 -11.30
CA ALA D 256 -24.77 14.17 -12.41
C ALA D 256 -25.88 13.14 -12.43
N HIS D 257 -26.95 13.41 -13.18
CA HIS D 257 -28.16 12.59 -13.16
C HIS D 257 -27.81 11.27 -13.84
N SER D 258 -27.16 10.41 -13.07
CA SER D 258 -26.47 9.26 -13.61
C SER D 258 -26.66 8.06 -12.71
N GLY D 259 -27.79 8.02 -12.02
CA GLY D 259 -28.11 6.88 -11.17
C GLY D 259 -27.25 6.77 -9.93
N LYS D 260 -26.81 7.88 -9.38
CA LYS D 260 -25.98 7.84 -8.19
C LYS D 260 -26.19 9.09 -7.38
N ILE D 261 -26.78 8.95 -6.20
CA ILE D 261 -26.87 10.03 -5.23
C ILE D 261 -25.71 9.89 -4.27
N LYS D 262 -24.95 10.96 -4.10
CA LYS D 262 -23.93 11.03 -3.07
C LYS D 262 -24.56 11.65 -1.84
N ILE D 263 -24.02 11.33 -0.67
CA ILE D 263 -24.50 11.90 0.58
C ILE D 263 -23.34 12.63 1.26
N TYR D 264 -23.60 13.84 1.71
CA TYR D 264 -22.63 14.63 2.45
C TYR D 264 -23.16 14.84 3.85
N LEU D 265 -22.26 15.17 4.76
CA LEU D 265 -22.67 15.81 6.02
C LEU D 265 -21.72 16.98 6.23
N ASN D 266 -22.19 18.16 5.90
CA ASN D 266 -21.42 19.38 6.08
C ASN D 266 -21.76 19.95 7.44
N SER D 267 -20.80 19.91 8.35
CA SER D 267 -21.00 20.38 9.71
C SER D 267 -20.21 21.65 9.95
N GLU D 268 -20.76 22.53 10.76
CA GLU D 268 -20.06 23.71 11.24
C GLU D 268 -19.97 23.65 12.75
N ALA D 269 -19.29 24.64 13.33
CA ALA D 269 -19.16 24.74 14.78
C ALA D 269 -18.72 26.14 15.12
N ASN D 270 -19.34 26.73 16.13
CA ASN D 270 -18.97 28.05 16.60
C ASN D 270 -19.43 28.23 18.04
N ILE D 271 -18.59 28.89 18.83
CA ILE D 271 -18.81 28.97 20.27
C ILE D 271 -19.98 29.92 20.56
N GLU D 272 -20.68 29.67 21.66
CA GLU D 272 -21.49 30.67 22.31
C GLU D 272 -21.43 30.43 23.82
N GLU D 273 -22.17 31.21 24.58
CA GLU D 273 -22.24 31.03 26.02
C GLU D 273 -23.37 30.09 26.40
N CYS D 274 -23.42 29.73 27.67
CA CYS D 274 -24.51 28.91 28.20
C CYS D 274 -24.97 29.42 29.56
N LEU D 290 -2.17 32.37 28.74
CA LEU D 290 -1.45 33.61 29.06
C LEU D 290 -1.02 34.36 27.80
N LEU D 291 -1.31 35.65 27.77
CA LEU D 291 -0.76 36.53 26.75
C LEU D 291 0.64 37.01 27.09
N VAL D 292 1.15 36.67 28.28
CA VAL D 292 2.47 37.10 28.69
C VAL D 292 3.54 36.49 27.81
N PHE D 293 3.42 35.19 27.51
CA PHE D 293 4.35 34.52 26.59
C PHE D 293 4.26 35.09 25.18
N ASP D 294 3.06 35.48 24.75
CA ASP D 294 2.91 35.91 23.38
C ASP D 294 3.45 37.33 23.17
N VAL D 295 3.15 38.23 24.12
CA VAL D 295 3.73 39.56 24.10
C VAL D 295 5.24 39.49 24.37
N PHE D 296 5.68 38.46 25.08
CA PHE D 296 7.10 38.23 25.30
C PHE D 296 7.82 37.87 23.99
N VAL D 297 7.19 37.02 23.18
CA VAL D 297 7.72 36.72 21.85
C VAL D 297 7.70 37.95 20.96
N ILE D 298 6.65 38.78 21.10
CA ILE D 298 6.58 40.05 20.35
C ILE D 298 7.76 40.96 20.71
N MET D 299 8.07 41.08 22.00
CA MET D 299 9.18 41.92 22.44
C MET D 299 10.52 41.37 21.96
N ILE D 300 10.70 40.05 22.03
CA ILE D 300 11.94 39.41 21.57
C ILE D 300 12.13 39.66 20.07
N CYS D 301 11.09 39.44 19.28
CA CYS D 301 11.22 39.60 17.84
C CYS D 301 11.34 41.05 17.42
N LEU D 302 10.73 41.99 18.16
CA LEU D 302 10.94 43.40 17.86
C LEU D 302 12.36 43.84 18.19
N ALA D 303 12.91 43.38 19.31
CA ALA D 303 14.28 43.73 19.66
C ALA D 303 15.26 43.14 18.66
N SER D 304 15.04 41.88 18.26
CA SER D 304 15.90 41.26 17.26
C SER D 304 15.75 41.92 15.90
N LEU D 305 14.54 42.40 15.58
CA LEU D 305 14.32 43.11 14.32
C LEU D 305 15.07 44.44 14.29
N ILE D 306 15.02 45.19 15.39
CA ILE D 306 15.71 46.47 15.45
C ILE D 306 17.22 46.26 15.39
N LEU D 307 17.74 45.27 16.12
CA LEU D 307 19.19 45.04 16.13
C LEU D 307 19.68 44.47 14.80
N CYS D 308 18.87 43.64 14.15
CA CYS D 308 19.27 43.16 12.83
C CYS D 308 19.16 44.25 11.77
N THR D 309 18.26 45.22 11.94
CA THR D 309 18.30 46.37 11.04
C THR D 309 19.50 47.28 11.31
N ARG D 310 19.98 47.33 12.57
CA ARG D 310 21.25 47.99 12.83
C ARG D 310 22.39 47.29 12.10
N SER D 311 22.37 45.95 12.09
CA SER D 311 23.36 45.20 11.31
C SER D 311 23.20 45.43 9.81
N ILE D 312 21.96 45.57 9.33
CA ILE D 312 21.71 45.82 7.91
C ILE D 312 22.24 47.18 7.49
N VAL D 313 21.95 48.23 8.28
CA VAL D 313 22.44 49.55 7.91
C VAL D 313 23.95 49.66 8.13
N LEU D 314 24.52 48.87 9.03
CA LEU D 314 25.98 48.77 9.14
C LEU D 314 26.58 48.17 7.87
N ALA D 315 25.98 47.10 7.36
CA ALA D 315 26.45 46.51 6.11
C ALA D 315 26.19 47.41 4.91
N LEU D 316 25.16 48.25 4.96
CA LEU D 316 24.92 49.20 3.88
C LEU D 316 25.97 50.31 3.87
N ARG D 317 26.26 50.89 5.03
CA ARG D 317 27.27 51.93 5.10
C ARG D 317 28.69 51.40 4.93
N LEU D 318 28.91 50.11 5.18
CA LEU D 318 30.22 49.54 4.90
C LEU D 318 30.40 49.27 3.41
N ARG D 319 29.39 48.71 2.75
CA ARG D 319 29.45 48.48 1.32
C ARG D 319 29.12 49.76 0.56
N GLY D 345 22.42 36.19 2.39
CA GLY D 345 21.80 37.13 3.31
C GLY D 345 21.00 36.44 4.39
N TRP D 346 21.68 36.00 5.45
CA TRP D 346 21.00 35.29 6.53
C TRP D 346 20.22 36.24 7.42
N TYR D 347 20.71 37.48 7.58
CA TYR D 347 20.01 38.47 8.39
C TYR D 347 18.69 38.86 7.77
N VAL D 348 18.59 38.75 6.44
CA VAL D 348 17.31 38.91 5.75
C VAL D 348 16.32 37.86 6.24
N LEU D 349 16.76 36.61 6.36
CA LEU D 349 15.89 35.56 6.86
C LEU D 349 15.57 35.73 8.35
N VAL D 350 16.49 36.32 9.11
CA VAL D 350 16.20 36.58 10.51
C VAL D 350 15.14 37.67 10.65
N THR D 351 15.22 38.72 9.83
CA THR D 351 14.17 39.74 9.83
C THR D 351 12.84 39.19 9.31
N ILE D 352 12.89 38.27 8.34
CA ILE D 352 11.68 37.61 7.87
C ILE D 352 11.04 36.81 8.99
N SER D 353 11.85 36.07 9.76
CA SER D 353 11.34 35.30 10.90
C SER D 353 10.76 36.23 11.97
N ASP D 354 11.38 37.39 12.16
CA ASP D 354 10.82 38.40 13.06
C ASP D 354 9.43 38.83 12.62
N LEU D 355 9.28 39.16 11.33
CA LEU D 355 8.00 39.61 10.81
C LEU D 355 6.93 38.52 10.89
N MET D 356 7.31 37.28 10.56
CA MET D 356 6.33 36.20 10.56
C MET D 356 5.88 35.85 11.98
N THR D 357 6.80 35.87 12.95
CA THR D 357 6.38 35.63 14.34
C THR D 357 5.53 36.76 14.89
N ILE D 358 5.83 38.01 14.52
CA ILE D 358 5.04 39.13 15.05
C ILE D 358 3.63 39.14 14.46
N ILE D 359 3.51 38.90 13.15
CA ILE D 359 2.19 38.89 12.53
C ILE D 359 1.41 37.65 12.93
N GLY D 360 2.11 36.52 13.14
CA GLY D 360 1.46 35.35 13.70
C GLY D 360 0.99 35.57 15.13
N SER D 361 1.72 36.35 15.91
CA SER D 361 1.27 36.70 17.24
C SER D 361 0.11 37.68 17.23
N ILE D 362 0.03 38.55 16.22
CA ILE D 362 -1.13 39.42 16.07
C ILE D 362 -2.37 38.60 15.75
N LEU D 363 -2.27 37.68 14.80
CA LEU D 363 -3.43 36.85 14.46
C LEU D 363 -3.75 35.84 15.55
N LYS D 364 -2.75 35.45 16.35
CA LYS D 364 -3.04 34.65 17.54
C LYS D 364 -3.74 35.49 18.61
N MET D 365 -3.43 36.79 18.66
CA MET D 365 -4.03 37.67 19.67
C MET D 365 -5.50 37.91 19.39
N GLU D 366 -5.80 38.52 18.24
CA GLU D 366 -7.18 38.85 17.89
C GLU D 366 -7.94 37.61 17.44
N ASP D 376 -5.67 27.64 9.61
CA ASP D 376 -5.58 29.07 9.88
C ASP D 376 -4.41 29.70 9.16
N VAL D 377 -4.40 31.04 9.15
CA VAL D 377 -3.30 31.78 8.56
C VAL D 377 -2.15 31.90 9.56
N CYS D 378 -2.49 32.10 10.83
CA CYS D 378 -1.49 32.20 11.89
C CYS D 378 -0.70 30.91 12.06
N SER D 379 -1.33 29.77 11.79
CA SER D 379 -0.62 28.49 11.77
C SER D 379 0.45 28.47 10.70
N ILE D 380 0.14 28.97 9.50
CA ILE D 380 1.10 29.01 8.41
C ILE D 380 2.23 29.98 8.73
N LEU D 381 1.90 31.12 9.32
CA LEU D 381 2.91 32.10 9.69
C LEU D 381 3.88 31.54 10.72
N LEU D 382 3.37 30.93 11.79
CA LEU D 382 4.25 30.36 12.80
C LEU D 382 5.03 29.17 12.29
N GLY D 383 4.45 28.38 11.37
CA GLY D 383 5.17 27.24 10.83
C GLY D 383 6.34 27.65 9.96
N THR D 384 6.11 28.60 9.06
CA THR D 384 7.21 29.10 8.23
C THR D 384 8.24 29.84 9.07
N SER D 385 7.81 30.54 10.11
CA SER D 385 8.75 31.26 10.96
C SER D 385 9.67 30.32 11.70
N THR D 386 9.13 29.21 12.23
CA THR D 386 9.99 28.26 12.91
C THR D 386 10.86 27.48 11.92
N LEU D 387 10.39 27.29 10.69
CA LEU D 387 11.24 26.68 9.68
C LEU D 387 12.46 27.56 9.40
N PHE D 388 12.25 28.86 9.21
CA PHE D 388 13.40 29.72 9.00
C PHE D 388 14.22 29.94 10.27
N VAL D 389 13.61 29.75 11.45
CA VAL D 389 14.35 29.72 12.72
C VAL D 389 15.36 28.59 12.71
N TRP D 390 14.93 27.38 12.33
CA TRP D 390 15.91 26.28 12.34
C TRP D 390 16.89 26.38 11.17
N VAL D 391 16.52 27.05 10.08
CA VAL D 391 17.50 27.33 9.03
C VAL D 391 18.56 28.32 9.52
N GLY D 392 18.16 29.29 10.35
CA GLY D 392 19.14 30.16 10.99
C GLY D 392 20.03 29.43 11.98
N VAL D 393 19.50 28.39 12.64
CA VAL D 393 20.36 27.53 13.45
C VAL D 393 21.38 26.81 12.57
N ILE D 394 20.95 26.38 11.37
CA ILE D 394 21.87 25.76 10.43
C ILE D 394 22.92 26.74 9.95
N ARG D 395 22.59 28.04 9.91
CA ARG D 395 23.61 29.06 9.69
C ARG D 395 24.61 29.10 10.83
N TYR D 396 24.13 29.19 12.07
CA TYR D 396 25.03 29.21 13.23
C TYR D 396 25.79 27.92 13.47
N LEU D 397 25.48 26.84 12.77
CA LEU D 397 26.39 25.70 12.72
C LEU D 397 27.62 25.96 11.88
N GLY D 398 27.61 27.02 11.06
CA GLY D 398 28.67 27.28 10.11
C GLY D 398 29.98 27.79 10.67
N TYR D 399 30.08 27.97 11.99
CA TYR D 399 31.36 28.36 12.58
C TYR D 399 32.37 27.22 12.49
N PHE D 400 31.91 25.99 12.64
CA PHE D 400 32.73 24.85 12.26
C PHE D 400 32.81 24.79 10.74
N GLN D 401 34.00 24.53 10.22
CA GLN D 401 34.26 24.74 8.81
C GLN D 401 33.70 23.64 7.92
N THR D 402 33.35 22.48 8.47
CA THR D 402 32.71 21.44 7.67
C THR D 402 31.30 21.85 7.27
N TYR D 403 30.54 22.40 8.23
CA TYR D 403 29.25 23.00 7.91
C TYR D 403 29.39 24.19 6.97
N ASN D 404 30.52 24.91 7.05
CA ASN D 404 30.80 25.96 6.09
C ASN D 404 30.97 25.39 4.68
N VAL D 405 31.64 24.24 4.56
CA VAL D 405 31.80 23.57 3.27
C VAL D 405 30.44 23.17 2.71
N LEU D 406 29.58 22.59 3.55
CA LEU D 406 28.27 22.15 3.08
C LEU D 406 27.38 23.33 2.70
N ILE D 407 27.43 24.41 3.48
CA ILE D 407 26.59 25.58 3.20
C ILE D 407 27.07 26.29 1.94
N LEU D 408 28.39 26.37 1.74
CA LEU D 408 28.89 26.97 0.50
C LEU D 408 28.61 26.09 -0.71
N THR D 409 28.57 24.77 -0.52
CA THR D 409 28.17 23.87 -1.60
C THR D 409 26.75 24.13 -2.03
N MET D 410 25.83 24.25 -1.07
CA MET D 410 24.43 24.56 -1.40
C MET D 410 24.28 25.93 -2.05
N GLN D 411 24.98 26.94 -1.50
CA GLN D 411 24.84 28.30 -2.02
C GLN D 411 25.43 28.44 -3.42
N ALA D 412 26.57 27.78 -3.68
CA ALA D 412 27.19 27.87 -4.98
C ALA D 412 26.48 27.01 -6.02
N SER D 413 25.79 25.95 -5.59
CA SER D 413 25.14 25.06 -6.53
C SER D 413 23.67 25.38 -6.77
N LEU D 414 23.07 26.28 -5.97
CA LEU D 414 21.63 26.53 -6.05
C LEU D 414 21.12 27.05 -7.40
N PRO D 415 21.73 28.07 -8.07
CA PRO D 415 21.08 28.58 -9.29
C PRO D 415 21.11 27.65 -10.49
N LYS D 416 22.18 26.86 -10.67
CA LYS D 416 22.19 25.87 -11.74
C LYS D 416 21.14 24.80 -11.49
N VAL D 417 20.95 24.43 -10.23
CA VAL D 417 19.87 23.53 -9.83
C VAL D 417 18.51 24.14 -10.15
N LEU D 418 18.35 25.45 -9.93
CA LEU D 418 17.07 26.09 -10.23
C LEU D 418 16.78 26.11 -11.73
N ARG D 419 17.82 26.37 -12.55
CA ARG D 419 17.63 26.37 -14.00
C ARG D 419 17.31 24.96 -14.52
N PHE D 420 18.01 23.95 -14.00
CA PHE D 420 17.72 22.58 -14.40
C PHE D 420 16.36 22.11 -13.92
N CYS D 421 15.94 22.54 -12.72
CA CYS D 421 14.59 22.26 -12.24
C CYS D 421 13.54 22.95 -13.10
N ALA D 422 13.84 24.14 -13.62
CA ALA D 422 12.91 24.81 -14.51
C ALA D 422 12.74 24.05 -15.82
N CYS D 423 13.85 23.60 -16.42
CA CYS D 423 13.76 22.86 -17.69
C CYS D 423 13.08 21.51 -17.49
N ALA D 424 13.43 20.79 -16.43
CA ALA D 424 12.75 19.55 -16.10
C ALA D 424 11.30 19.78 -15.73
N GLY D 425 10.96 20.94 -15.17
CA GLY D 425 9.56 21.24 -14.90
C GLY D 425 8.77 21.47 -16.17
N MET D 426 9.41 22.04 -17.20
CA MET D 426 8.69 22.22 -18.47
C MET D 426 8.45 20.87 -19.14
N ILE D 427 9.45 19.99 -19.10
CA ILE D 427 9.24 18.63 -19.61
C ILE D 427 8.19 17.89 -18.78
N TYR D 428 8.18 18.16 -17.48
CA TYR D 428 7.22 17.58 -16.56
C TYR D 428 5.81 18.05 -16.86
N LEU D 429 5.65 19.33 -17.22
CA LEU D 429 4.35 19.84 -17.63
C LEU D 429 3.89 19.20 -18.93
N GLY D 430 4.82 18.98 -19.86
CA GLY D 430 4.47 18.26 -21.08
C GLY D 430 3.95 16.86 -20.80
N TYR D 431 4.62 16.13 -19.91
CA TYR D 431 4.14 14.82 -19.52
C TYR D 431 2.82 14.87 -18.76
N THR D 432 2.60 15.87 -17.91
CA THR D 432 1.33 15.92 -17.17
C THR D 432 0.16 16.24 -18.08
N PHE D 433 0.35 17.15 -19.05
CA PHE D 433 -0.74 17.42 -19.99
C PHE D 433 -1.01 16.23 -20.89
N CYS D 434 0.04 15.52 -21.32
CA CYS D 434 -0.18 14.33 -22.14
C CYS D 434 -0.88 13.22 -21.37
N GLY D 435 -0.42 12.95 -20.14
CA GLY D 435 -1.04 11.91 -19.33
C GLY D 435 -2.44 12.28 -18.88
N TRP D 436 -2.73 13.56 -18.71
CA TRP D 436 -4.07 13.95 -18.31
C TRP D 436 -5.04 13.82 -19.47
N ILE D 437 -4.64 14.25 -20.67
CA ILE D 437 -5.58 14.17 -21.78
C ILE D 437 -5.57 12.81 -22.46
N VAL D 438 -4.74 11.87 -22.01
CA VAL D 438 -4.85 10.51 -22.54
C VAL D 438 -5.29 9.55 -21.46
N LEU D 439 -4.49 9.42 -20.39
CA LEU D 439 -4.78 8.49 -19.31
C LEU D 439 -5.72 9.06 -18.27
N GLY D 440 -6.33 10.19 -18.55
CA GLY D 440 -7.42 10.73 -17.77
C GLY D 440 -8.60 9.80 -17.57
N PRO D 441 -9.19 9.29 -18.66
CA PRO D 441 -10.28 8.32 -18.51
C PRO D 441 -9.89 6.99 -17.88
N TYR D 442 -8.60 6.65 -17.81
CA TYR D 442 -8.18 5.30 -17.47
C TYR D 442 -7.38 5.24 -16.17
N HIS D 443 -7.66 6.15 -15.24
CA HIS D 443 -6.91 6.17 -13.99
C HIS D 443 -7.78 6.69 -12.84
N PHE D 446 -6.52 10.02 -12.46
CA PHE D 446 -6.19 11.17 -13.29
C PHE D 446 -7.45 11.95 -13.66
N GLU D 447 -7.87 12.87 -12.80
CA GLU D 447 -9.00 13.73 -13.10
C GLU D 447 -8.58 15.19 -13.22
N ASN D 448 -7.97 15.74 -12.18
CA ASN D 448 -7.46 17.10 -12.20
C ASN D 448 -5.97 17.08 -12.51
N LEU D 449 -5.47 18.24 -12.95
CA LEU D 449 -4.05 18.36 -13.25
C LEU D 449 -3.21 18.28 -11.99
N ASN D 450 -3.76 18.69 -10.84
CA ASN D 450 -3.04 18.54 -9.57
C ASN D 450 -2.88 17.08 -9.21
N ILE D 451 -3.88 16.26 -9.50
CA ILE D 451 -3.82 14.82 -9.21
C ILE D 451 -2.78 14.16 -10.10
N VAL D 452 -2.73 14.55 -11.38
CA VAL D 452 -1.76 14.00 -12.31
C VAL D 452 -0.35 14.42 -11.92
N ALA D 453 -0.18 15.68 -11.50
CA ALA D 453 1.13 16.15 -11.09
C ALA D 453 1.61 15.47 -9.81
N GLU D 454 0.70 15.23 -8.86
CA GLU D 454 1.07 14.51 -7.65
C GLU D 454 1.42 13.05 -7.94
N CYS D 455 0.66 12.41 -8.84
CA CYS D 455 0.94 11.01 -9.17
C CYS D 455 2.25 10.86 -9.91
N LEU D 456 2.57 11.80 -10.82
CA LEU D 456 3.83 11.71 -11.54
C LEU D 456 5.01 12.09 -10.66
N PHE D 457 4.83 13.02 -9.71
CA PHE D 457 5.88 13.28 -8.74
C PHE D 457 6.10 12.10 -7.81
N SER D 458 5.06 11.29 -7.57
CA SER D 458 5.26 10.05 -6.84
C SER D 458 6.00 9.02 -7.69
N LEU D 459 5.62 8.92 -8.98
CA LEU D 459 6.24 7.97 -9.91
C LEU D 459 7.72 8.24 -10.10
N VAL D 460 8.13 9.51 -10.09
CA VAL D 460 9.56 9.82 -10.16
C VAL D 460 10.27 9.34 -8.90
N ASN D 461 9.65 9.55 -7.74
CA ASN D 461 10.27 9.20 -6.46
C ASN D 461 9.97 7.77 -6.04
N GLY D 462 9.62 6.89 -6.97
CA GLY D 462 9.48 5.49 -6.71
C GLY D 462 8.09 5.03 -6.30
N ASP D 463 7.42 5.77 -5.43
CA ASP D 463 6.14 5.34 -4.88
C ASP D 463 5.06 5.39 -5.97
N ASP D 464 3.98 4.62 -5.73
CA ASP D 464 2.81 4.51 -6.61
C ASP D 464 3.19 4.01 -8.00
N MET D 465 4.27 3.21 -8.10
CA MET D 465 4.75 2.79 -9.40
C MET D 465 3.90 1.66 -9.97
N PHE D 466 3.75 0.58 -9.21
CA PHE D 466 3.01 -0.58 -9.70
C PHE D 466 1.52 -0.33 -9.74
N ALA D 467 1.01 0.61 -8.94
CA ALA D 467 -0.41 0.91 -8.95
C ALA D 467 -0.84 1.56 -10.26
N THR D 468 0.06 2.32 -10.89
CA THR D 468 -0.28 2.90 -12.19
C THR D 468 -0.29 1.85 -13.29
N PHE D 469 0.57 0.83 -13.18
CA PHE D 469 0.51 -0.26 -14.16
C PHE D 469 -0.66 -1.18 -13.89
N ALA D 470 -1.15 -1.23 -12.66
CA ALA D 470 -2.29 -2.08 -12.34
C ALA D 470 -3.60 -1.50 -12.82
N GLN D 471 -3.75 -0.17 -12.78
CA GLN D 471 -5.00 0.48 -13.13
C GLN D 471 -5.20 0.66 -14.63
N ILE D 472 -4.31 0.12 -15.46
CA ILE D 472 -4.42 0.23 -16.91
C ILE D 472 -4.60 -1.18 -17.46
N GLN D 473 -5.56 -1.33 -18.37
CA GLN D 473 -5.94 -2.61 -18.96
C GLN D 473 -4.80 -3.30 -19.71
N SER D 476 -9.17 -1.32 -25.19
CA SER D 476 -8.01 -0.45 -25.11
C SER D 476 -6.74 -1.26 -25.34
N ILE D 477 -6.28 -1.27 -26.59
CA ILE D 477 -5.05 -1.95 -26.98
C ILE D 477 -3.96 -0.94 -27.35
N LEU D 478 -4.25 -0.07 -28.33
CA LEU D 478 -3.29 0.95 -28.74
C LEU D 478 -3.09 1.98 -27.64
N VAL D 479 -4.16 2.32 -26.91
CA VAL D 479 -4.03 3.25 -25.80
C VAL D 479 -3.26 2.59 -24.65
N TRP D 480 -3.41 1.28 -24.50
CA TRP D 480 -2.62 0.54 -23.52
C TRP D 480 -1.14 0.55 -23.86
N LEU D 481 -0.81 0.32 -25.14
CA LEU D 481 0.57 0.40 -25.59
C LEU D 481 1.15 1.79 -25.40
N PHE D 482 0.32 2.82 -25.66
CA PHE D 482 0.74 4.19 -25.44
C PHE D 482 1.01 4.45 -23.97
N SER D 483 0.15 3.93 -23.08
CA SER D 483 0.35 4.07 -21.64
C SER D 483 1.65 3.40 -21.20
N ARG D 484 1.93 2.23 -21.78
CA ARG D 484 3.15 1.50 -21.41
C ARG D 484 4.40 2.26 -21.80
N LEU D 485 4.53 2.65 -23.07
CA LEU D 485 5.78 3.33 -23.43
C LEU D 485 5.83 4.75 -22.89
N TYR D 486 4.67 5.34 -22.60
CA TYR D 486 4.61 6.60 -21.86
C TYR D 486 5.26 6.47 -20.49
N LEU D 487 4.84 5.46 -19.72
CA LEU D 487 5.36 5.30 -18.37
C LEU D 487 6.83 4.90 -18.37
N TYR D 488 7.22 4.03 -19.30
CA TYR D 488 8.64 3.63 -19.36
C TYR D 488 9.53 4.80 -19.79
N SER D 489 9.11 5.57 -20.80
CA SER D 489 9.89 6.71 -21.25
C SER D 489 9.97 7.78 -20.17
N PHE D 490 8.86 8.02 -19.47
CA PHE D 490 8.82 8.99 -18.39
C PHE D 490 9.77 8.62 -17.26
N ILE D 491 9.63 7.40 -16.73
CA ILE D 491 10.44 6.97 -15.61
C ILE D 491 11.91 6.91 -15.98
N SER D 492 12.24 6.33 -17.15
CA SER D 492 13.62 6.21 -17.57
C SER D 492 14.27 7.57 -17.79
N LEU D 493 13.60 8.45 -18.54
CA LEU D 493 14.15 9.76 -18.86
C LEU D 493 14.33 10.60 -17.61
N PHE D 494 13.30 10.73 -16.78
CA PHE D 494 13.42 11.61 -15.61
C PHE D 494 14.38 11.05 -14.57
N ILE D 495 14.22 9.78 -14.16
CA ILE D 495 15.09 9.20 -13.14
C ILE D 495 16.55 9.23 -13.59
N TYR D 496 16.87 8.66 -14.77
CA TYR D 496 18.26 8.64 -15.20
C TYR D 496 18.78 10.04 -15.54
N MET D 497 18.24 10.66 -16.59
CA MET D 497 18.84 11.89 -17.07
C MET D 497 18.40 13.12 -16.29
N VAL D 498 17.81 12.97 -15.09
CA VAL D 498 17.56 14.08 -14.21
C VAL D 498 18.20 13.88 -12.85
N LEU D 499 18.04 12.69 -12.25
CA LEU D 499 18.71 12.43 -10.99
C LEU D 499 20.22 12.37 -11.17
N SER D 500 20.70 11.74 -12.25
CA SER D 500 22.14 11.70 -12.49
C SER D 500 22.68 13.09 -12.82
N LEU D 501 21.88 13.93 -13.47
CA LEU D 501 22.32 15.28 -13.77
C LEU D 501 22.35 16.14 -12.52
N PHE D 502 21.41 15.94 -11.59
CA PHE D 502 21.47 16.66 -10.32
C PHE D 502 22.64 16.20 -9.47
N ILE D 503 23.02 14.94 -9.57
CA ILE D 503 24.23 14.48 -8.89
C ILE D 503 25.47 15.10 -9.53
N ALA D 504 25.48 15.19 -10.87
CA ALA D 504 26.62 15.73 -11.58
C ALA D 504 26.80 17.23 -11.36
N LEU D 505 25.72 17.96 -11.08
CA LEU D 505 25.86 19.36 -10.72
C LEU D 505 26.53 19.51 -9.35
N ILE D 506 26.04 18.76 -8.36
CA ILE D 506 26.48 18.92 -6.99
C ILE D 506 27.91 18.43 -6.82
N THR D 507 28.27 17.35 -7.53
CA THR D 507 29.64 16.84 -7.46
C THR D 507 30.63 17.82 -8.05
N ASP D 508 30.26 18.46 -9.16
CA ASP D 508 31.10 19.50 -9.75
C ASP D 508 31.27 20.69 -8.82
N SER D 509 30.17 21.15 -8.21
CA SER D 509 30.23 22.29 -7.30
C SER D 509 31.07 21.96 -6.06
N TYR D 510 30.93 20.73 -5.55
CA TYR D 510 31.66 20.34 -4.36
C TYR D 510 33.16 20.20 -4.64
N HIS D 511 33.52 19.68 -5.81
CA HIS D 511 34.94 19.60 -6.13
C HIS D 511 35.55 20.95 -6.44
N THR D 512 34.77 21.88 -7.02
CA THR D 512 35.30 23.24 -7.19
C THR D 512 35.49 23.94 -5.84
N ILE D 513 34.61 23.68 -4.88
CA ILE D 513 34.80 24.29 -3.57
C ILE D 513 35.93 23.62 -2.80
N LYS D 514 36.15 22.32 -3.05
CA LYS D 514 37.32 21.66 -2.49
C LYS D 514 38.62 22.23 -3.07
N LYS D 515 38.61 22.53 -4.37
CA LYS D 515 39.76 23.19 -4.97
C LYS D 515 39.92 24.62 -4.48
N TYR D 516 38.81 25.28 -4.13
CA TYR D 516 38.92 26.62 -3.56
C TYR D 516 39.52 26.60 -2.17
N GLN D 517 39.21 25.58 -1.38
CA GLN D 517 39.84 25.44 -0.08
C GLN D 517 41.18 24.73 -0.15
N GLN D 518 41.62 24.33 -1.34
CA GLN D 518 43.01 23.93 -1.52
C GLN D 518 43.78 25.01 -2.25
#